data_1UJB
# 
_entry.id   1UJB 
# 
_audit_conform.dict_name       mmcif_pdbx.dic 
_audit_conform.dict_version    5.383 
_audit_conform.dict_location   http://mmcif.pdb.org/dictionaries/ascii/mmcif_pdbx.dic 
# 
loop_
_database_2.database_id 
_database_2.database_code 
_database_2.pdbx_database_accession 
_database_2.pdbx_DOI 
PDB   1UJB         pdb_00001ujb 10.2210/pdb1ujb/pdb 
RCSB  RCSB005887   ?            ?                   
WWPDB D_1000005887 ?            ?                   
# 
loop_
_pdbx_audit_revision_history.ordinal 
_pdbx_audit_revision_history.data_content_type 
_pdbx_audit_revision_history.major_revision 
_pdbx_audit_revision_history.minor_revision 
_pdbx_audit_revision_history.revision_date 
1 'Structure model' 1 0 2005-01-25 
2 'Structure model' 1 1 2008-04-27 
3 'Structure model' 1 2 2011-07-13 
4 'Structure model' 1 3 2023-12-27 
# 
_pdbx_audit_revision_details.ordinal             1 
_pdbx_audit_revision_details.revision_ordinal    1 
_pdbx_audit_revision_details.data_content_type   'Structure model' 
_pdbx_audit_revision_details.provider            repository 
_pdbx_audit_revision_details.type                'Initial release' 
_pdbx_audit_revision_details.description         ? 
_pdbx_audit_revision_details.details             ? 
# 
loop_
_pdbx_audit_revision_group.ordinal 
_pdbx_audit_revision_group.revision_ordinal 
_pdbx_audit_revision_group.data_content_type 
_pdbx_audit_revision_group.group 
1 2 'Structure model' 'Version format compliance' 
2 3 'Structure model' 'Version format compliance' 
3 4 'Structure model' 'Data collection'           
4 4 'Structure model' 'Database references'       
5 4 'Structure model' 'Derived calculations'      
# 
loop_
_pdbx_audit_revision_category.ordinal 
_pdbx_audit_revision_category.revision_ordinal 
_pdbx_audit_revision_category.data_content_type 
_pdbx_audit_revision_category.category 
1 4 'Structure model' chem_comp_atom         
2 4 'Structure model' chem_comp_bond         
3 4 'Structure model' database_2             
4 4 'Structure model' pdbx_struct_conn_angle 
5 4 'Structure model' struct_conn            
6 4 'Structure model' struct_site            
# 
loop_
_pdbx_audit_revision_item.ordinal 
_pdbx_audit_revision_item.revision_ordinal 
_pdbx_audit_revision_item.data_content_type 
_pdbx_audit_revision_item.item 
1  4 'Structure model' '_database_2.pdbx_DOI'                        
2  4 'Structure model' '_database_2.pdbx_database_accession'         
3  4 'Structure model' '_pdbx_struct_conn_angle.ptnr1_auth_comp_id'  
4  4 'Structure model' '_pdbx_struct_conn_angle.ptnr1_auth_seq_id'   
5  4 'Structure model' '_pdbx_struct_conn_angle.ptnr1_label_asym_id' 
6  4 'Structure model' '_pdbx_struct_conn_angle.ptnr1_label_comp_id' 
7  4 'Structure model' '_pdbx_struct_conn_angle.ptnr1_label_seq_id'  
8  4 'Structure model' '_pdbx_struct_conn_angle.ptnr1_symmetry'      
9  4 'Structure model' '_pdbx_struct_conn_angle.ptnr3_auth_comp_id'  
10 4 'Structure model' '_pdbx_struct_conn_angle.ptnr3_auth_seq_id'   
11 4 'Structure model' '_pdbx_struct_conn_angle.ptnr3_label_asym_id' 
12 4 'Structure model' '_pdbx_struct_conn_angle.ptnr3_label_comp_id' 
13 4 'Structure model' '_pdbx_struct_conn_angle.ptnr3_label_seq_id'  
14 4 'Structure model' '_pdbx_struct_conn_angle.ptnr3_symmetry'      
15 4 'Structure model' '_pdbx_struct_conn_angle.value'               
16 4 'Structure model' '_struct_conn.pdbx_dist_value'                
17 4 'Structure model' '_struct_conn.ptnr1_auth_comp_id'             
18 4 'Structure model' '_struct_conn.ptnr1_auth_seq_id'              
19 4 'Structure model' '_struct_conn.ptnr1_label_asym_id'            
20 4 'Structure model' '_struct_conn.ptnr1_label_atom_id'            
21 4 'Structure model' '_struct_conn.ptnr1_label_comp_id'            
22 4 'Structure model' '_struct_conn.ptnr1_label_seq_id'             
23 4 'Structure model' '_struct_conn.ptnr1_symmetry'                 
24 4 'Structure model' '_struct_conn.ptnr2_auth_comp_id'             
25 4 'Structure model' '_struct_conn.ptnr2_auth_seq_id'              
26 4 'Structure model' '_struct_conn.ptnr2_label_asym_id'            
27 4 'Structure model' '_struct_conn.ptnr2_label_atom_id'            
28 4 'Structure model' '_struct_conn.ptnr2_label_comp_id'            
29 4 'Structure model' '_struct_conn.ptnr2_label_seq_id'             
30 4 'Structure model' '_struct_conn.ptnr2_symmetry'                 
31 4 'Structure model' '_struct_site.pdbx_auth_asym_id'              
32 4 'Structure model' '_struct_site.pdbx_auth_comp_id'              
33 4 'Structure model' '_struct_site.pdbx_auth_seq_id'               
# 
_pdbx_database_status.status_code                     REL 
_pdbx_database_status.entry_id                        1UJB 
_pdbx_database_status.recvd_initial_deposition_date   2003-07-31 
_pdbx_database_status.deposit_site                    PDBJ 
_pdbx_database_status.process_site                    PDBJ 
_pdbx_database_status.status_code_sf                  REL 
_pdbx_database_status.status_code_mr                  ? 
_pdbx_database_status.SG_entry                        ? 
_pdbx_database_status.pdb_format_compatible           Y 
_pdbx_database_status.status_code_cs                  ? 
_pdbx_database_status.status_code_nmr_data            ? 
_pdbx_database_status.methods_development_category    ? 
# 
_pdbx_database_related.db_name        PDB 
_pdbx_database_related.db_id          1UJC 
_pdbx_database_related.details        '1UJC contains the same protein complexed with tungstate.' 
_pdbx_database_related.content_type   unspecified 
# 
loop_
_audit_author.name 
_audit_author.pdbx_ordinal 
'Hamada, K.'    1 
'Kato, M.'      2 
'Shimizu, T.'   3 
'Ihara, K.'     4 
'Mizuno, T.'    5 
'Hakoshima, T.' 6 
# 
loop_
_citation.id 
_citation.title 
_citation.journal_abbrev 
_citation.journal_volume 
_citation.page_first 
_citation.page_last 
_citation.year 
_citation.journal_id_ASTM 
_citation.country 
_citation.journal_id_ISSN 
_citation.journal_id_CSD 
_citation.book_publisher 
_citation.pdbx_database_id_PubMed 
_citation.pdbx_database_id_DOI 
primary 'Crystal structure of the protein histidine phosphatase SixA in the multistep His-Asp phosphorelay.' 'Genes Cells' 10 1   
11  2005 ?      UK 1356-9597 ?    ? 15670209 10.1111/j.1365-2443.2005.00817.x 
1       
;Crystallographic characterization of a novel protein SixA which exhibits phospho-histidine phosphatase activity in the multistep His-Asp phosphorelay
;
'Acta Crystallogr.,Sect.D' 55 269 271 1999 ABCRE6 DK 0907-4449 0766 ? ?        ?                                
# 
loop_
_citation_author.citation_id 
_citation_author.name 
_citation_author.ordinal 
_citation_author.identifier_ORCID 
primary 'Hamada, K.'    1  ? 
primary 'Kato, M.'      2  ? 
primary 'Shimizu, T.'   3  ? 
primary 'Ihara, K.'     4  ? 
primary 'Mizuno, T.'    5  ? 
primary 'Hakoshima, T.' 6  ? 
1       'Hamada, K.'    7  ? 
1       'Kato, M.'      8  ? 
1       'Mizuno, T.'    9  ? 
1       'Hakoshima, T.' 10 ? 
# 
loop_
_entity.id 
_entity.type 
_entity.src_method 
_entity.pdbx_description 
_entity.formula_weight 
_entity.pdbx_number_of_molecules 
_entity.pdbx_ec 
_entity.pdbx_mutation 
_entity.pdbx_fragment 
_entity.details 
1 polymer     man 'Phosphohistidine phosphatase sixA' 17218.699 1   3.1.3.- ? ? ? 
2 non-polymer syn 'CALCIUM ION'                       40.078    1   ?       ? ? ? 
3 water       nat water                               18.015    113 ?       ? ? ? 
# 
_entity_name_com.entity_id   1 
_entity_name_com.name        'protein histidine phosphatase SixA, RX6' 
# 
_entity_poly.entity_id                      1 
_entity_poly.type                           'polypeptide(L)' 
_entity_poly.nstd_linkage                   no 
_entity_poly.nstd_monomer                   no 
_entity_poly.pdbx_seq_one_letter_code       
;MQVFIMRHGDAALDAASDSVRPLTTNGCDESRLMANWLKGQKVEIERVLVSPFLRAEQTLEEVGDCLNLPSSAEVLPELT
PCGDVGLVSAYLQALTNEGVASVLVISHLPLVGYLVAELCPGETPPMFTTSAIASVTLDESGNGTFNWQMSPCNLKMAKA
I
;
_entity_poly.pdbx_seq_one_letter_code_can   
;MQVFIMRHGDAALDAASDSVRPLTTNGCDESRLMANWLKGQKVEIERVLVSPFLRAEQTLEEVGDCLNLPSSAEVLPELT
PCGDVGLVSAYLQALTNEGVASVLVISHLPLVGYLVAELCPGETPPMFTTSAIASVTLDESGNGTFNWQMSPCNLKMAKA
I
;
_entity_poly.pdbx_strand_id                 A 
_entity_poly.pdbx_target_identifier         ? 
# 
loop_
_pdbx_entity_nonpoly.entity_id 
_pdbx_entity_nonpoly.name 
_pdbx_entity_nonpoly.comp_id 
2 'CALCIUM ION' CA  
3 water         HOH 
# 
loop_
_entity_poly_seq.entity_id 
_entity_poly_seq.num 
_entity_poly_seq.mon_id 
_entity_poly_seq.hetero 
1 1   MET n 
1 2   GLN n 
1 3   VAL n 
1 4   PHE n 
1 5   ILE n 
1 6   MET n 
1 7   ARG n 
1 8   HIS n 
1 9   GLY n 
1 10  ASP n 
1 11  ALA n 
1 12  ALA n 
1 13  LEU n 
1 14  ASP n 
1 15  ALA n 
1 16  ALA n 
1 17  SER n 
1 18  ASP n 
1 19  SER n 
1 20  VAL n 
1 21  ARG n 
1 22  PRO n 
1 23  LEU n 
1 24  THR n 
1 25  THR n 
1 26  ASN n 
1 27  GLY n 
1 28  CYS n 
1 29  ASP n 
1 30  GLU n 
1 31  SER n 
1 32  ARG n 
1 33  LEU n 
1 34  MET n 
1 35  ALA n 
1 36  ASN n 
1 37  TRP n 
1 38  LEU n 
1 39  LYS n 
1 40  GLY n 
1 41  GLN n 
1 42  LYS n 
1 43  VAL n 
1 44  GLU n 
1 45  ILE n 
1 46  GLU n 
1 47  ARG n 
1 48  VAL n 
1 49  LEU n 
1 50  VAL n 
1 51  SER n 
1 52  PRO n 
1 53  PHE n 
1 54  LEU n 
1 55  ARG n 
1 56  ALA n 
1 57  GLU n 
1 58  GLN n 
1 59  THR n 
1 60  LEU n 
1 61  GLU n 
1 62  GLU n 
1 63  VAL n 
1 64  GLY n 
1 65  ASP n 
1 66  CYS n 
1 67  LEU n 
1 68  ASN n 
1 69  LEU n 
1 70  PRO n 
1 71  SER n 
1 72  SER n 
1 73  ALA n 
1 74  GLU n 
1 75  VAL n 
1 76  LEU n 
1 77  PRO n 
1 78  GLU n 
1 79  LEU n 
1 80  THR n 
1 81  PRO n 
1 82  CYS n 
1 83  GLY n 
1 84  ASP n 
1 85  VAL n 
1 86  GLY n 
1 87  LEU n 
1 88  VAL n 
1 89  SER n 
1 90  ALA n 
1 91  TYR n 
1 92  LEU n 
1 93  GLN n 
1 94  ALA n 
1 95  LEU n 
1 96  THR n 
1 97  ASN n 
1 98  GLU n 
1 99  GLY n 
1 100 VAL n 
1 101 ALA n 
1 102 SER n 
1 103 VAL n 
1 104 LEU n 
1 105 VAL n 
1 106 ILE n 
1 107 SER n 
1 108 HIS n 
1 109 LEU n 
1 110 PRO n 
1 111 LEU n 
1 112 VAL n 
1 113 GLY n 
1 114 TYR n 
1 115 LEU n 
1 116 VAL n 
1 117 ALA n 
1 118 GLU n 
1 119 LEU n 
1 120 CYS n 
1 121 PRO n 
1 122 GLY n 
1 123 GLU n 
1 124 THR n 
1 125 PRO n 
1 126 PRO n 
1 127 MET n 
1 128 PHE n 
1 129 THR n 
1 130 THR n 
1 131 SER n 
1 132 ALA n 
1 133 ILE n 
1 134 ALA n 
1 135 SER n 
1 136 VAL n 
1 137 THR n 
1 138 LEU n 
1 139 ASP n 
1 140 GLU n 
1 141 SER n 
1 142 GLY n 
1 143 ASN n 
1 144 GLY n 
1 145 THR n 
1 146 PHE n 
1 147 ASN n 
1 148 TRP n 
1 149 GLN n 
1 150 MET n 
1 151 SER n 
1 152 PRO n 
1 153 CYS n 
1 154 ASN n 
1 155 LEU n 
1 156 LYS n 
1 157 MET n 
1 158 ALA n 
1 159 LYS n 
1 160 ALA n 
1 161 ILE n 
# 
_entity_src_gen.entity_id                          1 
_entity_src_gen.pdbx_src_id                        1 
_entity_src_gen.pdbx_alt_source_flag               sample 
_entity_src_gen.pdbx_seq_type                      ? 
_entity_src_gen.pdbx_beg_seq_num                   ? 
_entity_src_gen.pdbx_end_seq_num                   ? 
_entity_src_gen.gene_src_common_name               ? 
_entity_src_gen.gene_src_genus                     Escherichia 
_entity_src_gen.pdbx_gene_src_gene                 ? 
_entity_src_gen.gene_src_species                   ? 
_entity_src_gen.gene_src_strain                    ? 
_entity_src_gen.gene_src_tissue                    ? 
_entity_src_gen.gene_src_tissue_fraction           ? 
_entity_src_gen.gene_src_details                   ? 
_entity_src_gen.pdbx_gene_src_fragment             ? 
_entity_src_gen.pdbx_gene_src_scientific_name      'Escherichia coli' 
_entity_src_gen.pdbx_gene_src_ncbi_taxonomy_id     562 
_entity_src_gen.pdbx_gene_src_variant              ? 
_entity_src_gen.pdbx_gene_src_cell_line            ? 
_entity_src_gen.pdbx_gene_src_atcc                 ? 
_entity_src_gen.pdbx_gene_src_organ                ? 
_entity_src_gen.pdbx_gene_src_organelle            ? 
_entity_src_gen.pdbx_gene_src_cell                 ? 
_entity_src_gen.pdbx_gene_src_cellular_location    ? 
_entity_src_gen.host_org_common_name               ? 
_entity_src_gen.pdbx_host_org_scientific_name      'Escherichia coli BL21(DE3)' 
_entity_src_gen.pdbx_host_org_ncbi_taxonomy_id     469008 
_entity_src_gen.host_org_genus                     Escherichia 
_entity_src_gen.pdbx_host_org_gene                 ? 
_entity_src_gen.pdbx_host_org_organ                ? 
_entity_src_gen.host_org_species                   'Escherichia coli' 
_entity_src_gen.pdbx_host_org_tissue               ? 
_entity_src_gen.pdbx_host_org_tissue_fraction      ? 
_entity_src_gen.pdbx_host_org_strain               'BL21(DE3)' 
_entity_src_gen.pdbx_host_org_variant              ? 
_entity_src_gen.pdbx_host_org_cell_line            ? 
_entity_src_gen.pdbx_host_org_atcc                 ? 
_entity_src_gen.pdbx_host_org_culture_collection   ? 
_entity_src_gen.pdbx_host_org_cell                 ? 
_entity_src_gen.pdbx_host_org_organelle            ? 
_entity_src_gen.pdbx_host_org_cellular_location    ? 
_entity_src_gen.pdbx_host_org_vector_type          plasmid 
_entity_src_gen.pdbx_host_org_vector               ? 
_entity_src_gen.host_org_details                   ? 
_entity_src_gen.expression_system_id               ? 
_entity_src_gen.plasmid_name                       ? 
_entity_src_gen.plasmid_details                    ? 
_entity_src_gen.pdbx_description                   ? 
# 
loop_
_chem_comp.id 
_chem_comp.type 
_chem_comp.mon_nstd_flag 
_chem_comp.name 
_chem_comp.pdbx_synonyms 
_chem_comp.formula 
_chem_comp.formula_weight 
ALA 'L-peptide linking' y ALANINE         ? 'C3 H7 N O2'     89.093  
ARG 'L-peptide linking' y ARGININE        ? 'C6 H15 N4 O2 1' 175.209 
ASN 'L-peptide linking' y ASPARAGINE      ? 'C4 H8 N2 O3'    132.118 
ASP 'L-peptide linking' y 'ASPARTIC ACID' ? 'C4 H7 N O4'     133.103 
CA  non-polymer         . 'CALCIUM ION'   ? 'Ca 2'           40.078  
CYS 'L-peptide linking' y CYSTEINE        ? 'C3 H7 N O2 S'   121.158 
GLN 'L-peptide linking' y GLUTAMINE       ? 'C5 H10 N2 O3'   146.144 
GLU 'L-peptide linking' y 'GLUTAMIC ACID' ? 'C5 H9 N O4'     147.129 
GLY 'peptide linking'   y GLYCINE         ? 'C2 H5 N O2'     75.067  
HIS 'L-peptide linking' y HISTIDINE       ? 'C6 H10 N3 O2 1' 156.162 
HOH non-polymer         . WATER           ? 'H2 O'           18.015  
ILE 'L-peptide linking' y ISOLEUCINE      ? 'C6 H13 N O2'    131.173 
LEU 'L-peptide linking' y LEUCINE         ? 'C6 H13 N O2'    131.173 
LYS 'L-peptide linking' y LYSINE          ? 'C6 H15 N2 O2 1' 147.195 
MET 'L-peptide linking' y METHIONINE      ? 'C5 H11 N O2 S'  149.211 
PHE 'L-peptide linking' y PHENYLALANINE   ? 'C9 H11 N O2'    165.189 
PRO 'L-peptide linking' y PROLINE         ? 'C5 H9 N O2'     115.130 
SER 'L-peptide linking' y SERINE          ? 'C3 H7 N O3'     105.093 
THR 'L-peptide linking' y THREONINE       ? 'C4 H9 N O3'     119.119 
TRP 'L-peptide linking' y TRYPTOPHAN      ? 'C11 H12 N2 O2'  204.225 
TYR 'L-peptide linking' y TYROSINE        ? 'C9 H11 N O3'    181.189 
VAL 'L-peptide linking' y VALINE          ? 'C5 H11 N O2'    117.146 
# 
loop_
_pdbx_poly_seq_scheme.asym_id 
_pdbx_poly_seq_scheme.entity_id 
_pdbx_poly_seq_scheme.seq_id 
_pdbx_poly_seq_scheme.mon_id 
_pdbx_poly_seq_scheme.ndb_seq_num 
_pdbx_poly_seq_scheme.pdb_seq_num 
_pdbx_poly_seq_scheme.auth_seq_num 
_pdbx_poly_seq_scheme.pdb_mon_id 
_pdbx_poly_seq_scheme.auth_mon_id 
_pdbx_poly_seq_scheme.pdb_strand_id 
_pdbx_poly_seq_scheme.pdb_ins_code 
_pdbx_poly_seq_scheme.hetero 
A 1 1   MET 1   1   1   MET MET A . n 
A 1 2   GLN 2   2   2   GLN GLN A . n 
A 1 3   VAL 3   3   3   VAL VAL A . n 
A 1 4   PHE 4   4   4   PHE PHE A . n 
A 1 5   ILE 5   5   5   ILE ILE A . n 
A 1 6   MET 6   6   6   MET MET A . n 
A 1 7   ARG 7   7   7   ARG ARG A . n 
A 1 8   HIS 8   8   8   HIS HIS A . n 
A 1 9   GLY 9   9   9   GLY GLY A . n 
A 1 10  ASP 10  10  10  ASP ASP A . n 
A 1 11  ALA 11  11  11  ALA ALA A . n 
A 1 12  ALA 12  12  12  ALA ALA A . n 
A 1 13  LEU 13  13  13  LEU LEU A . n 
A 1 14  ASP 14  14  14  ASP ASP A . n 
A 1 15  ALA 15  15  15  ALA ALA A . n 
A 1 16  ALA 16  16  16  ALA ALA A . n 
A 1 17  SER 17  17  17  SER SER A . n 
A 1 18  ASP 18  18  18  ASP ASP A . n 
A 1 19  SER 19  19  19  SER SER A . n 
A 1 20  VAL 20  20  20  VAL VAL A . n 
A 1 21  ARG 21  21  21  ARG ARG A . n 
A 1 22  PRO 22  22  22  PRO PRO A . n 
A 1 23  LEU 23  23  23  LEU LEU A . n 
A 1 24  THR 24  24  24  THR THR A . n 
A 1 25  THR 25  25  25  THR THR A . n 
A 1 26  ASN 26  26  26  ASN ASN A . n 
A 1 27  GLY 27  27  27  GLY GLY A . n 
A 1 28  CYS 28  28  28  CYS CYS A . n 
A 1 29  ASP 29  29  29  ASP ASP A . n 
A 1 30  GLU 30  30  30  GLU GLU A . n 
A 1 31  SER 31  31  31  SER SER A . n 
A 1 32  ARG 32  32  32  ARG ARG A . n 
A 1 33  LEU 33  33  33  LEU LEU A . n 
A 1 34  MET 34  34  34  MET MET A . n 
A 1 35  ALA 35  35  35  ALA ALA A . n 
A 1 36  ASN 36  36  36  ASN ASN A . n 
A 1 37  TRP 37  37  37  TRP TRP A . n 
A 1 38  LEU 38  38  38  LEU LEU A . n 
A 1 39  LYS 39  39  39  LYS LYS A . n 
A 1 40  GLY 40  40  40  GLY GLY A . n 
A 1 41  GLN 41  41  41  GLN GLN A . n 
A 1 42  LYS 42  42  42  LYS LYS A . n 
A 1 43  VAL 43  43  43  VAL VAL A . n 
A 1 44  GLU 44  44  44  GLU GLU A . n 
A 1 45  ILE 45  45  45  ILE ILE A . n 
A 1 46  GLU 46  46  46  GLU GLU A . n 
A 1 47  ARG 47  47  47  ARG ARG A . n 
A 1 48  VAL 48  48  48  VAL VAL A . n 
A 1 49  LEU 49  49  49  LEU LEU A . n 
A 1 50  VAL 50  50  50  VAL VAL A . n 
A 1 51  SER 51  51  51  SER SER A . n 
A 1 52  PRO 52  52  52  PRO PRO A . n 
A 1 53  PHE 53  53  53  PHE PHE A . n 
A 1 54  LEU 54  54  54  LEU LEU A . n 
A 1 55  ARG 55  55  55  ARG ARG A . n 
A 1 56  ALA 56  56  56  ALA ALA A . n 
A 1 57  GLU 57  57  57  GLU GLU A . n 
A 1 58  GLN 58  58  58  GLN GLN A . n 
A 1 59  THR 59  59  59  THR THR A . n 
A 1 60  LEU 60  60  60  LEU LEU A . n 
A 1 61  GLU 61  61  61  GLU GLU A . n 
A 1 62  GLU 62  62  62  GLU GLU A . n 
A 1 63  VAL 63  63  63  VAL VAL A . n 
A 1 64  GLY 64  64  64  GLY GLY A . n 
A 1 65  ASP 65  65  65  ASP ASP A . n 
A 1 66  CYS 66  66  66  CYS CYS A . n 
A 1 67  LEU 67  67  67  LEU LEU A . n 
A 1 68  ASN 68  68  68  ASN ASN A . n 
A 1 69  LEU 69  69  69  LEU LEU A . n 
A 1 70  PRO 70  70  70  PRO PRO A . n 
A 1 71  SER 71  71  71  SER SER A . n 
A 1 72  SER 72  72  72  SER SER A . n 
A 1 73  ALA 73  73  73  ALA ALA A . n 
A 1 74  GLU 74  74  74  GLU GLU A . n 
A 1 75  VAL 75  75  75  VAL VAL A . n 
A 1 76  LEU 76  76  76  LEU LEU A . n 
A 1 77  PRO 77  77  77  PRO PRO A . n 
A 1 78  GLU 78  78  78  GLU GLU A . n 
A 1 79  LEU 79  79  79  LEU LEU A . n 
A 1 80  THR 80  80  80  THR THR A . n 
A 1 81  PRO 81  81  81  PRO PRO A . n 
A 1 82  CYS 82  82  82  CYS CYS A . n 
A 1 83  GLY 83  83  83  GLY GLY A . n 
A 1 84  ASP 84  84  84  ASP ASP A . n 
A 1 85  VAL 85  85  85  VAL VAL A . n 
A 1 86  GLY 86  86  86  GLY GLY A . n 
A 1 87  LEU 87  87  87  LEU LEU A . n 
A 1 88  VAL 88  88  88  VAL VAL A . n 
A 1 89  SER 89  89  89  SER SER A . n 
A 1 90  ALA 90  90  90  ALA ALA A . n 
A 1 91  TYR 91  91  91  TYR TYR A . n 
A 1 92  LEU 92  92  92  LEU LEU A . n 
A 1 93  GLN 93  93  93  GLN GLN A . n 
A 1 94  ALA 94  94  94  ALA ALA A . n 
A 1 95  LEU 95  95  95  LEU LEU A . n 
A 1 96  THR 96  96  96  THR THR A . n 
A 1 97  ASN 97  97  97  ASN ASN A . n 
A 1 98  GLU 98  98  98  GLU GLU A . n 
A 1 99  GLY 99  99  99  GLY GLY A . n 
A 1 100 VAL 100 100 100 VAL VAL A . n 
A 1 101 ALA 101 101 101 ALA ALA A . n 
A 1 102 SER 102 102 102 SER SER A . n 
A 1 103 VAL 103 103 103 VAL VAL A . n 
A 1 104 LEU 104 104 104 LEU LEU A . n 
A 1 105 VAL 105 105 105 VAL VAL A . n 
A 1 106 ILE 106 106 106 ILE ILE A . n 
A 1 107 SER 107 107 107 SER SER A . n 
A 1 108 HIS 108 108 108 HIS HIS A . n 
A 1 109 LEU 109 109 109 LEU LEU A . n 
A 1 110 PRO 110 110 110 PRO PRO A . n 
A 1 111 LEU 111 111 111 LEU LEU A . n 
A 1 112 VAL 112 112 112 VAL VAL A . n 
A 1 113 GLY 113 113 113 GLY GLY A . n 
A 1 114 TYR 114 114 114 TYR TYR A . n 
A 1 115 LEU 115 115 115 LEU LEU A . n 
A 1 116 VAL 116 116 116 VAL VAL A . n 
A 1 117 ALA 117 117 117 ALA ALA A . n 
A 1 118 GLU 118 118 118 GLU GLU A . n 
A 1 119 LEU 119 119 119 LEU LEU A . n 
A 1 120 CYS 120 120 120 CYS CYS A . n 
A 1 121 PRO 121 121 121 PRO PRO A . n 
A 1 122 GLY 122 122 122 GLY GLY A . n 
A 1 123 GLU 123 123 123 GLU GLU A . n 
A 1 124 THR 124 124 124 THR THR A . n 
A 1 125 PRO 125 125 125 PRO PRO A . n 
A 1 126 PRO 126 126 126 PRO PRO A . n 
A 1 127 MET 127 127 127 MET MET A . n 
A 1 128 PHE 128 128 128 PHE PHE A . n 
A 1 129 THR 129 129 129 THR THR A . n 
A 1 130 THR 130 130 130 THR THR A . n 
A 1 131 SER 131 131 131 SER SER A . n 
A 1 132 ALA 132 132 132 ALA ALA A . n 
A 1 133 ILE 133 133 133 ILE ILE A . n 
A 1 134 ALA 134 134 134 ALA ALA A . n 
A 1 135 SER 135 135 135 SER SER A . n 
A 1 136 VAL 136 136 136 VAL VAL A . n 
A 1 137 THR 137 137 137 THR THR A . n 
A 1 138 LEU 138 138 138 LEU LEU A . n 
A 1 139 ASP 139 139 139 ASP ASP A . n 
A 1 140 GLU 140 140 140 GLU GLU A . n 
A 1 141 SER 141 141 141 SER SER A . n 
A 1 142 GLY 142 142 142 GLY GLY A . n 
A 1 143 ASN 143 143 143 ASN ASN A . n 
A 1 144 GLY 144 144 144 GLY GLY A . n 
A 1 145 THR 145 145 145 THR THR A . n 
A 1 146 PHE 146 146 146 PHE PHE A . n 
A 1 147 ASN 147 147 147 ASN ASN A . n 
A 1 148 TRP 148 148 148 TRP TRP A . n 
A 1 149 GLN 149 149 149 GLN GLN A . n 
A 1 150 MET 150 150 150 MET MET A . n 
A 1 151 SER 151 151 151 SER SER A . n 
A 1 152 PRO 152 152 152 PRO PRO A . n 
A 1 153 CYS 153 153 153 CYS CYS A . n 
A 1 154 ASN 154 154 154 ASN ASN A . n 
A 1 155 LEU 155 155 155 LEU LEU A . n 
A 1 156 LYS 156 156 156 LYS LYS A . n 
A 1 157 MET 157 157 ?   ?   ?   A . n 
A 1 158 ALA 158 158 ?   ?   ?   A . n 
A 1 159 LYS 159 159 ?   ?   ?   A . n 
A 1 160 ALA 160 160 ?   ?   ?   A . n 
A 1 161 ILE 161 161 ?   ?   ?   A . n 
# 
loop_
_pdbx_nonpoly_scheme.asym_id 
_pdbx_nonpoly_scheme.entity_id 
_pdbx_nonpoly_scheme.mon_id 
_pdbx_nonpoly_scheme.ndb_seq_num 
_pdbx_nonpoly_scheme.pdb_seq_num 
_pdbx_nonpoly_scheme.auth_seq_num 
_pdbx_nonpoly_scheme.pdb_mon_id 
_pdbx_nonpoly_scheme.auth_mon_id 
_pdbx_nonpoly_scheme.pdb_strand_id 
_pdbx_nonpoly_scheme.pdb_ins_code 
B 2 CA  1   162 157 CA  CA  A . 
C 3 HOH 1   163 158 HOH WAT A . 
C 3 HOH 2   164 159 HOH WAT A . 
C 3 HOH 3   165 160 HOH WAT A . 
C 3 HOH 4   166 161 HOH WAT A . 
C 3 HOH 5   167 162 HOH WAT A . 
C 3 HOH 6   168 163 HOH WAT A . 
C 3 HOH 7   169 164 HOH WAT A . 
C 3 HOH 8   170 165 HOH WAT A . 
C 3 HOH 9   171 166 HOH WAT A . 
C 3 HOH 10  172 167 HOH WAT A . 
C 3 HOH 11  173 168 HOH WAT A . 
C 3 HOH 12  174 169 HOH WAT A . 
C 3 HOH 13  175 170 HOH WAT A . 
C 3 HOH 14  176 171 HOH WAT A . 
C 3 HOH 15  177 172 HOH WAT A . 
C 3 HOH 16  178 173 HOH WAT A . 
C 3 HOH 17  179 174 HOH WAT A . 
C 3 HOH 18  180 175 HOH WAT A . 
C 3 HOH 19  181 176 HOH WAT A . 
C 3 HOH 20  182 177 HOH WAT A . 
C 3 HOH 21  183 178 HOH WAT A . 
C 3 HOH 22  184 179 HOH WAT A . 
C 3 HOH 23  185 180 HOH WAT A . 
C 3 HOH 24  186 181 HOH WAT A . 
C 3 HOH 25  187 182 HOH WAT A . 
C 3 HOH 26  188 183 HOH WAT A . 
C 3 HOH 27  189 184 HOH WAT A . 
C 3 HOH 28  190 185 HOH WAT A . 
C 3 HOH 29  191 186 HOH WAT A . 
C 3 HOH 30  192 187 HOH WAT A . 
C 3 HOH 31  193 188 HOH WAT A . 
C 3 HOH 32  194 189 HOH WAT A . 
C 3 HOH 33  195 190 HOH WAT A . 
C 3 HOH 34  196 191 HOH WAT A . 
C 3 HOH 35  197 192 HOH WAT A . 
C 3 HOH 36  198 193 HOH WAT A . 
C 3 HOH 37  199 194 HOH WAT A . 
C 3 HOH 38  200 195 HOH WAT A . 
C 3 HOH 39  201 196 HOH WAT A . 
C 3 HOH 40  202 197 HOH WAT A . 
C 3 HOH 41  203 198 HOH WAT A . 
C 3 HOH 42  204 199 HOH WAT A . 
C 3 HOH 43  205 200 HOH WAT A . 
C 3 HOH 44  206 201 HOH WAT A . 
C 3 HOH 45  207 202 HOH WAT A . 
C 3 HOH 46  208 203 HOH WAT A . 
C 3 HOH 47  209 204 HOH WAT A . 
C 3 HOH 48  210 205 HOH WAT A . 
C 3 HOH 49  211 206 HOH WAT A . 
C 3 HOH 50  212 207 HOH WAT A . 
C 3 HOH 51  213 208 HOH WAT A . 
C 3 HOH 52  214 209 HOH WAT A . 
C 3 HOH 53  215 210 HOH WAT A . 
C 3 HOH 54  216 211 HOH WAT A . 
C 3 HOH 55  217 212 HOH WAT A . 
C 3 HOH 56  218 213 HOH WAT A . 
C 3 HOH 57  219 214 HOH WAT A . 
C 3 HOH 58  220 215 HOH WAT A . 
C 3 HOH 59  221 216 HOH WAT A . 
C 3 HOH 60  222 217 HOH WAT A . 
C 3 HOH 61  223 218 HOH WAT A . 
C 3 HOH 62  224 219 HOH WAT A . 
C 3 HOH 63  225 220 HOH WAT A . 
C 3 HOH 64  226 221 HOH WAT A . 
C 3 HOH 65  227 222 HOH WAT A . 
C 3 HOH 66  228 223 HOH WAT A . 
C 3 HOH 67  229 224 HOH WAT A . 
C 3 HOH 68  230 225 HOH WAT A . 
C 3 HOH 69  231 226 HOH WAT A . 
C 3 HOH 70  232 227 HOH WAT A . 
C 3 HOH 71  233 228 HOH WAT A . 
C 3 HOH 72  234 229 HOH WAT A . 
C 3 HOH 73  235 230 HOH WAT A . 
C 3 HOH 74  236 231 HOH WAT A . 
C 3 HOH 75  237 232 HOH WAT A . 
C 3 HOH 76  238 233 HOH WAT A . 
C 3 HOH 77  239 234 HOH WAT A . 
C 3 HOH 78  240 235 HOH WAT A . 
C 3 HOH 79  241 236 HOH WAT A . 
C 3 HOH 80  242 237 HOH WAT A . 
C 3 HOH 81  243 238 HOH WAT A . 
C 3 HOH 82  244 239 HOH WAT A . 
C 3 HOH 83  245 240 HOH WAT A . 
C 3 HOH 84  246 241 HOH WAT A . 
C 3 HOH 85  247 242 HOH WAT A . 
C 3 HOH 86  248 243 HOH WAT A . 
C 3 HOH 87  249 244 HOH WAT A . 
C 3 HOH 88  250 245 HOH WAT A . 
C 3 HOH 89  251 246 HOH WAT A . 
C 3 HOH 90  252 247 HOH WAT A . 
C 3 HOH 91  253 248 HOH WAT A . 
C 3 HOH 92  254 249 HOH WAT A . 
C 3 HOH 93  255 250 HOH WAT A . 
C 3 HOH 94  256 251 HOH WAT A . 
C 3 HOH 95  257 252 HOH WAT A . 
C 3 HOH 96  258 253 HOH WAT A . 
C 3 HOH 97  259 254 HOH WAT A . 
C 3 HOH 98  260 255 HOH WAT A . 
C 3 HOH 99  261 256 HOH WAT A . 
C 3 HOH 100 262 257 HOH WAT A . 
C 3 HOH 101 263 258 HOH WAT A . 
C 3 HOH 102 264 259 HOH WAT A . 
C 3 HOH 103 265 260 HOH WAT A . 
C 3 HOH 104 266 261 HOH WAT A . 
C 3 HOH 105 267 262 HOH WAT A . 
C 3 HOH 106 268 263 HOH WAT A . 
C 3 HOH 107 269 264 HOH WAT A . 
C 3 HOH 108 270 265 HOH WAT A . 
C 3 HOH 109 271 266 HOH WAT A . 
C 3 HOH 110 272 267 HOH WAT A . 
C 3 HOH 111 273 268 HOH WAT A . 
C 3 HOH 112 274 269 HOH WAT A . 
C 3 HOH 113 275 270 HOH WAT A . 
# 
loop_
_software.name 
_software.classification 
_software.version 
_software.citation_id 
_software.pdbx_ordinal 
CNS     refinement       1.1       ? 1 
PROCESS 'data reduction' .         ? 2 
CCP4    'data scaling'   '(SCALA)' ? 3 
MLPHARE phasing          .         ? 4 
X-PLOR  refinement       3.851     ? 5 
# 
_cell.entry_id           1UJB 
_cell.length_a           39.260 
_cell.length_b           48.620 
_cell.length_c           83.180 
_cell.angle_alpha        90.00 
_cell.angle_beta         90.00 
_cell.angle_gamma        90.00 
_cell.Z_PDB              4 
_cell.pdbx_unique_axis   ? 
# 
_symmetry.entry_id                         1UJB 
_symmetry.space_group_name_H-M             'P 21 21 21' 
_symmetry.pdbx_full_space_group_name_H-M   ? 
_symmetry.cell_setting                     ? 
_symmetry.Int_Tables_number                19 
_symmetry.space_group_name_Hall            ? 
# 
_exptl.entry_id          1UJB 
_exptl.method            'X-RAY DIFFRACTION' 
_exptl.crystals_number   1 
# 
_exptl_crystal.id                    1 
_exptl_crystal.density_meas          ? 
_exptl_crystal.density_Matthews      2.22 
_exptl_crystal.density_percent_sol   44.08 
_exptl_crystal.description           ? 
_exptl_crystal.F_000                 ? 
_exptl_crystal.preparation           ? 
# 
_exptl_crystal_grow.crystal_id      1 
_exptl_crystal_grow.method          'VAPOR DIFFUSION, HANGING DROP' 
_exptl_crystal_grow.temp            283 
_exptl_crystal_grow.temp_details    ? 
_exptl_crystal_grow.pH              6.6 
_exptl_crystal_grow.pdbx_details    'PEG6000, CaCl2, MES, pH 6.6, VAPOR DIFFUSION, HANGING DROP, temperature 283K' 
_exptl_crystal_grow.pdbx_pH_range   . 
# 
_diffrn.id                     1 
_diffrn.ambient_temp           288 
_diffrn.ambient_temp_details   ? 
_diffrn.crystal_id             1 
# 
_diffrn_detector.diffrn_id              1 
_diffrn_detector.detector               'IMAGE PLATE' 
_diffrn_detector.type                   'RIGAKU RAXIS IIC' 
_diffrn_detector.pdbx_collection_date   ? 
_diffrn_detector.details                ? 
# 
_diffrn_radiation.diffrn_id                        1 
_diffrn_radiation.wavelength_id                    1 
_diffrn_radiation.pdbx_monochromatic_or_laue_m_l   M 
_diffrn_radiation.monochromator                    ? 
_diffrn_radiation.pdbx_diffrn_protocol             'SINGLE WAVELENGTH' 
_diffrn_radiation.pdbx_scattering_type             x-ray 
# 
_diffrn_radiation_wavelength.id           1 
_diffrn_radiation_wavelength.wavelength   1.5418 
_diffrn_radiation_wavelength.wt           1.0 
# 
_diffrn_source.diffrn_id                   1 
_diffrn_source.source                      'ROTATING ANODE' 
_diffrn_source.type                        'RIGAKU RU300' 
_diffrn_source.pdbx_synchrotron_site       ? 
_diffrn_source.pdbx_synchrotron_beamline   ? 
_diffrn_source.pdbx_wavelength             ? 
_diffrn_source.pdbx_wavelength_list        1.5418 
# 
_reflns.entry_id                     1UJB 
_reflns.observed_criterion_sigma_I   ? 
_reflns.observed_criterion_sigma_F   ? 
_reflns.d_resolution_low             50 
_reflns.d_resolution_high            2.06 
_reflns.number_obs                   9936 
_reflns.number_all                   ? 
_reflns.percent_possible_obs         95.5 
_reflns.pdbx_Rmerge_I_obs            ? 
_reflns.pdbx_Rsym_value              ? 
_reflns.pdbx_netI_over_sigmaI        ? 
_reflns.B_iso_Wilson_estimate        13.8 
_reflns.pdbx_redundancy              ? 
_reflns.R_free_details               ? 
_reflns.limit_h_max                  ? 
_reflns.limit_h_min                  ? 
_reflns.limit_k_max                  ? 
_reflns.limit_k_min                  ? 
_reflns.limit_l_max                  ? 
_reflns.limit_l_min                  ? 
_reflns.observed_criterion_F_max     ? 
_reflns.observed_criterion_F_min     ? 
_reflns.pdbx_chi_squared             ? 
_reflns.pdbx_scaling_rejects         ? 
_reflns.pdbx_diffrn_id               1 
_reflns.pdbx_ordinal                 1 
# 
_reflns_shell.d_res_high             2.05 
_reflns_shell.d_res_low              2.15 
_reflns_shell.percent_possible_all   91.9 
_reflns_shell.Rmerge_I_obs           ? 
_reflns_shell.pdbx_Rsym_value        ? 
_reflns_shell.meanI_over_sigI_obs    ? 
_reflns_shell.pdbx_redundancy        ? 
_reflns_shell.percent_possible_obs   ? 
_reflns_shell.number_unique_all      ? 
_reflns_shell.number_measured_all    ? 
_reflns_shell.number_measured_obs    ? 
_reflns_shell.number_unique_obs      ? 
_reflns_shell.pdbx_chi_squared       ? 
_reflns_shell.pdbx_diffrn_id         ? 
_reflns_shell.pdbx_ordinal           1 
# 
_refine.entry_id                                 1UJB 
_refine.ls_number_reflns_obs                     9928 
_refine.ls_number_reflns_all                     ? 
_refine.pdbx_ls_sigma_I                          ? 
_refine.pdbx_ls_sigma_F                          0.0 
_refine.pdbx_data_cutoff_high_absF               6161139.20 
_refine.pdbx_data_cutoff_low_absF                0.000000 
_refine.pdbx_data_cutoff_high_rms_absF           ? 
_refine.ls_d_res_low                             41.98 
_refine.ls_d_res_high                            2.06 
_refine.ls_percent_reflns_obs                    95.8 
_refine.ls_R_factor_obs                          0.173 
_refine.ls_R_factor_all                          ? 
_refine.ls_R_factor_R_work                       0.173 
_refine.ls_R_factor_R_free                       0.229 
_refine.ls_R_factor_R_free_error                 0.007 
_refine.ls_R_factor_R_free_error_details         ? 
_refine.ls_percent_reflns_R_free                 10.4 
_refine.ls_number_reflns_R_free                  1030 
_refine.ls_number_parameters                     ? 
_refine.ls_number_restraints                     ? 
_refine.occupancy_min                            ? 
_refine.occupancy_max                            ? 
_refine.correlation_coeff_Fo_to_Fc               ? 
_refine.correlation_coeff_Fo_to_Fc_free          ? 
_refine.B_iso_mean                               22.0 
_refine.aniso_B[1][1]                            -0.15 
_refine.aniso_B[2][2]                            -0.89 
_refine.aniso_B[3][3]                            1.03 
_refine.aniso_B[1][2]                            0.00 
_refine.aniso_B[1][3]                            0.00 
_refine.aniso_B[2][3]                            0.00 
_refine.solvent_model_details                    'FLAT MODEL' 
_refine.solvent_model_param_ksol                 0.388391 
_refine.solvent_model_param_bsol                 61.6806 
_refine.pdbx_solvent_vdw_probe_radii             ? 
_refine.pdbx_solvent_ion_probe_radii             ? 
_refine.pdbx_solvent_shrinkage_radii             ? 
_refine.pdbx_ls_cross_valid_method               THROUGHOUT 
_refine.details                                  ? 
_refine.pdbx_starting_model                      ? 
_refine.pdbx_method_to_determine_struct          MIR 
_refine.pdbx_isotropic_thermal_model             RESTRAINED 
_refine.pdbx_stereochemistry_target_values       ? 
_refine.pdbx_stereochem_target_val_spec_case     ? 
_refine.pdbx_R_Free_selection_details            RANDOM 
_refine.pdbx_overall_ESU_R                       ? 
_refine.pdbx_overall_ESU_R_Free                  ? 
_refine.overall_SU_ML                            ? 
_refine.overall_SU_B                             ? 
_refine.ls_redundancy_reflns_obs                 ? 
_refine.B_iso_min                                ? 
_refine.B_iso_max                                ? 
_refine.overall_SU_R_Cruickshank_DPI             ? 
_refine.overall_SU_R_free                        ? 
_refine.ls_wR_factor_R_free                      ? 
_refine.ls_wR_factor_R_work                      ? 
_refine.overall_FOM_free_R_set                   ? 
_refine.overall_FOM_work_R_set                   ? 
_refine.pdbx_refine_id                           'X-RAY DIFFRACTION' 
_refine.pdbx_diffrn_id                           1 
_refine.pdbx_TLS_residual_ADP_flag               ? 
_refine.pdbx_overall_phase_error                 ? 
_refine.pdbx_overall_SU_R_free_Cruickshank_DPI   ? 
_refine.pdbx_overall_SU_R_Blow_DPI               ? 
_refine.pdbx_overall_SU_R_free_Blow_DPI          ? 
# 
_refine_analyze.entry_id                        1UJB 
_refine_analyze.Luzzati_coordinate_error_obs    0.20 
_refine_analyze.Luzzati_sigma_a_obs             0.17 
_refine_analyze.Luzzati_d_res_low_obs           5.00 
_refine_analyze.Luzzati_coordinate_error_free   0.25 
_refine_analyze.Luzzati_sigma_a_free            0.13 
_refine_analyze.Luzzati_d_res_low_free          ? 
_refine_analyze.number_disordered_residues      ? 
_refine_analyze.occupancy_sum_hydrogen          ? 
_refine_analyze.occupancy_sum_non_hydrogen      ? 
_refine_analyze.pdbx_Luzzati_d_res_high_obs     ? 
_refine_analyze.pdbx_refine_id                  'X-RAY DIFFRACTION' 
# 
_refine_hist.pdbx_refine_id                   'X-RAY DIFFRACTION' 
_refine_hist.cycle_id                         LAST 
_refine_hist.pdbx_number_atoms_protein        1165 
_refine_hist.pdbx_number_atoms_nucleic_acid   0 
_refine_hist.pdbx_number_atoms_ligand         1 
_refine_hist.number_atoms_solvent             113 
_refine_hist.number_atoms_total               1279 
_refine_hist.d_res_high                       2.06 
_refine_hist.d_res_low                        41.98 
# 
loop_
_refine_ls_restr.type 
_refine_ls_restr.dev_ideal 
_refine_ls_restr.dev_ideal_target 
_refine_ls_restr.weight 
_refine_ls_restr.number 
_refine_ls_restr.pdbx_refine_id 
_refine_ls_restr.pdbx_restraint_function 
c_bond_d                0.006 ?    ? ? 'X-RAY DIFFRACTION' ? 
c_bond_d_na             ?     ?    ? ? 'X-RAY DIFFRACTION' ? 
c_bond_d_prot           ?     ?    ? ? 'X-RAY DIFFRACTION' ? 
c_angle_d               ?     ?    ? ? 'X-RAY DIFFRACTION' ? 
c_angle_d_na            ?     ?    ? ? 'X-RAY DIFFRACTION' ? 
c_angle_d_prot          ?     ?    ? ? 'X-RAY DIFFRACTION' ? 
c_angle_deg             1.2   ?    ? ? 'X-RAY DIFFRACTION' ? 
c_angle_deg_na          ?     ?    ? ? 'X-RAY DIFFRACTION' ? 
c_angle_deg_prot        ?     ?    ? ? 'X-RAY DIFFRACTION' ? 
c_dihedral_angle_d      24.5  ?    ? ? 'X-RAY DIFFRACTION' ? 
c_dihedral_angle_d_na   ?     ?    ? ? 'X-RAY DIFFRACTION' ? 
c_dihedral_angle_d_prot ?     ?    ? ? 'X-RAY DIFFRACTION' ? 
c_improper_angle_d      1.18  ?    ? ? 'X-RAY DIFFRACTION' ? 
c_improper_angle_d_na   ?     ?    ? ? 'X-RAY DIFFRACTION' ? 
c_improper_angle_d_prot ?     ?    ? ? 'X-RAY DIFFRACTION' ? 
c_mcbond_it             1.50  1.50 ? ? 'X-RAY DIFFRACTION' ? 
c_mcangle_it            2.35  2.00 ? ? 'X-RAY DIFFRACTION' ? 
c_scbond_it             10.78 2.00 ? ? 'X-RAY DIFFRACTION' ? 
c_scangle_it            7.43  2.50 ? ? 'X-RAY DIFFRACTION' ? 
# 
_refine_ls_shell.pdbx_total_number_of_bins_used   6 
_refine_ls_shell.d_res_high                       2.00 
_refine_ls_shell.d_res_low                        2.13 
_refine_ls_shell.number_reflns_R_work             748 
_refine_ls_shell.R_factor_R_work                  0.207 
_refine_ls_shell.percent_reflns_obs               45.3 
_refine_ls_shell.R_factor_R_free                  0.208 
_refine_ls_shell.R_factor_R_free_error            0.023 
_refine_ls_shell.percent_reflns_R_free            9.7 
_refine_ls_shell.number_reflns_R_free             80 
_refine_ls_shell.number_reflns_obs                ? 
_refine_ls_shell.redundancy_reflns_obs            ? 
_refine_ls_shell.number_reflns_all                ? 
_refine_ls_shell.pdbx_refine_id                   'X-RAY DIFFRACTION' 
_refine_ls_shell.R_factor_all                     ? 
# 
loop_
_pdbx_xplor_file.serial_no 
_pdbx_xplor_file.param_file 
_pdbx_xplor_file.topol_file 
_pdbx_xplor_file.pdbx_refine_id 
1 PROTEIN_REP.PARAM PROTEIN.TOP 'X-RAY DIFFRACTION' 
2 WATER_REP.PARAM   WATER.TOP   'X-RAY DIFFRACTION' 
3 ION.PARAM         ION.TOP     'X-RAY DIFFRACTION' 
# 
_struct.entry_id                  1UJB 
_struct.title                     'Structure of the protein histidine phosphatase SixA' 
_struct.pdbx_model_details        ? 
_struct.pdbx_CASP_flag            ? 
_struct.pdbx_model_type_details   ? 
# 
_struct_keywords.entry_id        1UJB 
_struct_keywords.pdbx_keywords   HYDROLASE 
_struct_keywords.text            'alpha-beta fold, HYDROLASE' 
# 
loop_
_struct_asym.id 
_struct_asym.pdbx_blank_PDB_chainid_flag 
_struct_asym.pdbx_modified 
_struct_asym.entity_id 
_struct_asym.details 
A N N 1 ? 
B N N 2 ? 
C N N 3 ? 
# 
_struct_ref.id                         1 
_struct_ref.db_name                    UNP 
_struct_ref.db_code                    SIXA_ECOLI 
_struct_ref.entity_id                  1 
_struct_ref.pdbx_seq_one_letter_code   
;MQVFIMRHGDAALDAASDSVRPLTTNGCDESRLMANWLKGQKVEIERVLVSPFLRAEQTLEEVGDCLNLPSSAEVLPELT
PCGDVGLVSAYLQALTNEGVASVLVISHLPLVGYLVAELCPGETPPMFTTSAIASVTLDESGNGTFNWQMSPCNLKMAKA
I
;
_struct_ref.pdbx_align_begin           1 
_struct_ref.pdbx_db_accession          P76502 
_struct_ref.pdbx_db_isoform            ? 
# 
_struct_ref_seq.align_id                      1 
_struct_ref_seq.ref_id                        1 
_struct_ref_seq.pdbx_PDB_id_code              1UJB 
_struct_ref_seq.pdbx_strand_id                A 
_struct_ref_seq.seq_align_beg                 1 
_struct_ref_seq.pdbx_seq_align_beg_ins_code   ? 
_struct_ref_seq.seq_align_end                 161 
_struct_ref_seq.pdbx_seq_align_end_ins_code   ? 
_struct_ref_seq.pdbx_db_accession             P76502 
_struct_ref_seq.db_align_beg                  1 
_struct_ref_seq.pdbx_db_align_beg_ins_code    ? 
_struct_ref_seq.db_align_end                  161 
_struct_ref_seq.pdbx_db_align_end_ins_code    ? 
_struct_ref_seq.pdbx_auth_seq_align_beg       1 
_struct_ref_seq.pdbx_auth_seq_align_end       161 
# 
_pdbx_struct_assembly.id                   1 
_pdbx_struct_assembly.details              author_defined_assembly 
_pdbx_struct_assembly.method_details       ? 
_pdbx_struct_assembly.oligomeric_details   monomeric 
_pdbx_struct_assembly.oligomeric_count     1 
# 
_pdbx_struct_assembly_gen.assembly_id       1 
_pdbx_struct_assembly_gen.oper_expression   1 
_pdbx_struct_assembly_gen.asym_id_list      A,B,C 
# 
_pdbx_struct_oper_list.id                   1 
_pdbx_struct_oper_list.type                 'identity operation' 
_pdbx_struct_oper_list.name                 1_555 
_pdbx_struct_oper_list.symmetry_operation   x,y,z 
_pdbx_struct_oper_list.matrix[1][1]         1.0000000000 
_pdbx_struct_oper_list.matrix[1][2]         0.0000000000 
_pdbx_struct_oper_list.matrix[1][3]         0.0000000000 
_pdbx_struct_oper_list.vector[1]            0.0000000000 
_pdbx_struct_oper_list.matrix[2][1]         0.0000000000 
_pdbx_struct_oper_list.matrix[2][2]         1.0000000000 
_pdbx_struct_oper_list.matrix[2][3]         0.0000000000 
_pdbx_struct_oper_list.vector[2]            0.0000000000 
_pdbx_struct_oper_list.matrix[3][1]         0.0000000000 
_pdbx_struct_oper_list.matrix[3][2]         0.0000000000 
_pdbx_struct_oper_list.matrix[3][3]         1.0000000000 
_pdbx_struct_oper_list.vector[3]            0.0000000000 
# 
_struct_biol.id                    1 
_struct_biol.pdbx_parent_biol_id   ? 
_struct_biol.details               ? 
# 
loop_
_struct_conf.conf_type_id 
_struct_conf.id 
_struct_conf.pdbx_PDB_helix_id 
_struct_conf.beg_label_comp_id 
_struct_conf.beg_label_asym_id 
_struct_conf.beg_label_seq_id 
_struct_conf.pdbx_beg_PDB_ins_code 
_struct_conf.end_label_comp_id 
_struct_conf.end_label_asym_id 
_struct_conf.end_label_seq_id 
_struct_conf.pdbx_end_PDB_ins_code 
_struct_conf.beg_auth_comp_id 
_struct_conf.beg_auth_asym_id 
_struct_conf.beg_auth_seq_id 
_struct_conf.end_auth_comp_id 
_struct_conf.end_auth_asym_id 
_struct_conf.end_auth_seq_id 
_struct_conf.pdbx_PDB_helix_class 
_struct_conf.details 
_struct_conf.pdbx_PDB_helix_length 
HELX_P HELX_P1 1 SER A 17  ? ARG A 21  ? SER A 17  ARG A 21  5 ? 5  
HELX_P HELX_P2 2 THR A 24  ? GLN A 41  ? THR A 24  GLN A 41  1 ? 18 
HELX_P HELX_P3 3 PHE A 53  ? ASP A 65  ? PHE A 53  ASP A 65  1 ? 13 
HELX_P HELX_P4 4 PRO A 77  ? THR A 80  ? PRO A 77  THR A 80  5 ? 4  
HELX_P HELX_P5 5 ASP A 84  ? GLY A 99  ? ASP A 84  GLY A 99  1 ? 16 
HELX_P HELX_P6 6 PRO A 110 ? CYS A 120 ? PRO A 110 CYS A 120 1 ? 11 
HELX_P HELX_P7 7 SER A 151 ? LYS A 156 ? SER A 151 LYS A 156 1 ? 6  
# 
_struct_conf_type.id          HELX_P 
_struct_conf_type.criteria    ? 
_struct_conf_type.reference   ? 
# 
loop_
_struct_conn.id 
_struct_conn.conn_type_id 
_struct_conn.pdbx_leaving_atom_flag 
_struct_conn.pdbx_PDB_id 
_struct_conn.ptnr1_label_asym_id 
_struct_conn.ptnr1_label_comp_id 
_struct_conn.ptnr1_label_seq_id 
_struct_conn.ptnr1_label_atom_id 
_struct_conn.pdbx_ptnr1_label_alt_id 
_struct_conn.pdbx_ptnr1_PDB_ins_code 
_struct_conn.pdbx_ptnr1_standard_comp_id 
_struct_conn.ptnr1_symmetry 
_struct_conn.ptnr2_label_asym_id 
_struct_conn.ptnr2_label_comp_id 
_struct_conn.ptnr2_label_seq_id 
_struct_conn.ptnr2_label_atom_id 
_struct_conn.pdbx_ptnr2_label_alt_id 
_struct_conn.pdbx_ptnr2_PDB_ins_code 
_struct_conn.ptnr1_auth_asym_id 
_struct_conn.ptnr1_auth_comp_id 
_struct_conn.ptnr1_auth_seq_id 
_struct_conn.ptnr2_auth_asym_id 
_struct_conn.ptnr2_auth_comp_id 
_struct_conn.ptnr2_auth_seq_id 
_struct_conn.ptnr2_symmetry 
_struct_conn.pdbx_ptnr3_label_atom_id 
_struct_conn.pdbx_ptnr3_label_seq_id 
_struct_conn.pdbx_ptnr3_label_comp_id 
_struct_conn.pdbx_ptnr3_label_asym_id 
_struct_conn.pdbx_ptnr3_label_alt_id 
_struct_conn.pdbx_ptnr3_PDB_ins_code 
_struct_conn.details 
_struct_conn.pdbx_dist_value 
_struct_conn.pdbx_value_order 
_struct_conn.pdbx_role 
metalc1 metalc ? ? A ASP 65 O  ? ? ? 1_555 B CA  . CA ? ? A ASP 65  A CA  162 1_555 ? ? ? ? ? ? ? 2.428 ? ? 
metalc2 metalc ? ? A GLY 99 O  ? ? ? 3_545 B CA  . CA ? ? A GLY 99  A CA  162 1_555 ? ? ? ? ? ? ? 2.511 ? ? 
metalc3 metalc ? ? B CA  .  CA ? ? ? 1_555 C HOH . O  ? ? A CA  162 A HOH 187 3_545 ? ? ? ? ? ? ? 2.865 ? ? 
metalc4 metalc ? ? B CA  .  CA ? ? ? 1_555 C HOH . O  ? ? A CA  162 A HOH 218 1_555 ? ? ? ? ? ? ? 2.499 ? ? 
metalc5 metalc ? ? B CA  .  CA ? ? ? 1_555 C HOH . O  ? ? A CA  162 A HOH 219 1_555 ? ? ? ? ? ? ? 2.573 ? ? 
# 
_struct_conn_type.id          metalc 
_struct_conn_type.criteria    ? 
_struct_conn_type.reference   ? 
# 
loop_
_pdbx_struct_conn_angle.id 
_pdbx_struct_conn_angle.ptnr1_label_atom_id 
_pdbx_struct_conn_angle.ptnr1_label_alt_id 
_pdbx_struct_conn_angle.ptnr1_label_asym_id 
_pdbx_struct_conn_angle.ptnr1_label_comp_id 
_pdbx_struct_conn_angle.ptnr1_label_seq_id 
_pdbx_struct_conn_angle.ptnr1_auth_atom_id 
_pdbx_struct_conn_angle.ptnr1_auth_asym_id 
_pdbx_struct_conn_angle.ptnr1_auth_comp_id 
_pdbx_struct_conn_angle.ptnr1_auth_seq_id 
_pdbx_struct_conn_angle.ptnr1_PDB_ins_code 
_pdbx_struct_conn_angle.ptnr1_symmetry 
_pdbx_struct_conn_angle.ptnr2_label_atom_id 
_pdbx_struct_conn_angle.ptnr2_label_alt_id 
_pdbx_struct_conn_angle.ptnr2_label_asym_id 
_pdbx_struct_conn_angle.ptnr2_label_comp_id 
_pdbx_struct_conn_angle.ptnr2_label_seq_id 
_pdbx_struct_conn_angle.ptnr2_auth_atom_id 
_pdbx_struct_conn_angle.ptnr2_auth_asym_id 
_pdbx_struct_conn_angle.ptnr2_auth_comp_id 
_pdbx_struct_conn_angle.ptnr2_auth_seq_id 
_pdbx_struct_conn_angle.ptnr2_PDB_ins_code 
_pdbx_struct_conn_angle.ptnr2_symmetry 
_pdbx_struct_conn_angle.ptnr3_label_atom_id 
_pdbx_struct_conn_angle.ptnr3_label_alt_id 
_pdbx_struct_conn_angle.ptnr3_label_asym_id 
_pdbx_struct_conn_angle.ptnr3_label_comp_id 
_pdbx_struct_conn_angle.ptnr3_label_seq_id 
_pdbx_struct_conn_angle.ptnr3_auth_atom_id 
_pdbx_struct_conn_angle.ptnr3_auth_asym_id 
_pdbx_struct_conn_angle.ptnr3_auth_comp_id 
_pdbx_struct_conn_angle.ptnr3_auth_seq_id 
_pdbx_struct_conn_angle.ptnr3_PDB_ins_code 
_pdbx_struct_conn_angle.ptnr3_symmetry 
_pdbx_struct_conn_angle.value 
_pdbx_struct_conn_angle.value_esd 
1  O ? A ASP 65 ? A ASP 65  ? 1_555 CA ? B CA . ? A CA 162 ? 1_555 O ? A GLY 99 ? A GLY 99  ? 3_545 146.8 ? 
2  O ? A ASP 65 ? A ASP 65  ? 1_555 CA ? B CA . ? A CA 162 ? 1_555 O ? C HOH .  ? A HOH 187 ? 3_545 137.9 ? 
3  O ? A GLY 99 ? A GLY 99  ? 3_545 CA ? B CA . ? A CA 162 ? 1_555 O ? C HOH .  ? A HOH 187 ? 3_545 72.8  ? 
4  O ? A ASP 65 ? A ASP 65  ? 1_555 CA ? B CA . ? A CA 162 ? 1_555 O ? C HOH .  ? A HOH 218 ? 1_555 84.8  ? 
5  O ? A GLY 99 ? A GLY 99  ? 3_545 CA ? B CA . ? A CA 162 ? 1_555 O ? C HOH .  ? A HOH 218 ? 1_555 89.5  ? 
6  O ? C HOH .  ? A HOH 187 ? 3_545 CA ? B CA . ? A CA 162 ? 1_555 O ? C HOH .  ? A HOH 218 ? 1_555 81.5  ? 
7  O ? A ASP 65 ? A ASP 65  ? 1_555 CA ? B CA . ? A CA 162 ? 1_555 O ? C HOH .  ? A HOH 219 ? 1_555 90.6  ? 
8  O ? A GLY 99 ? A GLY 99  ? 3_545 CA ? B CA . ? A CA 162 ? 1_555 O ? C HOH .  ? A HOH 219 ? 1_555 92.1  ? 
9  O ? C HOH .  ? A HOH 187 ? 3_545 CA ? B CA . ? A CA 162 ? 1_555 O ? C HOH .  ? A HOH 219 ? 1_555 104.6 ? 
10 O ? C HOH .  ? A HOH 218 ? 1_555 CA ? B CA . ? A CA 162 ? 1_555 O ? C HOH .  ? A HOH 219 ? 1_555 173.9 ? 
# 
_struct_mon_prot_cis.pdbx_id                1 
_struct_mon_prot_cis.label_comp_id          LEU 
_struct_mon_prot_cis.label_seq_id           109 
_struct_mon_prot_cis.label_asym_id          A 
_struct_mon_prot_cis.label_alt_id           . 
_struct_mon_prot_cis.pdbx_PDB_ins_code      ? 
_struct_mon_prot_cis.auth_comp_id           LEU 
_struct_mon_prot_cis.auth_seq_id            109 
_struct_mon_prot_cis.auth_asym_id           A 
_struct_mon_prot_cis.pdbx_label_comp_id_2   PRO 
_struct_mon_prot_cis.pdbx_label_seq_id_2    110 
_struct_mon_prot_cis.pdbx_label_asym_id_2   A 
_struct_mon_prot_cis.pdbx_PDB_ins_code_2    ? 
_struct_mon_prot_cis.pdbx_auth_comp_id_2    PRO 
_struct_mon_prot_cis.pdbx_auth_seq_id_2     110 
_struct_mon_prot_cis.pdbx_auth_asym_id_2    A 
_struct_mon_prot_cis.pdbx_PDB_model_num     1 
_struct_mon_prot_cis.pdbx_omega_angle       0.18 
# 
_struct_sheet.id               A 
_struct_sheet.type             ? 
_struct_sheet.number_strands   6 
_struct_sheet.details          ? 
# 
loop_
_struct_sheet_order.sheet_id 
_struct_sheet_order.range_id_1 
_struct_sheet_order.range_id_2 
_struct_sheet_order.offset 
_struct_sheet_order.sense 
A 1 2 ? parallel      
A 2 3 ? parallel      
A 3 4 ? parallel      
A 4 5 ? anti-parallel 
A 5 6 ? anti-parallel 
# 
loop_
_struct_sheet_range.sheet_id 
_struct_sheet_range.id 
_struct_sheet_range.beg_label_comp_id 
_struct_sheet_range.beg_label_asym_id 
_struct_sheet_range.beg_label_seq_id 
_struct_sheet_range.pdbx_beg_PDB_ins_code 
_struct_sheet_range.end_label_comp_id 
_struct_sheet_range.end_label_asym_id 
_struct_sheet_range.end_label_seq_id 
_struct_sheet_range.pdbx_end_PDB_ins_code 
_struct_sheet_range.beg_auth_comp_id 
_struct_sheet_range.beg_auth_asym_id 
_struct_sheet_range.beg_auth_seq_id 
_struct_sheet_range.end_auth_comp_id 
_struct_sheet_range.end_auth_asym_id 
_struct_sheet_range.end_auth_seq_id 
A 1 GLU A 74  ? VAL A 75  ? GLU A 74  VAL A 75  
A 2 ARG A 47  ? VAL A 50  ? ARG A 47  VAL A 50  
A 3 SER A 102 ? SER A 107 ? SER A 102 SER A 107 
A 4 GLN A 2   ? ARG A 7   ? GLN A 2   ARG A 7   
A 5 ILE A 133 ? LEU A 138 ? ILE A 133 LEU A 138 
A 6 GLY A 144 ? MET A 150 ? GLY A 144 MET A 150 
# 
loop_
_pdbx_struct_sheet_hbond.sheet_id 
_pdbx_struct_sheet_hbond.range_id_1 
_pdbx_struct_sheet_hbond.range_id_2 
_pdbx_struct_sheet_hbond.range_1_label_atom_id 
_pdbx_struct_sheet_hbond.range_1_label_comp_id 
_pdbx_struct_sheet_hbond.range_1_label_asym_id 
_pdbx_struct_sheet_hbond.range_1_label_seq_id 
_pdbx_struct_sheet_hbond.range_1_PDB_ins_code 
_pdbx_struct_sheet_hbond.range_1_auth_atom_id 
_pdbx_struct_sheet_hbond.range_1_auth_comp_id 
_pdbx_struct_sheet_hbond.range_1_auth_asym_id 
_pdbx_struct_sheet_hbond.range_1_auth_seq_id 
_pdbx_struct_sheet_hbond.range_2_label_atom_id 
_pdbx_struct_sheet_hbond.range_2_label_comp_id 
_pdbx_struct_sheet_hbond.range_2_label_asym_id 
_pdbx_struct_sheet_hbond.range_2_label_seq_id 
_pdbx_struct_sheet_hbond.range_2_PDB_ins_code 
_pdbx_struct_sheet_hbond.range_2_auth_atom_id 
_pdbx_struct_sheet_hbond.range_2_auth_comp_id 
_pdbx_struct_sheet_hbond.range_2_auth_asym_id 
_pdbx_struct_sheet_hbond.range_2_auth_seq_id 
A 1 2 O GLU A 74  ? O GLU A 74  N VAL A 50  ? N VAL A 50  
A 2 3 N LEU A 49  ? N LEU A 49  O LEU A 104 ? O LEU A 104 
A 3 4 O VAL A 105 ? O VAL A 105 N MET A 6   ? N MET A 6   
A 4 5 N VAL A 3   ? N VAL A 3   O VAL A 136 ? O VAL A 136 
A 5 6 N SER A 135 ? N SER A 135 O TRP A 148 ? O TRP A 148 
# 
_struct_site.id                   AC1 
_struct_site.pdbx_evidence_code   Software 
_struct_site.pdbx_auth_asym_id    A 
_struct_site.pdbx_auth_comp_id    CA 
_struct_site.pdbx_auth_seq_id     162 
_struct_site.pdbx_auth_ins_code   ? 
_struct_site.pdbx_num_residues    5 
_struct_site.details              'BINDING SITE FOR RESIDUE CA A 162' 
# 
loop_
_struct_site_gen.id 
_struct_site_gen.site_id 
_struct_site_gen.pdbx_num_res 
_struct_site_gen.label_comp_id 
_struct_site_gen.label_asym_id 
_struct_site_gen.label_seq_id 
_struct_site_gen.pdbx_auth_ins_code 
_struct_site_gen.auth_comp_id 
_struct_site_gen.auth_asym_id 
_struct_site_gen.auth_seq_id 
_struct_site_gen.label_atom_id 
_struct_site_gen.label_alt_id 
_struct_site_gen.symmetry 
_struct_site_gen.details 
1 AC1 5 ASP A 65 ? ASP A 65  . ? 1_555 ? 
2 AC1 5 GLY A 99 ? GLY A 99  . ? 3_545 ? 
3 AC1 5 HOH C .  ? HOH A 187 . ? 3_545 ? 
4 AC1 5 HOH C .  ? HOH A 218 . ? 1_555 ? 
5 AC1 5 HOH C .  ? HOH A 219 . ? 1_555 ? 
# 
_pdbx_validate_torsion.id              1 
_pdbx_validate_torsion.PDB_model_num   1 
_pdbx_validate_torsion.auth_comp_id    SER 
_pdbx_validate_torsion.auth_asym_id    A 
_pdbx_validate_torsion.auth_seq_id     107 
_pdbx_validate_torsion.PDB_ins_code    ? 
_pdbx_validate_torsion.label_alt_id    ? 
_pdbx_validate_torsion.phi             -140.37 
_pdbx_validate_torsion.psi             -156.73 
# 
loop_
_pdbx_unobs_or_zero_occ_residues.id 
_pdbx_unobs_or_zero_occ_residues.PDB_model_num 
_pdbx_unobs_or_zero_occ_residues.polymer_flag 
_pdbx_unobs_or_zero_occ_residues.occupancy_flag 
_pdbx_unobs_or_zero_occ_residues.auth_asym_id 
_pdbx_unobs_or_zero_occ_residues.auth_comp_id 
_pdbx_unobs_or_zero_occ_residues.auth_seq_id 
_pdbx_unobs_or_zero_occ_residues.PDB_ins_code 
_pdbx_unobs_or_zero_occ_residues.label_asym_id 
_pdbx_unobs_or_zero_occ_residues.label_comp_id 
_pdbx_unobs_or_zero_occ_residues.label_seq_id 
1 1 Y 1 A MET 157 ? A MET 157 
2 1 Y 1 A ALA 158 ? A ALA 158 
3 1 Y 1 A LYS 159 ? A LYS 159 
4 1 Y 1 A ALA 160 ? A ALA 160 
5 1 Y 1 A ILE 161 ? A ILE 161 
# 
loop_
_chem_comp_atom.comp_id 
_chem_comp_atom.atom_id 
_chem_comp_atom.type_symbol 
_chem_comp_atom.pdbx_aromatic_flag 
_chem_comp_atom.pdbx_stereo_config 
_chem_comp_atom.pdbx_ordinal 
ALA N    N  N N 1   
ALA CA   C  N S 2   
ALA C    C  N N 3   
ALA O    O  N N 4   
ALA CB   C  N N 5   
ALA OXT  O  N N 6   
ALA H    H  N N 7   
ALA H2   H  N N 8   
ALA HA   H  N N 9   
ALA HB1  H  N N 10  
ALA HB2  H  N N 11  
ALA HB3  H  N N 12  
ALA HXT  H  N N 13  
ARG N    N  N N 14  
ARG CA   C  N S 15  
ARG C    C  N N 16  
ARG O    O  N N 17  
ARG CB   C  N N 18  
ARG CG   C  N N 19  
ARG CD   C  N N 20  
ARG NE   N  N N 21  
ARG CZ   C  N N 22  
ARG NH1  N  N N 23  
ARG NH2  N  N N 24  
ARG OXT  O  N N 25  
ARG H    H  N N 26  
ARG H2   H  N N 27  
ARG HA   H  N N 28  
ARG HB2  H  N N 29  
ARG HB3  H  N N 30  
ARG HG2  H  N N 31  
ARG HG3  H  N N 32  
ARG HD2  H  N N 33  
ARG HD3  H  N N 34  
ARG HE   H  N N 35  
ARG HH11 H  N N 36  
ARG HH12 H  N N 37  
ARG HH21 H  N N 38  
ARG HH22 H  N N 39  
ARG HXT  H  N N 40  
ASN N    N  N N 41  
ASN CA   C  N S 42  
ASN C    C  N N 43  
ASN O    O  N N 44  
ASN CB   C  N N 45  
ASN CG   C  N N 46  
ASN OD1  O  N N 47  
ASN ND2  N  N N 48  
ASN OXT  O  N N 49  
ASN H    H  N N 50  
ASN H2   H  N N 51  
ASN HA   H  N N 52  
ASN HB2  H  N N 53  
ASN HB3  H  N N 54  
ASN HD21 H  N N 55  
ASN HD22 H  N N 56  
ASN HXT  H  N N 57  
ASP N    N  N N 58  
ASP CA   C  N S 59  
ASP C    C  N N 60  
ASP O    O  N N 61  
ASP CB   C  N N 62  
ASP CG   C  N N 63  
ASP OD1  O  N N 64  
ASP OD2  O  N N 65  
ASP OXT  O  N N 66  
ASP H    H  N N 67  
ASP H2   H  N N 68  
ASP HA   H  N N 69  
ASP HB2  H  N N 70  
ASP HB3  H  N N 71  
ASP HD2  H  N N 72  
ASP HXT  H  N N 73  
CA  CA   CA N N 74  
CYS N    N  N N 75  
CYS CA   C  N R 76  
CYS C    C  N N 77  
CYS O    O  N N 78  
CYS CB   C  N N 79  
CYS SG   S  N N 80  
CYS OXT  O  N N 81  
CYS H    H  N N 82  
CYS H2   H  N N 83  
CYS HA   H  N N 84  
CYS HB2  H  N N 85  
CYS HB3  H  N N 86  
CYS HG   H  N N 87  
CYS HXT  H  N N 88  
GLN N    N  N N 89  
GLN CA   C  N S 90  
GLN C    C  N N 91  
GLN O    O  N N 92  
GLN CB   C  N N 93  
GLN CG   C  N N 94  
GLN CD   C  N N 95  
GLN OE1  O  N N 96  
GLN NE2  N  N N 97  
GLN OXT  O  N N 98  
GLN H    H  N N 99  
GLN H2   H  N N 100 
GLN HA   H  N N 101 
GLN HB2  H  N N 102 
GLN HB3  H  N N 103 
GLN HG2  H  N N 104 
GLN HG3  H  N N 105 
GLN HE21 H  N N 106 
GLN HE22 H  N N 107 
GLN HXT  H  N N 108 
GLU N    N  N N 109 
GLU CA   C  N S 110 
GLU C    C  N N 111 
GLU O    O  N N 112 
GLU CB   C  N N 113 
GLU CG   C  N N 114 
GLU CD   C  N N 115 
GLU OE1  O  N N 116 
GLU OE2  O  N N 117 
GLU OXT  O  N N 118 
GLU H    H  N N 119 
GLU H2   H  N N 120 
GLU HA   H  N N 121 
GLU HB2  H  N N 122 
GLU HB3  H  N N 123 
GLU HG2  H  N N 124 
GLU HG3  H  N N 125 
GLU HE2  H  N N 126 
GLU HXT  H  N N 127 
GLY N    N  N N 128 
GLY CA   C  N N 129 
GLY C    C  N N 130 
GLY O    O  N N 131 
GLY OXT  O  N N 132 
GLY H    H  N N 133 
GLY H2   H  N N 134 
GLY HA2  H  N N 135 
GLY HA3  H  N N 136 
GLY HXT  H  N N 137 
HIS N    N  N N 138 
HIS CA   C  N S 139 
HIS C    C  N N 140 
HIS O    O  N N 141 
HIS CB   C  N N 142 
HIS CG   C  Y N 143 
HIS ND1  N  Y N 144 
HIS CD2  C  Y N 145 
HIS CE1  C  Y N 146 
HIS NE2  N  Y N 147 
HIS OXT  O  N N 148 
HIS H    H  N N 149 
HIS H2   H  N N 150 
HIS HA   H  N N 151 
HIS HB2  H  N N 152 
HIS HB3  H  N N 153 
HIS HD1  H  N N 154 
HIS HD2  H  N N 155 
HIS HE1  H  N N 156 
HIS HE2  H  N N 157 
HIS HXT  H  N N 158 
HOH O    O  N N 159 
HOH H1   H  N N 160 
HOH H2   H  N N 161 
ILE N    N  N N 162 
ILE CA   C  N S 163 
ILE C    C  N N 164 
ILE O    O  N N 165 
ILE CB   C  N S 166 
ILE CG1  C  N N 167 
ILE CG2  C  N N 168 
ILE CD1  C  N N 169 
ILE OXT  O  N N 170 
ILE H    H  N N 171 
ILE H2   H  N N 172 
ILE HA   H  N N 173 
ILE HB   H  N N 174 
ILE HG12 H  N N 175 
ILE HG13 H  N N 176 
ILE HG21 H  N N 177 
ILE HG22 H  N N 178 
ILE HG23 H  N N 179 
ILE HD11 H  N N 180 
ILE HD12 H  N N 181 
ILE HD13 H  N N 182 
ILE HXT  H  N N 183 
LEU N    N  N N 184 
LEU CA   C  N S 185 
LEU C    C  N N 186 
LEU O    O  N N 187 
LEU CB   C  N N 188 
LEU CG   C  N N 189 
LEU CD1  C  N N 190 
LEU CD2  C  N N 191 
LEU OXT  O  N N 192 
LEU H    H  N N 193 
LEU H2   H  N N 194 
LEU HA   H  N N 195 
LEU HB2  H  N N 196 
LEU HB3  H  N N 197 
LEU HG   H  N N 198 
LEU HD11 H  N N 199 
LEU HD12 H  N N 200 
LEU HD13 H  N N 201 
LEU HD21 H  N N 202 
LEU HD22 H  N N 203 
LEU HD23 H  N N 204 
LEU HXT  H  N N 205 
LYS N    N  N N 206 
LYS CA   C  N S 207 
LYS C    C  N N 208 
LYS O    O  N N 209 
LYS CB   C  N N 210 
LYS CG   C  N N 211 
LYS CD   C  N N 212 
LYS CE   C  N N 213 
LYS NZ   N  N N 214 
LYS OXT  O  N N 215 
LYS H    H  N N 216 
LYS H2   H  N N 217 
LYS HA   H  N N 218 
LYS HB2  H  N N 219 
LYS HB3  H  N N 220 
LYS HG2  H  N N 221 
LYS HG3  H  N N 222 
LYS HD2  H  N N 223 
LYS HD3  H  N N 224 
LYS HE2  H  N N 225 
LYS HE3  H  N N 226 
LYS HZ1  H  N N 227 
LYS HZ2  H  N N 228 
LYS HZ3  H  N N 229 
LYS HXT  H  N N 230 
MET N    N  N N 231 
MET CA   C  N S 232 
MET C    C  N N 233 
MET O    O  N N 234 
MET CB   C  N N 235 
MET CG   C  N N 236 
MET SD   S  N N 237 
MET CE   C  N N 238 
MET OXT  O  N N 239 
MET H    H  N N 240 
MET H2   H  N N 241 
MET HA   H  N N 242 
MET HB2  H  N N 243 
MET HB3  H  N N 244 
MET HG2  H  N N 245 
MET HG3  H  N N 246 
MET HE1  H  N N 247 
MET HE2  H  N N 248 
MET HE3  H  N N 249 
MET HXT  H  N N 250 
PHE N    N  N N 251 
PHE CA   C  N S 252 
PHE C    C  N N 253 
PHE O    O  N N 254 
PHE CB   C  N N 255 
PHE CG   C  Y N 256 
PHE CD1  C  Y N 257 
PHE CD2  C  Y N 258 
PHE CE1  C  Y N 259 
PHE CE2  C  Y N 260 
PHE CZ   C  Y N 261 
PHE OXT  O  N N 262 
PHE H    H  N N 263 
PHE H2   H  N N 264 
PHE HA   H  N N 265 
PHE HB2  H  N N 266 
PHE HB3  H  N N 267 
PHE HD1  H  N N 268 
PHE HD2  H  N N 269 
PHE HE1  H  N N 270 
PHE HE2  H  N N 271 
PHE HZ   H  N N 272 
PHE HXT  H  N N 273 
PRO N    N  N N 274 
PRO CA   C  N S 275 
PRO C    C  N N 276 
PRO O    O  N N 277 
PRO CB   C  N N 278 
PRO CG   C  N N 279 
PRO CD   C  N N 280 
PRO OXT  O  N N 281 
PRO H    H  N N 282 
PRO HA   H  N N 283 
PRO HB2  H  N N 284 
PRO HB3  H  N N 285 
PRO HG2  H  N N 286 
PRO HG3  H  N N 287 
PRO HD2  H  N N 288 
PRO HD3  H  N N 289 
PRO HXT  H  N N 290 
SER N    N  N N 291 
SER CA   C  N S 292 
SER C    C  N N 293 
SER O    O  N N 294 
SER CB   C  N N 295 
SER OG   O  N N 296 
SER OXT  O  N N 297 
SER H    H  N N 298 
SER H2   H  N N 299 
SER HA   H  N N 300 
SER HB2  H  N N 301 
SER HB3  H  N N 302 
SER HG   H  N N 303 
SER HXT  H  N N 304 
THR N    N  N N 305 
THR CA   C  N S 306 
THR C    C  N N 307 
THR O    O  N N 308 
THR CB   C  N R 309 
THR OG1  O  N N 310 
THR CG2  C  N N 311 
THR OXT  O  N N 312 
THR H    H  N N 313 
THR H2   H  N N 314 
THR HA   H  N N 315 
THR HB   H  N N 316 
THR HG1  H  N N 317 
THR HG21 H  N N 318 
THR HG22 H  N N 319 
THR HG23 H  N N 320 
THR HXT  H  N N 321 
TRP N    N  N N 322 
TRP CA   C  N S 323 
TRP C    C  N N 324 
TRP O    O  N N 325 
TRP CB   C  N N 326 
TRP CG   C  Y N 327 
TRP CD1  C  Y N 328 
TRP CD2  C  Y N 329 
TRP NE1  N  Y N 330 
TRP CE2  C  Y N 331 
TRP CE3  C  Y N 332 
TRP CZ2  C  Y N 333 
TRP CZ3  C  Y N 334 
TRP CH2  C  Y N 335 
TRP OXT  O  N N 336 
TRP H    H  N N 337 
TRP H2   H  N N 338 
TRP HA   H  N N 339 
TRP HB2  H  N N 340 
TRP HB3  H  N N 341 
TRP HD1  H  N N 342 
TRP HE1  H  N N 343 
TRP HE3  H  N N 344 
TRP HZ2  H  N N 345 
TRP HZ3  H  N N 346 
TRP HH2  H  N N 347 
TRP HXT  H  N N 348 
TYR N    N  N N 349 
TYR CA   C  N S 350 
TYR C    C  N N 351 
TYR O    O  N N 352 
TYR CB   C  N N 353 
TYR CG   C  Y N 354 
TYR CD1  C  Y N 355 
TYR CD2  C  Y N 356 
TYR CE1  C  Y N 357 
TYR CE2  C  Y N 358 
TYR CZ   C  Y N 359 
TYR OH   O  N N 360 
TYR OXT  O  N N 361 
TYR H    H  N N 362 
TYR H2   H  N N 363 
TYR HA   H  N N 364 
TYR HB2  H  N N 365 
TYR HB3  H  N N 366 
TYR HD1  H  N N 367 
TYR HD2  H  N N 368 
TYR HE1  H  N N 369 
TYR HE2  H  N N 370 
TYR HH   H  N N 371 
TYR HXT  H  N N 372 
VAL N    N  N N 373 
VAL CA   C  N S 374 
VAL C    C  N N 375 
VAL O    O  N N 376 
VAL CB   C  N N 377 
VAL CG1  C  N N 378 
VAL CG2  C  N N 379 
VAL OXT  O  N N 380 
VAL H    H  N N 381 
VAL H2   H  N N 382 
VAL HA   H  N N 383 
VAL HB   H  N N 384 
VAL HG11 H  N N 385 
VAL HG12 H  N N 386 
VAL HG13 H  N N 387 
VAL HG21 H  N N 388 
VAL HG22 H  N N 389 
VAL HG23 H  N N 390 
VAL HXT  H  N N 391 
# 
loop_
_chem_comp_bond.comp_id 
_chem_comp_bond.atom_id_1 
_chem_comp_bond.atom_id_2 
_chem_comp_bond.value_order 
_chem_comp_bond.pdbx_aromatic_flag 
_chem_comp_bond.pdbx_stereo_config 
_chem_comp_bond.pdbx_ordinal 
ALA N   CA   sing N N 1   
ALA N   H    sing N N 2   
ALA N   H2   sing N N 3   
ALA CA  C    sing N N 4   
ALA CA  CB   sing N N 5   
ALA CA  HA   sing N N 6   
ALA C   O    doub N N 7   
ALA C   OXT  sing N N 8   
ALA CB  HB1  sing N N 9   
ALA CB  HB2  sing N N 10  
ALA CB  HB3  sing N N 11  
ALA OXT HXT  sing N N 12  
ARG N   CA   sing N N 13  
ARG N   H    sing N N 14  
ARG N   H2   sing N N 15  
ARG CA  C    sing N N 16  
ARG CA  CB   sing N N 17  
ARG CA  HA   sing N N 18  
ARG C   O    doub N N 19  
ARG C   OXT  sing N N 20  
ARG CB  CG   sing N N 21  
ARG CB  HB2  sing N N 22  
ARG CB  HB3  sing N N 23  
ARG CG  CD   sing N N 24  
ARG CG  HG2  sing N N 25  
ARG CG  HG3  sing N N 26  
ARG CD  NE   sing N N 27  
ARG CD  HD2  sing N N 28  
ARG CD  HD3  sing N N 29  
ARG NE  CZ   sing N N 30  
ARG NE  HE   sing N N 31  
ARG CZ  NH1  sing N N 32  
ARG CZ  NH2  doub N N 33  
ARG NH1 HH11 sing N N 34  
ARG NH1 HH12 sing N N 35  
ARG NH2 HH21 sing N N 36  
ARG NH2 HH22 sing N N 37  
ARG OXT HXT  sing N N 38  
ASN N   CA   sing N N 39  
ASN N   H    sing N N 40  
ASN N   H2   sing N N 41  
ASN CA  C    sing N N 42  
ASN CA  CB   sing N N 43  
ASN CA  HA   sing N N 44  
ASN C   O    doub N N 45  
ASN C   OXT  sing N N 46  
ASN CB  CG   sing N N 47  
ASN CB  HB2  sing N N 48  
ASN CB  HB3  sing N N 49  
ASN CG  OD1  doub N N 50  
ASN CG  ND2  sing N N 51  
ASN ND2 HD21 sing N N 52  
ASN ND2 HD22 sing N N 53  
ASN OXT HXT  sing N N 54  
ASP N   CA   sing N N 55  
ASP N   H    sing N N 56  
ASP N   H2   sing N N 57  
ASP CA  C    sing N N 58  
ASP CA  CB   sing N N 59  
ASP CA  HA   sing N N 60  
ASP C   O    doub N N 61  
ASP C   OXT  sing N N 62  
ASP CB  CG   sing N N 63  
ASP CB  HB2  sing N N 64  
ASP CB  HB3  sing N N 65  
ASP CG  OD1  doub N N 66  
ASP CG  OD2  sing N N 67  
ASP OD2 HD2  sing N N 68  
ASP OXT HXT  sing N N 69  
CYS N   CA   sing N N 70  
CYS N   H    sing N N 71  
CYS N   H2   sing N N 72  
CYS CA  C    sing N N 73  
CYS CA  CB   sing N N 74  
CYS CA  HA   sing N N 75  
CYS C   O    doub N N 76  
CYS C   OXT  sing N N 77  
CYS CB  SG   sing N N 78  
CYS CB  HB2  sing N N 79  
CYS CB  HB3  sing N N 80  
CYS SG  HG   sing N N 81  
CYS OXT HXT  sing N N 82  
GLN N   CA   sing N N 83  
GLN N   H    sing N N 84  
GLN N   H2   sing N N 85  
GLN CA  C    sing N N 86  
GLN CA  CB   sing N N 87  
GLN CA  HA   sing N N 88  
GLN C   O    doub N N 89  
GLN C   OXT  sing N N 90  
GLN CB  CG   sing N N 91  
GLN CB  HB2  sing N N 92  
GLN CB  HB3  sing N N 93  
GLN CG  CD   sing N N 94  
GLN CG  HG2  sing N N 95  
GLN CG  HG3  sing N N 96  
GLN CD  OE1  doub N N 97  
GLN CD  NE2  sing N N 98  
GLN NE2 HE21 sing N N 99  
GLN NE2 HE22 sing N N 100 
GLN OXT HXT  sing N N 101 
GLU N   CA   sing N N 102 
GLU N   H    sing N N 103 
GLU N   H2   sing N N 104 
GLU CA  C    sing N N 105 
GLU CA  CB   sing N N 106 
GLU CA  HA   sing N N 107 
GLU C   O    doub N N 108 
GLU C   OXT  sing N N 109 
GLU CB  CG   sing N N 110 
GLU CB  HB2  sing N N 111 
GLU CB  HB3  sing N N 112 
GLU CG  CD   sing N N 113 
GLU CG  HG2  sing N N 114 
GLU CG  HG3  sing N N 115 
GLU CD  OE1  doub N N 116 
GLU CD  OE2  sing N N 117 
GLU OE2 HE2  sing N N 118 
GLU OXT HXT  sing N N 119 
GLY N   CA   sing N N 120 
GLY N   H    sing N N 121 
GLY N   H2   sing N N 122 
GLY CA  C    sing N N 123 
GLY CA  HA2  sing N N 124 
GLY CA  HA3  sing N N 125 
GLY C   O    doub N N 126 
GLY C   OXT  sing N N 127 
GLY OXT HXT  sing N N 128 
HIS N   CA   sing N N 129 
HIS N   H    sing N N 130 
HIS N   H2   sing N N 131 
HIS CA  C    sing N N 132 
HIS CA  CB   sing N N 133 
HIS CA  HA   sing N N 134 
HIS C   O    doub N N 135 
HIS C   OXT  sing N N 136 
HIS CB  CG   sing N N 137 
HIS CB  HB2  sing N N 138 
HIS CB  HB3  sing N N 139 
HIS CG  ND1  sing Y N 140 
HIS CG  CD2  doub Y N 141 
HIS ND1 CE1  doub Y N 142 
HIS ND1 HD1  sing N N 143 
HIS CD2 NE2  sing Y N 144 
HIS CD2 HD2  sing N N 145 
HIS CE1 NE2  sing Y N 146 
HIS CE1 HE1  sing N N 147 
HIS NE2 HE2  sing N N 148 
HIS OXT HXT  sing N N 149 
HOH O   H1   sing N N 150 
HOH O   H2   sing N N 151 
ILE N   CA   sing N N 152 
ILE N   H    sing N N 153 
ILE N   H2   sing N N 154 
ILE CA  C    sing N N 155 
ILE CA  CB   sing N N 156 
ILE CA  HA   sing N N 157 
ILE C   O    doub N N 158 
ILE C   OXT  sing N N 159 
ILE CB  CG1  sing N N 160 
ILE CB  CG2  sing N N 161 
ILE CB  HB   sing N N 162 
ILE CG1 CD1  sing N N 163 
ILE CG1 HG12 sing N N 164 
ILE CG1 HG13 sing N N 165 
ILE CG2 HG21 sing N N 166 
ILE CG2 HG22 sing N N 167 
ILE CG2 HG23 sing N N 168 
ILE CD1 HD11 sing N N 169 
ILE CD1 HD12 sing N N 170 
ILE CD1 HD13 sing N N 171 
ILE OXT HXT  sing N N 172 
LEU N   CA   sing N N 173 
LEU N   H    sing N N 174 
LEU N   H2   sing N N 175 
LEU CA  C    sing N N 176 
LEU CA  CB   sing N N 177 
LEU CA  HA   sing N N 178 
LEU C   O    doub N N 179 
LEU C   OXT  sing N N 180 
LEU CB  CG   sing N N 181 
LEU CB  HB2  sing N N 182 
LEU CB  HB3  sing N N 183 
LEU CG  CD1  sing N N 184 
LEU CG  CD2  sing N N 185 
LEU CG  HG   sing N N 186 
LEU CD1 HD11 sing N N 187 
LEU CD1 HD12 sing N N 188 
LEU CD1 HD13 sing N N 189 
LEU CD2 HD21 sing N N 190 
LEU CD2 HD22 sing N N 191 
LEU CD2 HD23 sing N N 192 
LEU OXT HXT  sing N N 193 
LYS N   CA   sing N N 194 
LYS N   H    sing N N 195 
LYS N   H2   sing N N 196 
LYS CA  C    sing N N 197 
LYS CA  CB   sing N N 198 
LYS CA  HA   sing N N 199 
LYS C   O    doub N N 200 
LYS C   OXT  sing N N 201 
LYS CB  CG   sing N N 202 
LYS CB  HB2  sing N N 203 
LYS CB  HB3  sing N N 204 
LYS CG  CD   sing N N 205 
LYS CG  HG2  sing N N 206 
LYS CG  HG3  sing N N 207 
LYS CD  CE   sing N N 208 
LYS CD  HD2  sing N N 209 
LYS CD  HD3  sing N N 210 
LYS CE  NZ   sing N N 211 
LYS CE  HE2  sing N N 212 
LYS CE  HE3  sing N N 213 
LYS NZ  HZ1  sing N N 214 
LYS NZ  HZ2  sing N N 215 
LYS NZ  HZ3  sing N N 216 
LYS OXT HXT  sing N N 217 
MET N   CA   sing N N 218 
MET N   H    sing N N 219 
MET N   H2   sing N N 220 
MET CA  C    sing N N 221 
MET CA  CB   sing N N 222 
MET CA  HA   sing N N 223 
MET C   O    doub N N 224 
MET C   OXT  sing N N 225 
MET CB  CG   sing N N 226 
MET CB  HB2  sing N N 227 
MET CB  HB3  sing N N 228 
MET CG  SD   sing N N 229 
MET CG  HG2  sing N N 230 
MET CG  HG3  sing N N 231 
MET SD  CE   sing N N 232 
MET CE  HE1  sing N N 233 
MET CE  HE2  sing N N 234 
MET CE  HE3  sing N N 235 
MET OXT HXT  sing N N 236 
PHE N   CA   sing N N 237 
PHE N   H    sing N N 238 
PHE N   H2   sing N N 239 
PHE CA  C    sing N N 240 
PHE CA  CB   sing N N 241 
PHE CA  HA   sing N N 242 
PHE C   O    doub N N 243 
PHE C   OXT  sing N N 244 
PHE CB  CG   sing N N 245 
PHE CB  HB2  sing N N 246 
PHE CB  HB3  sing N N 247 
PHE CG  CD1  doub Y N 248 
PHE CG  CD2  sing Y N 249 
PHE CD1 CE1  sing Y N 250 
PHE CD1 HD1  sing N N 251 
PHE CD2 CE2  doub Y N 252 
PHE CD2 HD2  sing N N 253 
PHE CE1 CZ   doub Y N 254 
PHE CE1 HE1  sing N N 255 
PHE CE2 CZ   sing Y N 256 
PHE CE2 HE2  sing N N 257 
PHE CZ  HZ   sing N N 258 
PHE OXT HXT  sing N N 259 
PRO N   CA   sing N N 260 
PRO N   CD   sing N N 261 
PRO N   H    sing N N 262 
PRO CA  C    sing N N 263 
PRO CA  CB   sing N N 264 
PRO CA  HA   sing N N 265 
PRO C   O    doub N N 266 
PRO C   OXT  sing N N 267 
PRO CB  CG   sing N N 268 
PRO CB  HB2  sing N N 269 
PRO CB  HB3  sing N N 270 
PRO CG  CD   sing N N 271 
PRO CG  HG2  sing N N 272 
PRO CG  HG3  sing N N 273 
PRO CD  HD2  sing N N 274 
PRO CD  HD3  sing N N 275 
PRO OXT HXT  sing N N 276 
SER N   CA   sing N N 277 
SER N   H    sing N N 278 
SER N   H2   sing N N 279 
SER CA  C    sing N N 280 
SER CA  CB   sing N N 281 
SER CA  HA   sing N N 282 
SER C   O    doub N N 283 
SER C   OXT  sing N N 284 
SER CB  OG   sing N N 285 
SER CB  HB2  sing N N 286 
SER CB  HB3  sing N N 287 
SER OG  HG   sing N N 288 
SER OXT HXT  sing N N 289 
THR N   CA   sing N N 290 
THR N   H    sing N N 291 
THR N   H2   sing N N 292 
THR CA  C    sing N N 293 
THR CA  CB   sing N N 294 
THR CA  HA   sing N N 295 
THR C   O    doub N N 296 
THR C   OXT  sing N N 297 
THR CB  OG1  sing N N 298 
THR CB  CG2  sing N N 299 
THR CB  HB   sing N N 300 
THR OG1 HG1  sing N N 301 
THR CG2 HG21 sing N N 302 
THR CG2 HG22 sing N N 303 
THR CG2 HG23 sing N N 304 
THR OXT HXT  sing N N 305 
TRP N   CA   sing N N 306 
TRP N   H    sing N N 307 
TRP N   H2   sing N N 308 
TRP CA  C    sing N N 309 
TRP CA  CB   sing N N 310 
TRP CA  HA   sing N N 311 
TRP C   O    doub N N 312 
TRP C   OXT  sing N N 313 
TRP CB  CG   sing N N 314 
TRP CB  HB2  sing N N 315 
TRP CB  HB3  sing N N 316 
TRP CG  CD1  doub Y N 317 
TRP CG  CD2  sing Y N 318 
TRP CD1 NE1  sing Y N 319 
TRP CD1 HD1  sing N N 320 
TRP CD2 CE2  doub Y N 321 
TRP CD2 CE3  sing Y N 322 
TRP NE1 CE2  sing Y N 323 
TRP NE1 HE1  sing N N 324 
TRP CE2 CZ2  sing Y N 325 
TRP CE3 CZ3  doub Y N 326 
TRP CE3 HE3  sing N N 327 
TRP CZ2 CH2  doub Y N 328 
TRP CZ2 HZ2  sing N N 329 
TRP CZ3 CH2  sing Y N 330 
TRP CZ3 HZ3  sing N N 331 
TRP CH2 HH2  sing N N 332 
TRP OXT HXT  sing N N 333 
TYR N   CA   sing N N 334 
TYR N   H    sing N N 335 
TYR N   H2   sing N N 336 
TYR CA  C    sing N N 337 
TYR CA  CB   sing N N 338 
TYR CA  HA   sing N N 339 
TYR C   O    doub N N 340 
TYR C   OXT  sing N N 341 
TYR CB  CG   sing N N 342 
TYR CB  HB2  sing N N 343 
TYR CB  HB3  sing N N 344 
TYR CG  CD1  doub Y N 345 
TYR CG  CD2  sing Y N 346 
TYR CD1 CE1  sing Y N 347 
TYR CD1 HD1  sing N N 348 
TYR CD2 CE2  doub Y N 349 
TYR CD2 HD2  sing N N 350 
TYR CE1 CZ   doub Y N 351 
TYR CE1 HE1  sing N N 352 
TYR CE2 CZ   sing Y N 353 
TYR CE2 HE2  sing N N 354 
TYR CZ  OH   sing N N 355 
TYR OH  HH   sing N N 356 
TYR OXT HXT  sing N N 357 
VAL N   CA   sing N N 358 
VAL N   H    sing N N 359 
VAL N   H2   sing N N 360 
VAL CA  C    sing N N 361 
VAL CA  CB   sing N N 362 
VAL CA  HA   sing N N 363 
VAL C   O    doub N N 364 
VAL C   OXT  sing N N 365 
VAL CB  CG1  sing N N 366 
VAL CB  CG2  sing N N 367 
VAL CB  HB   sing N N 368 
VAL CG1 HG11 sing N N 369 
VAL CG1 HG12 sing N N 370 
VAL CG1 HG13 sing N N 371 
VAL CG2 HG21 sing N N 372 
VAL CG2 HG22 sing N N 373 
VAL CG2 HG23 sing N N 374 
VAL OXT HXT  sing N N 375 
# 
_atom_sites.entry_id                    1UJB 
_atom_sites.fract_transf_matrix[1][1]   -0.00448215 
_atom_sites.fract_transf_matrix[1][2]   0.02454753 
_atom_sites.fract_transf_matrix[1][3]   -0.00510892 
_atom_sites.fract_transf_matrix[2][1]   -0.02023637 
_atom_sites.fract_transf_matrix[2][2]   -0.00367764 
_atom_sites.fract_transf_matrix[2][3]   0.00008330 
_atom_sites.fract_transf_matrix[3][1]   -0.00038423 
_atom_sites.fract_transf_matrix[3][2]   0.00238104 
_atom_sites.fract_transf_matrix[3][3]   0.01177759 
_atom_sites.fract_transf_vector[1]      0.304519 
_atom_sites.fract_transf_vector[2]      0.575325 
_atom_sites.fract_transf_vector[3]      0.362145 
# 
loop_
_atom_type.symbol 
C  
CA 
N  
O  
S  
# 
loop_
_atom_site.group_PDB 
_atom_site.id 
_atom_site.type_symbol 
_atom_site.label_atom_id 
_atom_site.label_alt_id 
_atom_site.label_comp_id 
_atom_site.label_asym_id 
_atom_site.label_entity_id 
_atom_site.label_seq_id 
_atom_site.pdbx_PDB_ins_code 
_atom_site.Cartn_x 
_atom_site.Cartn_y 
_atom_site.Cartn_z 
_atom_site.occupancy 
_atom_site.B_iso_or_equiv 
_atom_site.pdbx_formal_charge 
_atom_site.auth_seq_id 
_atom_site.auth_comp_id 
_atom_site.auth_asym_id 
_atom_site.auth_atom_id 
_atom_site.pdbx_PDB_model_num 
ATOM   1    N  N   . MET A 1 1   ? -13.267 -7.992  -3.087  1.00 14.37 ? 1   MET A N   1 
ATOM   2    C  CA  . MET A 1 1   ? -11.837 -7.865  -3.479  1.00 14.00 ? 1   MET A CA  1 
ATOM   3    C  C   . MET A 1 1   ? -11.016 -7.454  -2.257  1.00 15.58 ? 1   MET A C   1 
ATOM   4    O  O   . MET A 1 1   ? -11.440 -6.607  -1.474  1.00 16.73 ? 1   MET A O   1 
ATOM   5    C  CB  . MET A 1 1   ? -11.694 -6.817  -4.587  1.00 13.28 ? 1   MET A CB  1 
ATOM   6    C  CG  . MET A 1 1   ? -10.264 -6.574  -5.033  1.00 14.08 ? 1   MET A CG  1 
ATOM   7    S  SD  . MET A 1 1   ? -10.134 -5.461  -6.436  1.00 13.66 ? 1   MET A SD  1 
ATOM   8    C  CE  . MET A 1 1   ? -10.052 -3.905  -5.599  1.00 16.93 ? 1   MET A CE  1 
ATOM   9    N  N   . GLN A 1 2   ? -9.860  -8.088  -2.083  1.00 14.42 ? 2   GLN A N   1 
ATOM   10   C  CA  . GLN A 1 2   ? -8.968  -7.787  -0.969  1.00 16.44 ? 2   GLN A CA  1 
ATOM   11   C  C   . GLN A 1 2   ? -8.049  -6.643  -1.357  1.00 15.78 ? 2   GLN A C   1 
ATOM   12   O  O   . GLN A 1 2   ? -7.402  -6.676  -2.400  1.00 16.46 ? 2   GLN A O   1 
ATOM   13   C  CB  . GLN A 1 2   ? -8.115  -9.013  -0.612  1.00 22.13 ? 2   GLN A CB  1 
ATOM   14   C  CG  . GLN A 1 2   ? -8.877  -10.184 0.000   1.00 31.14 ? 2   GLN A CG  1 
ATOM   15   C  CD  . GLN A 1 2   ? -9.524  -9.825  1.334   1.00 39.78 ? 2   GLN A CD  1 
ATOM   16   O  OE1 . GLN A 1 2   ? -10.749 -9.877  1.483   1.00 41.69 ? 2   GLN A OE1 1 
ATOM   17   N  NE2 . GLN A 1 2   ? -8.697  -9.454  2.310   1.00 42.24 ? 2   GLN A NE2 1 
ATOM   18   N  N   . VAL A 1 3   ? -8.011  -5.615  -0.524  1.00 15.36 ? 3   VAL A N   1 
ATOM   19   C  CA  . VAL A 1 3   ? -7.165  -4.458  -0.774  1.00 14.52 ? 3   VAL A CA  1 
ATOM   20   C  C   . VAL A 1 3   ? -6.169  -4.355  0.365   1.00 14.60 ? 3   VAL A C   1 
ATOM   21   O  O   . VAL A 1 3   ? -6.556  -4.288  1.527   1.00 13.55 ? 3   VAL A O   1 
ATOM   22   C  CB  . VAL A 1 3   ? -7.983  -3.147  -0.810  1.00 13.52 ? 3   VAL A CB  1 
ATOM   23   C  CG1 . VAL A 1 3   ? -7.075  -1.966  -1.142  1.00 13.93 ? 3   VAL A CG1 1 
ATOM   24   C  CG2 . VAL A 1 3   ? -9.121  -3.253  -1.817  1.00 13.18 ? 3   VAL A CG2 1 
ATOM   25   N  N   . PHE A 1 4   ? -4.885  -4.398  0.035   1.00 12.86 ? 4   PHE A N   1 
ATOM   26   C  CA  . PHE A 1 4   ? -3.855  -4.271  1.047   1.00 14.80 ? 4   PHE A CA  1 
ATOM   27   C  C   . PHE A 1 4   ? -3.258  -2.892  0.850   1.00 15.32 ? 4   PHE A C   1 
ATOM   28   O  O   . PHE A 1 4   ? -2.669  -2.610  -0.193  1.00 16.83 ? 4   PHE A O   1 
ATOM   29   C  CB  . PHE A 1 4   ? -2.790  -5.361  0.889   1.00 16.29 ? 4   PHE A CB  1 
ATOM   30   C  CG  . PHE A 1 4   ? -3.301  -6.748  1.161   1.00 17.81 ? 4   PHE A CG  1 
ATOM   31   C  CD1 . PHE A 1 4   ? -3.783  -7.545  0.123   1.00 20.43 ? 4   PHE A CD1 1 
ATOM   32   C  CD2 . PHE A 1 4   ? -3.346  -7.244  2.457   1.00 18.60 ? 4   PHE A CD2 1 
ATOM   33   C  CE1 . PHE A 1 4   ? -4.303  -8.820  0.387   1.00 20.32 ? 4   PHE A CE1 1 
ATOM   34   C  CE2 . PHE A 1 4   ? -3.864  -8.518  2.724   1.00 19.95 ? 4   PHE A CE2 1 
ATOM   35   C  CZ  . PHE A 1 4   ? -4.341  -9.300  1.693   1.00 17.44 ? 4   PHE A CZ  1 
ATOM   36   N  N   . ILE A 1 5   ? -3.481  -2.006  1.814   1.00 15.37 ? 5   ILE A N   1 
ATOM   37   C  CA  . ILE A 1 5   ? -2.964  -0.650  1.726   1.00 13.55 ? 5   ILE A CA  1 
ATOM   38   C  C   . ILE A 1 5   ? -1.695  -0.572  2.559   1.00 13.09 ? 5   ILE A C   1 
ATOM   39   O  O   . ILE A 1 5   ? -1.729  -0.766  3.774   1.00 14.22 ? 5   ILE A O   1 
ATOM   40   C  CB  . ILE A 1 5   ? -4.004  0.385   2.211   1.00 14.73 ? 5   ILE A CB  1 
ATOM   41   C  CG1 . ILE A 1 5   ? -5.331  0.182   1.468   1.00 12.89 ? 5   ILE A CG1 1 
ATOM   42   C  CG2 . ILE A 1 5   ? -3.494  1.794   1.948   1.00 12.64 ? 5   ILE A CG2 1 
ATOM   43   C  CD1 . ILE A 1 5   ? -6.442  1.113   1.922   1.00 13.47 ? 5   ILE A CD1 1 
ATOM   44   N  N   . MET A 1 6   ? -0.581  -0.278  1.895   1.00 12.14 ? 6   MET A N   1 
ATOM   45   C  CA  . MET A 1 6   ? 0.725   -0.201  2.538   1.00 11.55 ? 6   MET A CA  1 
ATOM   46   C  C   . MET A 1 6   ? 1.423   1.139   2.418   1.00 11.99 ? 6   MET A C   1 
ATOM   47   O  O   . MET A 1 6   ? 1.384   1.782   1.370   1.00 11.41 ? 6   MET A O   1 
ATOM   48   C  CB  . MET A 1 6   ? 1.652   -1.280  1.961   1.00 12.06 ? 6   MET A CB  1 
ATOM   49   C  CG  . MET A 1 6   ? 3.052   -1.315  2.569   1.00 12.47 ? 6   MET A CG  1 
ATOM   50   S  SD  . MET A 1 6   ? 4.038   -2.604  1.815   1.00 14.62 ? 6   MET A SD  1 
ATOM   51   C  CE  . MET A 1 6   ? 5.333   -2.807  3.039   1.00 18.11 ? 6   MET A CE  1 
ATOM   52   N  N   . ARG A 1 7   ? 2.053   1.556   3.509   1.00 10.43 ? 7   ARG A N   1 
ATOM   53   C  CA  . ARG A 1 7   ? 2.823   2.782   3.516   1.00 11.54 ? 7   ARG A CA  1 
ATOM   54   C  C   . ARG A 1 7   ? 4.271   2.363   3.232   1.00 12.99 ? 7   ARG A C   1 
ATOM   55   O  O   . ARG A 1 7   ? 4.744   1.356   3.766   1.00 12.43 ? 7   ARG A O   1 
ATOM   56   C  CB  . ARG A 1 7   ? 2.742   3.486   4.873   1.00 10.90 ? 7   ARG A CB  1 
ATOM   57   C  CG  . ARG A 1 7   ? 3.639   4.720   4.945   1.00 11.02 ? 7   ARG A CG  1 
ATOM   58   C  CD  . ARG A 1 7   ? 3.569   5.405   6.280   1.00 11.26 ? 7   ARG A CD  1 
ATOM   59   N  NE  . ARG A 1 7   ? 4.417   6.590   6.294   1.00 14.61 ? 7   ARG A NE  1 
ATOM   60   C  CZ  . ARG A 1 7   ? 4.870   7.182   7.397   1.00 18.85 ? 7   ARG A CZ  1 
ATOM   61   N  NH1 . ARG A 1 7   ? 4.557   6.710   8.598   1.00 17.21 ? 7   ARG A NH1 1 
ATOM   62   N  NH2 . ARG A 1 7   ? 5.677   8.229   7.300   1.00 18.37 ? 7   ARG A NH2 1 
ATOM   63   N  N   . HIS A 1 8   ? 4.959   3.127   2.385   1.00 11.50 ? 8   HIS A N   1 
ATOM   64   C  CA  . HIS A 1 8   ? 6.345   2.845   2.026   1.00 10.02 ? 8   HIS A CA  1 
ATOM   65   C  C   . HIS A 1 8   ? 7.243   2.740   3.261   1.00 9.84  ? 8   HIS A C   1 
ATOM   66   O  O   . HIS A 1 8   ? 6.885   3.197   4.347   1.00 10.95 ? 8   HIS A O   1 
ATOM   67   C  CB  . HIS A 1 8   ? 6.871   3.940   1.096   1.00 10.78 ? 8   HIS A CB  1 
ATOM   68   C  CG  . HIS A 1 8   ? 6.849   5.306   1.705   1.00 11.32 ? 8   HIS A CG  1 
ATOM   69   N  ND1 . HIS A 1 8   ? 7.740   5.703   2.678   1.00 10.12 ? 8   HIS A ND1 1 
ATOM   70   C  CD2 . HIS A 1 8   ? 6.010   6.351   1.515   1.00 12.39 ? 8   HIS A CD2 1 
ATOM   71   C  CE1 . HIS A 1 8   ? 7.446   6.931   3.069   1.00 13.29 ? 8   HIS A CE1 1 
ATOM   72   N  NE2 . HIS A 1 8   ? 6.403   7.348   2.379   1.00 13.05 ? 8   HIS A NE2 1 
ATOM   73   N  N   . GLY A 1 9   ? 8.410   2.127   3.079   1.00 12.58 ? 9   GLY A N   1 
ATOM   74   C  CA  . GLY A 1 9   ? 9.359   1.958   4.166   1.00 12.21 ? 9   GLY A CA  1 
ATOM   75   C  C   . GLY A 1 9   ? 10.055  3.240   4.585   1.00 13.83 ? 9   GLY A C   1 
ATOM   76   O  O   . GLY A 1 9   ? 9.897   4.284   3.947   1.00 12.92 ? 9   GLY A O   1 
ATOM   77   N  N   . ASP A 1 10  ? 10.831  3.154   5.661   1.00 15.70 ? 10  ASP A N   1 
ATOM   78   C  CA  . ASP A 1 10  ? 11.571  4.294   6.199   1.00 17.05 ? 10  ASP A CA  1 
ATOM   79   C  C   . ASP A 1 10  ? 12.474  4.899   5.125   1.00 16.97 ? 10  ASP A C   1 
ATOM   80   O  O   . ASP A 1 10  ? 13.250  4.190   4.491   1.00 16.25 ? 10  ASP A O   1 
ATOM   81   C  CB  . ASP A 1 10  ? 12.394  3.853   7.418   1.00 19.86 ? 10  ASP A CB  1 
ATOM   82   C  CG  . ASP A 1 10  ? 13.062  5.017   8.126   1.00 23.22 ? 10  ASP A CG  1 
ATOM   83   O  OD1 . ASP A 1 10  ? 14.301  5.139   8.022   1.00 25.58 ? 10  ASP A OD1 1 
ATOM   84   O  OD2 . ASP A 1 10  ? 12.349  5.809   8.780   1.00 22.44 ? 10  ASP A OD2 1 
ATOM   85   N  N   . ALA A 1 11  ? 12.357  6.210   4.922   1.00 18.69 ? 11  ALA A N   1 
ATOM   86   C  CA  . ALA A 1 11  ? 13.133  6.909   3.901   1.00 18.94 ? 11  ALA A CA  1 
ATOM   87   C  C   . ALA A 1 11  ? 14.203  7.838   4.452   1.00 20.19 ? 11  ALA A C   1 
ATOM   88   O  O   . ALA A 1 11  ? 14.061  8.383   5.544   1.00 21.53 ? 11  ALA A O   1 
ATOM   89   C  CB  . ALA A 1 11  ? 12.201  7.670   2.972   1.00 17.34 ? 11  ALA A CB  1 
ATOM   90   N  N   . ALA A 1 12  ? 15.272  8.009   3.675   1.00 20.97 ? 12  ALA A N   1 
ATOM   91   C  CA  . ALA A 1 12  ? 16.397  8.866   4.037   1.00 23.88 ? 12  ALA A CA  1 
ATOM   92   C  C   . ALA A 1 12  ? 15.932  10.287  4.333   1.00 26.62 ? 12  ALA A C   1 
ATOM   93   O  O   . ALA A 1 12  ? 15.059  10.822  3.652   1.00 25.30 ? 12  ALA A O   1 
ATOM   94   C  CB  . ALA A 1 12  ? 17.434  8.870   2.921   1.00 22.69 ? 12  ALA A CB  1 
ATOM   95   N  N   . LEU A 1 13  ? 16.515  10.884  5.364   1.00 30.53 ? 13  LEU A N   1 
ATOM   96   C  CA  . LEU A 1 13  ? 16.154  12.234  5.772   1.00 35.52 ? 13  LEU A CA  1 
ATOM   97   C  C   . LEU A 1 13  ? 16.593  13.313  4.780   1.00 38.19 ? 13  LEU A C   1 
ATOM   98   O  O   . LEU A 1 13  ? 15.982  14.383  4.727   1.00 39.78 ? 13  LEU A O   1 
ATOM   99   C  CB  . LEU A 1 13  ? 16.731  12.538  7.167   1.00 36.33 ? 13  LEU A CB  1 
ATOM   100  C  CG  . LEU A 1 13  ? 16.277  11.660  8.343   1.00 38.37 ? 13  LEU A CG  1 
ATOM   101  C  CD1 . LEU A 1 13  ? 17.147  11.930  9.565   1.00 37.69 ? 13  LEU A CD1 1 
ATOM   102  C  CD2 . LEU A 1 13  ? 14.799  11.897  8.656   1.00 37.47 ? 13  LEU A CD2 1 
ATOM   103  N  N   . ASP A 1 14  ? 17.598  13.011  3.953   1.00 39.24 ? 14  ASP A N   1 
ATOM   104  C  CA  . ASP A 1 14  ? 18.120  13.990  2.995   1.00 39.68 ? 14  ASP A CA  1 
ATOM   105  C  C   . ASP A 1 14  ? 18.377  13.444  1.583   1.00 37.14 ? 14  ASP A C   1 
ATOM   106  O  O   . ASP A 1 14  ? 18.871  12.331  1.409   1.00 37.75 ? 14  ASP A O   1 
ATOM   107  C  CB  . ASP A 1 14  ? 19.413  14.604  3.562   1.00 44.21 ? 14  ASP A CB  1 
ATOM   108  C  CG  . ASP A 1 14  ? 19.771  15.951  2.931   1.00 48.71 ? 14  ASP A CG  1 
ATOM   109  O  OD1 . ASP A 1 14  ? 20.963  16.146  2.594   1.00 47.87 ? 14  ASP A OD1 1 
ATOM   110  O  OD2 . ASP A 1 14  ? 18.879  16.822  2.800   1.00 48.71 ? 14  ASP A OD2 1 
ATOM   111  N  N   . ALA A 1 15  ? 18.042  14.263  0.588   1.00 34.55 ? 15  ALA A N   1 
ATOM   112  C  CA  . ALA A 1 15  ? 18.221  13.954  -0.836  1.00 30.38 ? 15  ALA A CA  1 
ATOM   113  C  C   . ALA A 1 15  ? 18.111  15.272  -1.604  1.00 27.20 ? 15  ALA A C   1 
ATOM   114  O  O   . ALA A 1 15  ? 17.862  16.318  -1.007  1.00 27.38 ? 15  ALA A O   1 
ATOM   115  C  CB  . ALA A 1 15  ? 17.155  12.968  -1.316  1.00 30.29 ? 15  ALA A CB  1 
ATOM   116  N  N   . ALA A 1 16  ? 18.276  15.229  -2.922  1.00 25.49 ? 16  ALA A N   1 
ATOM   117  C  CA  . ALA A 1 16  ? 18.197  16.442  -3.736  1.00 23.12 ? 16  ALA A CA  1 
ATOM   118  C  C   . ALA A 1 16  ? 16.816  17.096  -3.655  1.00 22.03 ? 16  ALA A C   1 
ATOM   119  O  O   . ALA A 1 16  ? 16.679  18.322  -3.758  1.00 18.62 ? 16  ALA A O   1 
ATOM   120  C  CB  . ALA A 1 16  ? 18.553  16.125  -5.176  1.00 24.16 ? 16  ALA A CB  1 
ATOM   121  N  N   . SER A 1 17  ? 15.800  16.250  -3.516  1.00 20.40 ? 17  SER A N   1 
ATOM   122  C  CA  . SER A 1 17  ? 14.413  16.677  -3.384  1.00 19.32 ? 17  SER A CA  1 
ATOM   123  C  C   . SER A 1 17  ? 13.601  15.499  -2.835  1.00 19.19 ? 17  SER A C   1 
ATOM   124  O  O   . SER A 1 17  ? 14.064  14.358  -2.851  1.00 18.39 ? 17  SER A O   1 
ATOM   125  C  CB  . SER A 1 17  ? 13.845  17.173  -4.715  1.00 17.91 ? 17  SER A CB  1 
ATOM   126  O  OG  . SER A 1 17  ? 13.860  16.158  -5.698  1.00 22.34 ? 17  SER A OG  1 
ATOM   127  N  N   . ASP A 1 18  ? 12.394  15.783  -2.356  1.00 17.57 ? 18  ASP A N   1 
ATOM   128  C  CA  . ASP A 1 18  ? 11.530  14.766  -1.762  1.00 17.44 ? 18  ASP A CA  1 
ATOM   129  C  C   . ASP A 1 18  ? 11.175  13.550  -2.618  1.00 16.74 ? 18  ASP A C   1 
ATOM   130  O  O   . ASP A 1 18  ? 11.255  12.419  -2.143  1.00 15.53 ? 18  ASP A O   1 
ATOM   131  C  CB  . ASP A 1 18  ? 10.248  15.408  -1.238  1.00 17.94 ? 18  ASP A CB  1 
ATOM   132  C  CG  . ASP A 1 18  ? 9.393   14.437  -0.449  1.00 19.03 ? 18  ASP A CG  1 
ATOM   133  O  OD1 . ASP A 1 18  ? 9.737   14.150  0.714   1.00 21.80 ? 18  ASP A OD1 1 
ATOM   134  O  OD2 . ASP A 1 18  ? 8.390   13.948  -0.993  1.00 18.46 ? 18  ASP A OD2 1 
ATOM   135  N  N   . SER A 1 19  ? 10.800  13.769  -3.875  1.00 16.18 ? 19  SER A N   1 
ATOM   136  C  CA  . SER A 1 19  ? 10.403  12.658  -4.740  1.00 17.09 ? 19  SER A CA  1 
ATOM   137  C  C   . SER A 1 19  ? 11.475  11.610  -4.971  1.00 17.36 ? 19  SER A C   1 
ATOM   138  O  O   . SER A 1 19  ? 11.153  10.464  -5.267  1.00 17.21 ? 19  SER A O   1 
ATOM   139  C  CB  . SER A 1 19  ? 9.896   13.164  -6.095  1.00 15.42 ? 19  SER A CB  1 
ATOM   140  O  OG  . SER A 1 19  ? 10.969  13.482  -6.973  1.00 16.65 ? 19  SER A OG  1 
ATOM   141  N  N   . VAL A 1 20  ? 12.741  12.004  -4.853  1.00 16.60 ? 20  VAL A N   1 
ATOM   142  C  CA  . VAL A 1 20  ? 13.848  11.082  -5.083  1.00 15.45 ? 20  VAL A CA  1 
ATOM   143  C  C   . VAL A 1 20  ? 14.569  10.560  -3.838  1.00 14.99 ? 20  VAL A C   1 
ATOM   144  O  O   . VAL A 1 20  ? 15.638  9.965   -3.949  1.00 16.08 ? 20  VAL A O   1 
ATOM   145  C  CB  . VAL A 1 20  ? 14.873  11.662  -6.095  1.00 14.18 ? 20  VAL A CB  1 
ATOM   146  C  CG1 . VAL A 1 20  ? 14.206  11.847  -7.451  1.00 15.28 ? 20  VAL A CG1 1 
ATOM   147  C  CG2 . VAL A 1 20  ? 15.454  12.984  -5.593  1.00 14.18 ? 20  VAL A CG2 1 
ATOM   148  N  N   . ARG A 1 21  ? 13.988  10.784  -2.664  1.00 15.30 ? 21  ARG A N   1 
ATOM   149  C  CA  . ARG A 1 21  ? 14.571  10.296  -1.418  1.00 17.32 ? 21  ARG A CA  1 
ATOM   150  C  C   . ARG A 1 21  ? 14.559  8.765   -1.443  1.00 16.86 ? 21  ARG A C   1 
ATOM   151  O  O   . ARG A 1 21  ? 13.539  8.152   -1.768  1.00 17.29 ? 21  ARG A O   1 
ATOM   152  C  CB  . ARG A 1 21  ? 13.763  10.803  -0.214  1.00 16.54 ? 21  ARG A CB  1 
ATOM   153  C  CG  . ARG A 1 21  ? 13.890  12.299  0.057   1.00 23.19 ? 21  ARG A CG  1 
ATOM   154  C  CD  . ARG A 1 21  ? 12.857  12.787  1.080   1.00 25.13 ? 21  ARG A CD  1 
ATOM   155  N  NE  . ARG A 1 21  ? 12.914  12.014  2.319   1.00 29.34 ? 21  ARG A NE  1 
ATOM   156  C  CZ  . ARG A 1 21  ? 11.852  11.558  2.982   1.00 30.71 ? 21  ARG A CZ  1 
ATOM   157  N  NH1 . ARG A 1 21  ? 10.625  11.800  2.539   1.00 28.17 ? 21  ARG A NH1 1 
ATOM   158  N  NH2 . ARG A 1 21  ? 12.022  10.821  4.073   1.00 29.55 ? 21  ARG A NH2 1 
ATOM   159  N  N   . PRO A 1 22  ? 15.712  8.128   -1.190  1.00 16.76 ? 22  PRO A N   1 
ATOM   160  C  CA  . PRO A 1 22  ? 15.727  6.663   -1.202  1.00 17.22 ? 22  PRO A CA  1 
ATOM   161  C  C   . PRO A 1 22  ? 15.309  6.070   0.144   1.00 17.92 ? 22  PRO A C   1 
ATOM   162  O  O   . PRO A 1 22  ? 15.125  6.783   1.133   1.00 17.78 ? 22  PRO A O   1 
ATOM   163  C  CB  . PRO A 1 22  ? 17.190  6.346   -1.516  1.00 16.10 ? 22  PRO A CB  1 
ATOM   164  C  CG  . PRO A 1 22  ? 17.911  7.426   -0.797  1.00 13.95 ? 22  PRO A CG  1 
ATOM   165  C  CD  . PRO A 1 22  ? 17.083  8.666   -1.113  1.00 17.18 ? 22  PRO A CD  1 
ATOM   166  N  N   . LEU A 1 23  ? 15.130  4.760   0.162   1.00 16.85 ? 23  LEU A N   1 
ATOM   167  C  CA  . LEU A 1 23  ? 14.761  4.067   1.378   1.00 17.38 ? 23  LEU A CA  1 
ATOM   168  C  C   . LEU A 1 23  ? 16.049  3.856   2.167   1.00 18.26 ? 23  LEU A C   1 
ATOM   169  O  O   . LEU A 1 23  ? 17.130  3.793   1.594   1.00 18.51 ? 23  LEU A O   1 
ATOM   170  C  CB  . LEU A 1 23  ? 14.172  2.712   1.013   1.00 17.88 ? 23  LEU A CB  1 
ATOM   171  C  CG  . LEU A 1 23  ? 12.779  2.281   1.459   1.00 16.96 ? 23  LEU A CG  1 
ATOM   172  C  CD1 . LEU A 1 23  ? 11.735  3.341   1.166   1.00 15.84 ? 23  LEU A CD1 1 
ATOM   173  C  CD2 . LEU A 1 23  ? 12.466  0.994   0.725   1.00 16.06 ? 23  LEU A CD2 1 
ATOM   174  N  N   . THR A 1 24  ? 15.944  3.807   3.485   1.00 19.26 ? 24  THR A N   1 
ATOM   175  C  CA  . THR A 1 24  ? 17.119  3.562   4.306   1.00 20.80 ? 24  THR A CA  1 
ATOM   176  C  C   . THR A 1 24  ? 17.277  2.038   4.418   1.00 21.51 ? 24  THR A C   1 
ATOM   177  O  O   . THR A 1 24  ? 16.408  1.287   3.969   1.00 17.65 ? 24  THR A O   1 
ATOM   178  C  CB  . THR A 1 24  ? 16.963  4.181   5.712   1.00 20.01 ? 24  THR A CB  1 
ATOM   179  O  OG1 . THR A 1 24  ? 15.894  3.535   6.415   1.00 19.56 ? 24  THR A OG1 1 
ATOM   180  C  CG2 . THR A 1 24  ? 16.661  5.655   5.608   1.00 20.76 ? 24  THR A CG2 1 
ATOM   181  N  N   . THR A 1 25  ? 18.394  1.580   4.977   1.00 22.27 ? 25  THR A N   1 
ATOM   182  C  CA  . THR A 1 25  ? 18.605  0.143   5.144   1.00 23.97 ? 25  THR A CA  1 
ATOM   183  C  C   . THR A 1 25  ? 17.486  -0.401  6.041   1.00 22.76 ? 25  THR A C   1 
ATOM   184  O  O   . THR A 1 25  ? 16.924  -1.457  5.766   1.00 23.35 ? 25  THR A O   1 
ATOM   185  C  CB  . THR A 1 25  ? 19.980  -0.162  5.777   1.00 25.50 ? 25  THR A CB  1 
ATOM   186  O  OG1 . THR A 1 25  ? 21.021  0.230   4.873   1.00 27.30 ? 25  THR A OG1 1 
ATOM   187  C  CG2 . THR A 1 25  ? 20.113  -1.648  6.068   1.00 25.91 ? 25  THR A CG2 1 
ATOM   188  N  N   . ASN A 1 26  ? 17.139  0.362   7.077   1.00 22.85 ? 26  ASN A N   1 
ATOM   189  C  CA  . ASN A 1 26  ? 16.077  -0.011  8.009   1.00 25.31 ? 26  ASN A CA  1 
ATOM   190  C  C   . ASN A 1 26  ? 14.754  -0.085  7.243   1.00 24.61 ? 26  ASN A C   1 
ATOM   191  O  O   . ASN A 1 26  ? 13.953  -0.994  7.461   1.00 23.42 ? 26  ASN A O   1 
ATOM   192  C  CB  . ASN A 1 26  ? 15.982  1.013   9.150   1.00 28.95 ? 26  ASN A CB  1 
ATOM   193  C  CG  . ASN A 1 26  ? 14.913  0.660   10.170  1.00 32.97 ? 26  ASN A CG  1 
ATOM   194  O  OD1 . ASN A 1 26  ? 15.000  -0.364  10.850  1.00 35.82 ? 26  ASN A OD1 1 
ATOM   195  N  ND2 . ASN A 1 26  ? 13.896  1.509   10.282  1.00 35.29 ? 26  ASN A ND2 1 
ATOM   196  N  N   . GLY A 1 27  ? 14.549  0.860   6.327   1.00 23.17 ? 27  GLY A N   1 
ATOM   197  C  CA  . GLY A 1 27  ? 13.339  0.868   5.521   1.00 21.90 ? 27  GLY A CA  1 
ATOM   198  C  C   . GLY A 1 27  ? 13.243  -0.379  4.659   1.00 20.00 ? 27  GLY A C   1 
ATOM   199  O  O   . GLY A 1 27  ? 12.148  -0.886  4.407   1.00 20.23 ? 27  GLY A O   1 
ATOM   200  N  N   . CYS A 1 28  ? 14.392  -0.877  4.211   1.00 18.10 ? 28  CYS A N   1 
ATOM   201  C  CA  . CYS A 1 28  ? 14.438  -2.079  3.390   1.00 17.20 ? 28  CYS A CA  1 
ATOM   202  C  C   . CYS A 1 28  ? 14.133  -3.314  4.225   1.00 18.19 ? 28  CYS A C   1 
ATOM   203  O  O   . CYS A 1 28  ? 13.363  -4.178  3.805   1.00 17.85 ? 28  CYS A O   1 
ATOM   204  C  CB  . CYS A 1 28  ? 15.810  -2.238  2.736   1.00 18.13 ? 28  CYS A CB  1 
ATOM   205  S  SG  . CYS A 1 28  ? 16.162  -1.039  1.439   1.00 20.35 ? 28  CYS A SG  1 
ATOM   206  N  N   . ASP A 1 29  ? 14.737  -3.388  5.408   1.00 16.59 ? 29  ASP A N   1 
ATOM   207  C  CA  . ASP A 1 29  ? 14.531  -4.526  6.298   1.00 18.32 ? 29  ASP A CA  1 
ATOM   208  C  C   . ASP A 1 29  ? 13.095  -4.678  6.786   1.00 18.13 ? 29  ASP A C   1 
ATOM   209  O  O   . ASP A 1 29  ? 12.547  -5.782  6.759   1.00 17.00 ? 29  ASP A O   1 
ATOM   210  C  CB  . ASP A 1 29  ? 15.481  -4.454  7.490   1.00 19.92 ? 29  ASP A CB  1 
ATOM   211  C  CG  . ASP A 1 29  ? 16.932  -4.591  7.080   1.00 25.06 ? 29  ASP A CG  1 
ATOM   212  O  OD1 . ASP A 1 29  ? 17.212  -5.324  6.105   1.00 29.05 ? 29  ASP A OD1 1 
ATOM   213  O  OD2 . ASP A 1 29  ? 17.796  -3.961  7.728   1.00 26.41 ? 29  ASP A OD2 1 
ATOM   214  N  N   . GLU A 1 30  ? 12.474  -3.573  7.199   1.00 17.18 ? 30  GLU A N   1 
ATOM   215  C  CA  . GLU A 1 30  ? 11.102  -3.612  7.688   1.00 17.45 ? 30  GLU A CA  1 
ATOM   216  C  C   . GLU A 1 30  ? 10.096  -3.980  6.604   1.00 16.86 ? 30  GLU A C   1 
ATOM   217  O  O   . GLU A 1 30  ? 9.086   -4.625  6.889   1.00 17.34 ? 30  GLU A O   1 
ATOM   218  C  CB  . GLU A 1 30  ? 10.724  -2.292  8.360   1.00 19.33 ? 30  GLU A CB  1 
ATOM   219  C  CG  . GLU A 1 30  ? 11.558  -1.991  9.598   1.00 24.74 ? 30  GLU A CG  1 
ATOM   220  C  CD  . GLU A 1 30  ? 11.031  -0.822  10.423  1.00 29.20 ? 30  GLU A CD  1 
ATOM   221  O  OE1 . GLU A 1 30  ? 10.516  0.162   9.841   1.00 29.39 ? 30  GLU A OE1 1 
ATOM   222  O  OE2 . GLU A 1 30  ? 11.139  -0.889  11.667  1.00 30.70 ? 30  GLU A OE2 1 
ATOM   223  N  N   . SER A 1 31  ? 10.379  -3.586  5.363   1.00 14.79 ? 31  SER A N   1 
ATOM   224  C  CA  . SER A 1 31  ? 9.500   -3.907  4.238   1.00 18.01 ? 31  SER A CA  1 
ATOM   225  C  C   . SER A 1 31  ? 9.571   -5.405  3.922   1.00 19.59 ? 31  SER A C   1 
ATOM   226  O  O   . SER A 1 31  ? 8.548   -6.028  3.637   1.00 19.31 ? 31  SER A O   1 
ATOM   227  C  CB  . SER A 1 31  ? 9.885   -3.096  3.005   1.00 17.11 ? 31  SER A CB  1 
ATOM   228  O  OG  . SER A 1 31  ? 9.738   -1.716  3.258   1.00 20.26 ? 31  SER A OG  1 
ATOM   229  N  N   . ARG A 1 32  ? 10.779  -5.973  3.969   1.00 19.82 ? 32  ARG A N   1 
ATOM   230  C  CA  . ARG A 1 32  ? 10.961  -7.404  3.716   1.00 20.90 ? 32  ARG A CA  1 
ATOM   231  C  C   . ARG A 1 32  ? 10.333  -8.227  4.847   1.00 19.44 ? 32  ARG A C   1 
ATOM   232  O  O   . ARG A 1 32  ? 9.828   -9.325  4.620   1.00 18.35 ? 32  ARG A O   1 
ATOM   233  C  CB  . ARG A 1 32  ? 12.444  -7.757  3.606   1.00 23.03 ? 32  ARG A CB  1 
ATOM   234  C  CG  . ARG A 1 32  ? 13.101  -7.367  2.294   1.00 28.40 ? 32  ARG A CG  1 
ATOM   235  C  CD  . ARG A 1 32  ? 14.557  -7.827  2.280   1.00 36.20 ? 32  ARG A CD  1 
ATOM   236  N  NE  . ARG A 1 32  ? 15.259  -7.412  1.068   1.00 41.74 ? 32  ARG A NE  1 
ATOM   237  C  CZ  . ARG A 1 32  ? 15.508  -8.206  0.030   1.00 41.54 ? 32  ARG A CZ  1 
ATOM   238  N  NH1 . ARG A 1 32  ? 15.117  -9.473  0.049   1.00 42.69 ? 32  ARG A NH1 1 
ATOM   239  N  NH2 . ARG A 1 32  ? 16.140  -7.728  -1.035  1.00 41.21 ? 32  ARG A NH2 1 
ATOM   240  N  N   . LEU A 1 33  ? 10.378  -7.685  6.062   1.00 19.29 ? 33  LEU A N   1 
ATOM   241  C  CA  . LEU A 1 33  ? 9.809   -8.345  7.239   1.00 18.70 ? 33  LEU A CA  1 
ATOM   242  C  C   . LEU A 1 33  ? 8.297   -8.488  7.058   1.00 17.59 ? 33  LEU A C   1 
ATOM   243  O  O   . LEU A 1 33  ? 7.719   -9.539  7.353   1.00 16.04 ? 33  LEU A O   1 
ATOM   244  C  CB  . LEU A 1 33  ? 10.113  -7.526  8.495   1.00 18.46 ? 33  LEU A CB  1 
ATOM   245  C  CG  . LEU A 1 33  ? 9.657   -8.095  9.837   1.00 21.33 ? 33  LEU A CG  1 
ATOM   246  C  CD1 . LEU A 1 33  ? 10.421  -9.381  10.152  1.00 23.56 ? 33  LEU A CD1 1 
ATOM   247  C  CD2 . LEU A 1 33  ? 9.875   -7.065  10.927  1.00 21.36 ? 33  LEU A CD2 1 
ATOM   248  N  N   . MET A 1 34  ? 7.674   -7.426  6.554   1.00 14.56 ? 34  MET A N   1 
ATOM   249  C  CA  . MET A 1 34  ? 6.238   -7.410  6.307   1.00 15.97 ? 34  MET A CA  1 
ATOM   250  C  C   . MET A 1 34  ? 5.882   -8.308  5.122   1.00 17.50 ? 34  MET A C   1 
ATOM   251  O  O   . MET A 1 34  ? 4.888   -9.032  5.165   1.00 17.26 ? 34  MET A O   1 
ATOM   252  C  CB  . MET A 1 34  ? 5.762   -5.981  6.039   1.00 15.27 ? 34  MET A CB  1 
ATOM   253  C  CG  . MET A 1 34  ? 5.878   -5.036  7.227   1.00 17.24 ? 34  MET A CG  1 
ATOM   254  S  SD  . MET A 1 34  ? 4.918   -5.564  8.654   1.00 21.47 ? 34  MET A SD  1 
ATOM   255  C  CE  . MET A 1 34  ? 3.251   -5.664  7.962   1.00 16.08 ? 34  MET A CE  1 
ATOM   256  N  N   . ALA A 1 35  ? 6.699   -8.260  4.070   1.00 17.81 ? 35  ALA A N   1 
ATOM   257  C  CA  . ALA A 1 35  ? 6.479   -9.075  2.879   1.00 17.52 ? 35  ALA A CA  1 
ATOM   258  C  C   . ALA A 1 35  ? 6.508   -10.557 3.249   1.00 17.93 ? 35  ALA A C   1 
ATOM   259  O  O   . ALA A 1 35  ? 5.678   -11.335 2.784   1.00 18.55 ? 35  ALA A O   1 
ATOM   260  C  CB  . ALA A 1 35  ? 7.542   -8.769  1.827   1.00 13.81 ? 35  ALA A CB  1 
ATOM   261  N  N   . ASN A 1 36  ? 7.461   -10.931 4.100   1.00 18.28 ? 36  ASN A N   1 
ATOM   262  C  CA  . ASN A 1 36  ? 7.605   -12.310 4.568   1.00 20.83 ? 36  ASN A CA  1 
ATOM   263  C  C   . ASN A 1 36  ? 6.400   -12.738 5.397   1.00 19.52 ? 36  ASN A C   1 
ATOM   264  O  O   . ASN A 1 36  ? 5.980   -13.893 5.345   1.00 17.68 ? 36  ASN A O   1 
ATOM   265  C  CB  . ASN A 1 36  ? 8.886   -12.474 5.395   1.00 25.15 ? 36  ASN A CB  1 
ATOM   266  C  CG  . ASN A 1 36  ? 10.103  -12.785 4.534   1.00 32.92 ? 36  ASN A CG  1 
ATOM   267  O  OD1 . ASN A 1 36  ? 9.985   -13.409 3.472   1.00 36.41 ? 36  ASN A OD1 1 
ATOM   268  N  ND2 . ASN A 1 36  ? 11.282  -12.359 4.991   1.00 33.45 ? 36  ASN A ND2 1 
ATOM   269  N  N   . TRP A 1 37  ? 5.843   -11.795 6.150   1.00 18.64 ? 37  TRP A N   1 
ATOM   270  C  CA  . TRP A 1 37  ? 4.682   -12.075 6.977   1.00 20.42 ? 37  TRP A CA  1 
ATOM   271  C  C   . TRP A 1 37  ? 3.438   -12.306 6.108   1.00 21.87 ? 37  TRP A C   1 
ATOM   272  O  O   . TRP A 1 37  ? 2.634   -13.193 6.396   1.00 21.65 ? 37  TRP A O   1 
ATOM   273  C  CB  . TRP A 1 37  ? 4.461   -10.943 7.978   1.00 18.96 ? 37  TRP A CB  1 
ATOM   274  C  CG  . TRP A 1 37  ? 3.236   -11.128 8.806   1.00 21.06 ? 37  TRP A CG  1 
ATOM   275  C  CD1 . TRP A 1 37  ? 3.104   -11.906 9.928   1.00 19.36 ? 37  TRP A CD1 1 
ATOM   276  C  CD2 . TRP A 1 37  ? 1.955   -10.537 8.572   1.00 19.45 ? 37  TRP A CD2 1 
ATOM   277  N  NE1 . TRP A 1 37  ? 1.816   -11.828 10.403  1.00 18.06 ? 37  TRP A NE1 1 
ATOM   278  C  CE2 . TRP A 1 37  ? 1.090   -10.998 9.590   1.00 18.99 ? 37  TRP A CE2 1 
ATOM   279  C  CE3 . TRP A 1 37  ? 1.453   -9.663  7.599   1.00 18.40 ? 37  TRP A CE3 1 
ATOM   280  C  CZ2 . TRP A 1 37  ? -0.248  -10.615 9.659   1.00 18.25 ? 37  TRP A CZ2 1 
ATOM   281  C  CZ3 . TRP A 1 37  ? 0.121   -9.280  7.671   1.00 17.27 ? 37  TRP A CZ3 1 
ATOM   282  C  CH2 . TRP A 1 37  ? -0.713  -9.757  8.695   1.00 17.67 ? 37  TRP A CH2 1 
ATOM   283  N  N   . LEU A 1 38  ? 3.294   -11.517 5.044   1.00 23.65 ? 38  LEU A N   1 
ATOM   284  C  CA  . LEU A 1 38  ? 2.165   -11.657 4.112   1.00 25.94 ? 38  LEU A CA  1 
ATOM   285  C  C   . LEU A 1 38  ? 2.248   -12.998 3.380   1.00 27.25 ? 38  LEU A C   1 
ATOM   286  O  O   . LEU A 1 38  ? 1.230   -13.551 2.944   1.00 28.47 ? 38  LEU A O   1 
ATOM   287  C  CB  . LEU A 1 38  ? 2.177   -10.542 3.063   1.00 25.44 ? 38  LEU A CB  1 
ATOM   288  C  CG  . LEU A 1 38  ? 1.566   -9.169  3.338   1.00 25.36 ? 38  LEU A CG  1 
ATOM   289  C  CD1 . LEU A 1 38  ? 1.719   -8.340  2.075   1.00 25.54 ? 38  LEU A CD1 1 
ATOM   290  C  CD2 . LEU A 1 38  ? 0.086   -9.295  3.702   1.00 25.61 ? 38  LEU A CD2 1 
ATOM   291  N  N   . LYS A 1 39  ? 3.478   -13.478 3.204   1.00 29.45 ? 39  LYS A N   1 
ATOM   292  C  CA  . LYS A 1 39  ? 3.751   -14.749 2.541   1.00 31.05 ? 39  LYS A CA  1 
ATOM   293  C  C   . LYS A 1 39  ? 3.251   -15.886 3.434   1.00 30.91 ? 39  LYS A C   1 
ATOM   294  O  O   . LYS A 1 39  ? 2.675   -16.863 2.950   1.00 30.35 ? 39  LYS A O   1 
ATOM   295  C  CB  . LYS A 1 39  ? 5.254   -14.879 2.292   1.00 32.12 ? 39  LYS A CB  1 
ATOM   296  C  CG  . LYS A 1 39  ? 5.685   -16.081 1.486   1.00 37.62 ? 39  LYS A CG  1 
ATOM   297  C  CD  . LYS A 1 39  ? 7.203   -16.080 1.338   1.00 42.33 ? 39  LYS A CD  1 
ATOM   298  C  CE  . LYS A 1 39  ? 7.710   -17.319 0.620   1.00 46.71 ? 39  LYS A CE  1 
ATOM   299  N  NZ  . LYS A 1 39  ? 9.200   -17.347 0.582   1.00 48.38 ? 39  LYS A NZ  1 
ATOM   300  N  N   . GLY A 1 40  ? 3.449   -15.728 4.744   1.00 31.42 ? 40  GLY A N   1 
ATOM   301  C  CA  . GLY A 1 40  ? 3.005   -16.730 5.698   1.00 32.35 ? 40  GLY A CA  1 
ATOM   302  C  C   . GLY A 1 40  ? 1.492   -16.748 5.839   1.00 33.23 ? 40  GLY A C   1 
ATOM   303  O  O   . GLY A 1 40  ? 0.903   -17.763 6.216   1.00 34.61 ? 40  GLY A O   1 
ATOM   304  N  N   . GLN A 1 41  ? 0.859   -15.620 5.533   1.00 32.85 ? 41  GLN A N   1 
ATOM   305  C  CA  . GLN A 1 41  ? -0.589  -15.509 5.611   1.00 33.87 ? 41  GLN A CA  1 
ATOM   306  C  C   . GLN A 1 41  ? -1.253  -16.132 4.389   1.00 35.33 ? 41  GLN A C   1 
ATOM   307  O  O   . GLN A 1 41  ? -2.479  -16.106 4.266   1.00 36.54 ? 41  GLN A O   1 
ATOM   308  C  CB  . GLN A 1 41  ? -1.001  -14.040 5.739   1.00 33.40 ? 41  GLN A CB  1 
ATOM   309  C  CG  . GLN A 1 41  ? -0.558  -13.378 7.030   1.00 34.60 ? 41  GLN A CG  1 
ATOM   310  C  CD  . GLN A 1 41  ? -1.199  -13.998 8.263   1.00 37.20 ? 41  GLN A CD  1 
ATOM   311  O  OE1 . GLN A 1 41  ? -2.423  -14.025 8.394   1.00 38.94 ? 41  GLN A OE1 1 
ATOM   312  N  NE2 . GLN A 1 41  ? -0.372  -14.486 9.181   1.00 38.77 ? 41  GLN A NE2 1 
ATOM   313  N  N   . LYS A 1 42  ? -0.440  -16.687 3.489   1.00 36.85 ? 42  LYS A N   1 
ATOM   314  C  CA  . LYS A 1 42  ? -0.929  -17.322 2.262   1.00 38.06 ? 42  LYS A CA  1 
ATOM   315  C  C   . LYS A 1 42  ? -1.614  -16.309 1.345   1.00 37.25 ? 42  LYS A C   1 
ATOM   316  O  O   . LYS A 1 42  ? -2.634  -16.600 0.721   1.00 36.57 ? 42  LYS A O   1 
ATOM   317  C  CB  . LYS A 1 42  ? -1.884  -18.484 2.588   1.00 40.00 ? 42  LYS A CB  1 
ATOM   318  C  CG  . LYS A 1 42  ? -1.204  -19.836 2.785   1.00 43.53 ? 42  LYS A CG  1 
ATOM   319  C  CD  . LYS A 1 42  ? -0.283  -19.851 3.989   1.00 44.93 ? 42  LYS A CD  1 
ATOM   320  C  CE  . LYS A 1 42  ? 0.594   -21.091 3.976   1.00 46.85 ? 42  LYS A CE  1 
ATOM   321  N  NZ  . LYS A 1 42  ? 1.560   -21.091 5.107   1.00 48.60 ? 42  LYS A NZ  1 
ATOM   322  N  N   . VAL A 1 43  ? -1.025  -15.122 1.254   1.00 35.83 ? 43  VAL A N   1 
ATOM   323  C  CA  . VAL A 1 43  ? -1.578  -14.056 0.437   1.00 34.64 ? 43  VAL A CA  1 
ATOM   324  C  C   . VAL A 1 43  ? -1.064  -14.092 -0.999  1.00 32.76 ? 43  VAL A C   1 
ATOM   325  O  O   . VAL A 1 43  ? 0.129   -14.287 -1.233  1.00 33.52 ? 43  VAL A O   1 
ATOM   326  C  CB  . VAL A 1 43  ? -1.284  -12.675 1.081   1.00 35.36 ? 43  VAL A CB  1 
ATOM   327  C  CG1 . VAL A 1 43  ? -1.642  -11.543 0.132   1.00 34.93 ? 43  VAL A CG1 1 
ATOM   328  C  CG2 . VAL A 1 43  ? -2.073  -12.537 2.382   1.00 34.52 ? 43  VAL A CG2 1 
ATOM   329  N  N   . GLU A 1 44  ? -1.987  -13.962 -1.950  1.00 29.23 ? 44  GLU A N   1 
ATOM   330  C  CA  . GLU A 1 44  ? -1.651  -13.938 -3.370  1.00 28.26 ? 44  GLU A CA  1 
ATOM   331  C  C   . GLU A 1 44  ? -2.120  -12.609 -3.961  1.00 26.17 ? 44  GLU A C   1 
ATOM   332  O  O   . GLU A 1 44  ? -3.315  -12.323 -3.987  1.00 25.54 ? 44  GLU A O   1 
ATOM   333  C  CB  . GLU A 1 44  ? -2.312  -15.099 -4.108  1.00 31.84 ? 44  GLU A CB  1 
ATOM   334  C  CG  . GLU A 1 44  ? -1.794  -16.469 -3.715  1.00 39.43 ? 44  GLU A CG  1 
ATOM   335  C  CD  . GLU A 1 44  ? -2.321  -17.568 -4.622  1.00 44.59 ? 44  GLU A CD  1 
ATOM   336  O  OE1 . GLU A 1 44  ? -3.525  -17.897 -4.532  1.00 46.28 ? 44  GLU A OE1 1 
ATOM   337  O  OE2 . GLU A 1 44  ? -1.526  -18.100 -5.431  1.00 48.85 ? 44  GLU A OE2 1 
ATOM   338  N  N   . ILE A 1 45  ? -1.170  -11.791 -4.407  1.00 22.18 ? 45  ILE A N   1 
ATOM   339  C  CA  . ILE A 1 45  ? -1.466  -10.480 -4.985  1.00 17.82 ? 45  ILE A CA  1 
ATOM   340  C  C   . ILE A 1 45  ? -1.623  -10.555 -6.510  1.00 17.27 ? 45  ILE A C   1 
ATOM   341  O  O   . ILE A 1 45  ? -0.725  -11.007 -7.214  1.00 16.36 ? 45  ILE A O   1 
ATOM   342  C  CB  . ILE A 1 45  ? -0.349  -9.458  -4.621  1.00 17.15 ? 45  ILE A CB  1 
ATOM   343  C  CG1 . ILE A 1 45  ? -0.224  -9.323  -3.098  1.00 17.78 ? 45  ILE A CG1 1 
ATOM   344  C  CG2 . ILE A 1 45  ? -0.641  -8.097  -5.228  1.00 18.17 ? 45  ILE A CG2 1 
ATOM   345  C  CD1 . ILE A 1 45  ? -1.526  -8.916  -2.392  1.00 17.02 ? 45  ILE A CD1 1 
ATOM   346  N  N   . GLU A 1 46  ? -2.759  -10.082 -7.013  1.00 14.31 ? 46  GLU A N   1 
ATOM   347  C  CA  . GLU A 1 46  ? -3.031  -10.108 -8.447  1.00 17.11 ? 46  GLU A CA  1 
ATOM   348  C  C   . GLU A 1 46  ? -2.610  -8.820  -9.174  1.00 16.50 ? 46  GLU A C   1 
ATOM   349  O  O   . GLU A 1 46  ? -2.149  -8.868  -10.316 1.00 17.90 ? 46  GLU A O   1 
ATOM   350  C  CB  . GLU A 1 46  ? -4.518  -10.385 -8.692  1.00 16.26 ? 46  GLU A CB  1 
ATOM   351  C  CG  . GLU A 1 46  ? -4.888  -10.585 -10.160 1.00 19.14 ? 46  GLU A CG  1 
ATOM   352  C  CD  . GLU A 1 46  ? -6.370  -10.882 -10.381 1.00 18.62 ? 46  GLU A CD  1 
ATOM   353  O  OE1 . GLU A 1 46  ? -7.011  -11.480 -9.491  1.00 16.31 ? 46  GLU A OE1 1 
ATOM   354  O  OE2 . GLU A 1 46  ? -6.886  -10.528 -11.461 1.00 21.17 ? 46  GLU A OE2 1 
ATOM   355  N  N   . ARG A 1 47  ? -2.775  -7.676  -8.510  1.00 15.39 ? 47  ARG A N   1 
ATOM   356  C  CA  . ARG A 1 47  ? -2.437  -6.369  -9.082  1.00 14.36 ? 47  ARG A CA  1 
ATOM   357  C  C   . ARG A 1 47  ? -1.695  -5.498  -8.057  1.00 13.68 ? 47  ARG A C   1 
ATOM   358  O  O   . ARG A 1 47  ? -1.905  -5.622  -6.849  1.00 11.21 ? 47  ARG A O   1 
ATOM   359  C  CB  . ARG A 1 47  ? -3.718  -5.648  -9.536  1.00 14.14 ? 47  ARG A CB  1 
ATOM   360  C  CG  . ARG A 1 47  ? -4.518  -6.377  -10.615 1.00 11.21 ? 47  ARG A CG  1 
ATOM   361  C  CD  . ARG A 1 47  ? -3.870  -6.258  -11.980 1.00 9.09  ? 47  ARG A CD  1 
ATOM   362  N  NE  . ARG A 1 47  ? -4.142  -4.955  -12.571 1.00 11.20 ? 47  ARG A NE  1 
ATOM   363  C  CZ  . ARG A 1 47  ? -5.205  -4.689  -13.326 1.00 12.93 ? 47  ARG A CZ  1 
ATOM   364  N  NH1 . ARG A 1 47  ? -6.090  -5.639  -13.587 1.00 14.76 ? 47  ARG A NH1 1 
ATOM   365  N  NH2 . ARG A 1 47  ? -5.398  -3.467  -13.804 1.00 11.73 ? 47  ARG A NH2 1 
ATOM   366  N  N   . VAL A 1 48  ? -0.824  -4.622  -8.547  1.00 12.64 ? 48  VAL A N   1 
ATOM   367  C  CA  . VAL A 1 48  ? -0.053  -3.734  -7.685  1.00 12.21 ? 48  VAL A CA  1 
ATOM   368  C  C   . VAL A 1 48  ? -0.126  -2.296  -8.189  1.00 11.31 ? 48  VAL A C   1 
ATOM   369  O  O   . VAL A 1 48  ? 0.166   -2.033  -9.357  1.00 10.89 ? 48  VAL A O   1 
ATOM   370  C  CB  . VAL A 1 48  ? 1.441   -4.123  -7.645  1.00 15.43 ? 48  VAL A CB  1 
ATOM   371  C  CG1 . VAL A 1 48  ? 2.175   -3.278  -6.615  1.00 16.24 ? 48  VAL A CG1 1 
ATOM   372  C  CG2 . VAL A 1 48  ? 1.602   -5.598  -7.339  1.00 19.52 ? 48  VAL A CG2 1 
ATOM   373  N  N   . LEU A 1 49  ? -0.548  -1.386  -7.312  1.00 10.29 ? 49  LEU A N   1 
ATOM   374  C  CA  . LEU A 1 49  ? -0.636  0.035   -7.628  1.00 9.09  ? 49  LEU A CA  1 
ATOM   375  C  C   . LEU A 1 49  ? 0.423   0.705   -6.753  1.00 10.46 ? 49  LEU A C   1 
ATOM   376  O  O   . LEU A 1 49  ? 0.488   0.456   -5.548  1.00 11.24 ? 49  LEU A O   1 
ATOM   377  C  CB  . LEU A 1 49  ? -2.016  0.583   -7.276  1.00 10.94 ? 49  LEU A CB  1 
ATOM   378  C  CG  . LEU A 1 49  ? -3.244  -0.179  -7.770  1.00 12.20 ? 49  LEU A CG  1 
ATOM   379  C  CD1 . LEU A 1 49  ? -4.478  0.642   -7.458  1.00 9.85  ? 49  LEU A CD1 1 
ATOM   380  C  CD2 . LEU A 1 49  ? -3.149  -0.460  -9.254  1.00 10.36 ? 49  LEU A CD2 1 
ATOM   381  N  N   . VAL A 1 50  ? 1.235   1.572   -7.345  1.00 8.99  ? 50  VAL A N   1 
ATOM   382  C  CA  . VAL A 1 50  ? 2.300   2.218   -6.599  1.00 10.73 ? 50  VAL A CA  1 
ATOM   383  C  C   . VAL A 1 50  ? 2.516   3.690   -6.967  1.00 12.50 ? 50  VAL A C   1 
ATOM   384  O  O   . VAL A 1 50  ? 2.275   4.118   -8.098  1.00 12.04 ? 50  VAL A O   1 
ATOM   385  C  CB  . VAL A 1 50  ? 3.632   1.426   -6.779  1.00 12.93 ? 50  VAL A CB  1 
ATOM   386  C  CG1 . VAL A 1 50  ? 4.098   1.485   -8.236  1.00 13.03 ? 50  VAL A CG1 1 
ATOM   387  C  CG2 . VAL A 1 50  ? 4.710   1.939   -5.835  1.00 10.51 ? 50  VAL A CG2 1 
ATOM   388  N  N   . SER A 1 51  ? 2.946   4.463   -5.974  1.00 13.20 ? 51  SER A N   1 
ATOM   389  C  CA  . SER A 1 51  ? 3.239   5.877   -6.149  1.00 13.19 ? 51  SER A CA  1 
ATOM   390  C  C   . SER A 1 51  ? 4.493   6.025   -7.017  1.00 12.18 ? 51  SER A C   1 
ATOM   391  O  O   . SER A 1 51  ? 5.328   5.124   -7.064  1.00 11.35 ? 51  SER A O   1 
ATOM   392  C  CB  . SER A 1 51  ? 3.499   6.499   -4.781  1.00 12.73 ? 51  SER A CB  1 
ATOM   393  O  OG  . SER A 1 51  ? 4.151   7.746   -4.896  1.00 14.81 ? 51  SER A OG  1 
ATOM   394  N  N   . PRO A 1 52  ? 4.615   7.143   -7.755  1.00 14.33 ? 52  PRO A N   1 
ATOM   395  C  CA  . PRO A 1 52  ? 5.790   7.363   -8.607  1.00 13.53 ? 52  PRO A CA  1 
ATOM   396  C  C   . PRO A 1 52  ? 7.045   7.800   -7.838  1.00 14.93 ? 52  PRO A C   1 
ATOM   397  O  O   . PRO A 1 52  ? 8.133   7.849   -8.407  1.00 15.62 ? 52  PRO A O   1 
ATOM   398  C  CB  . PRO A 1 52  ? 5.311   8.449   -9.568  1.00 14.06 ? 52  PRO A CB  1 
ATOM   399  C  CG  . PRO A 1 52  ? 4.350   9.235   -8.740  1.00 15.65 ? 52  PRO A CG  1 
ATOM   400  C  CD  . PRO A 1 52  ? 3.573   8.153   -8.031  1.00 14.69 ? 52  PRO A CD  1 
ATOM   401  N  N   . PHE A 1 53  ? 6.891   8.147   -6.559  1.00 13.34 ? 53  PHE A N   1 
ATOM   402  C  CA  . PHE A 1 53  ? 8.038   8.566   -5.751  1.00 13.87 ? 53  PHE A CA  1 
ATOM   403  C  C   . PHE A 1 53  ? 8.933   7.361   -5.518  1.00 14.17 ? 53  PHE A C   1 
ATOM   404  O  O   . PHE A 1 53  ? 8.448   6.265   -5.241  1.00 14.77 ? 53  PHE A O   1 
ATOM   405  C  CB  . PHE A 1 53  ? 7.591   9.191   -4.421  1.00 14.16 ? 53  PHE A CB  1 
ATOM   406  C  CG  . PHE A 1 53  ? 7.050   10.585  -4.552  1.00 14.30 ? 53  PHE A CG  1 
ATOM   407  C  CD1 . PHE A 1 53  ? 6.660   11.087  -5.796  1.00 14.95 ? 53  PHE A CD1 1 
ATOM   408  C  CD2 . PHE A 1 53  ? 6.916   11.399  -3.435  1.00 15.79 ? 53  PHE A CD2 1 
ATOM   409  C  CE1 . PHE A 1 53  ? 6.146   12.374  -5.917  1.00 15.59 ? 53  PHE A CE1 1 
ATOM   410  C  CE2 . PHE A 1 53  ? 6.402   12.691  -3.549  1.00 13.11 ? 53  PHE A CE2 1 
ATOM   411  C  CZ  . PHE A 1 53  ? 6.017   13.177  -4.789  1.00 13.45 ? 53  PHE A CZ  1 
ATOM   412  N  N   . LEU A 1 54  ? 10.239  7.570   -5.643  1.00 15.60 ? 54  LEU A N   1 
ATOM   413  C  CA  . LEU A 1 54  ? 11.215  6.492   -5.501  1.00 15.99 ? 54  LEU A CA  1 
ATOM   414  C  C   . LEU A 1 54  ? 11.116  5.647   -4.241  1.00 13.10 ? 54  LEU A C   1 
ATOM   415  O  O   . LEU A 1 54  ? 11.336  4.446   -4.301  1.00 12.18 ? 54  LEU A O   1 
ATOM   416  C  CB  . LEU A 1 54  ? 12.646  7.007   -5.698  1.00 16.44 ? 54  LEU A CB  1 
ATOM   417  C  CG  . LEU A 1 54  ? 12.925  7.727   -7.027  1.00 18.80 ? 54  LEU A CG  1 
ATOM   418  C  CD1 . LEU A 1 54  ? 14.423  7.788   -7.265  1.00 18.92 ? 54  LEU A CD1 1 
ATOM   419  C  CD2 . LEU A 1 54  ? 12.243  7.021   -8.191  1.00 17.60 ? 54  LEU A CD2 1 
ATOM   420  N  N   . ARG A 1 55  ? 10.738  6.250   -3.118  1.00 13.00 ? 55  ARG A N   1 
ATOM   421  C  CA  . ARG A 1 55  ? 10.616  5.498   -1.875  1.00 13.22 ? 55  ARG A CA  1 
ATOM   422  C  C   . ARG A 1 55  ? 9.514   4.442   -1.891  1.00 14.03 ? 55  ARG A C   1 
ATOM   423  O  O   . ARG A 1 55  ? 9.636   3.407   -1.223  1.00 13.28 ? 55  ARG A O   1 
ATOM   424  C  CB  . ARG A 1 55  ? 10.478  6.423   -0.671  1.00 13.41 ? 55  ARG A CB  1 
ATOM   425  C  CG  . ARG A 1 55  ? 9.327   7.396   -0.699  1.00 14.10 ? 55  ARG A CG  1 
ATOM   426  C  CD  . ARG A 1 55  ? 9.481   8.300   0.503   1.00 13.91 ? 55  ARG A CD  1 
ATOM   427  N  NE  . ARG A 1 55  ? 8.480   9.353   0.600   1.00 14.50 ? 55  ARG A NE  1 
ATOM   428  C  CZ  . ARG A 1 55  ? 8.577   10.536  0.006   1.00 14.53 ? 55  ARG A CZ  1 
ATOM   429  N  NH1 . ARG A 1 55  ? 9.628   10.818  -0.755  1.00 12.52 ? 55  ARG A NH1 1 
ATOM   430  N  NH2 . ARG A 1 55  ? 7.659   11.467  0.234   1.00 15.95 ? 55  ARG A NH2 1 
ATOM   431  N  N   . ALA A 1 56  ? 8.449   4.695   -2.649  1.00 13.30 ? 56  ALA A N   1 
ATOM   432  C  CA  . ALA A 1 56  ? 7.354   3.735   -2.769  1.00 14.23 ? 56  ALA A CA  1 
ATOM   433  C  C   . ALA A 1 56  ? 7.789   2.614   -3.715  1.00 14.76 ? 56  ALA A C   1 
ATOM   434  O  O   . ALA A 1 56  ? 7.587   1.439   -3.425  1.00 13.50 ? 56  ALA A O   1 
ATOM   435  C  CB  . ALA A 1 56  ? 6.088   4.418   -3.299  1.00 11.26 ? 56  ALA A CB  1 
ATOM   436  N  N   . GLU A 1 57  ? 8.425   2.982   -4.824  1.00 12.82 ? 57  GLU A N   1 
ATOM   437  C  CA  . GLU A 1 57  ? 8.875   2.000   -5.801  1.00 14.67 ? 57  GLU A CA  1 
ATOM   438  C  C   . GLU A 1 57  ? 9.962   1.064   -5.270  1.00 15.47 ? 57  GLU A C   1 
ATOM   439  O  O   . GLU A 1 57  ? 10.019  -0.108  -5.650  1.00 14.80 ? 57  GLU A O   1 
ATOM   440  C  CB  . GLU A 1 57  ? 9.331   2.692   -7.085  1.00 17.14 ? 57  GLU A CB  1 
ATOM   441  C  CG  . GLU A 1 57  ? 8.216   3.462   -7.758  1.00 21.05 ? 57  GLU A CG  1 
ATOM   442  C  CD  . GLU A 1 57  ? 8.635   4.154   -9.036  1.00 24.27 ? 57  GLU A CD  1 
ATOM   443  O  OE1 . GLU A 1 57  ? 9.760   4.702   -9.101  1.00 29.08 ? 57  GLU A OE1 1 
ATOM   444  O  OE2 . GLU A 1 57  ? 7.817   4.169   -9.976  1.00 26.19 ? 57  GLU A OE2 1 
ATOM   445  N  N   . GLN A 1 58  ? 10.823  1.582   -4.398  1.00 14.84 ? 58  GLN A N   1 
ATOM   446  C  CA  . GLN A 1 58  ? 11.886  0.779   -3.805  1.00 15.91 ? 58  GLN A CA  1 
ATOM   447  C  C   . GLN A 1 58  ? 11.288  -0.196  -2.789  1.00 15.06 ? 58  GLN A C   1 
ATOM   448  O  O   . GLN A 1 58  ? 11.821  -1.284  -2.564  1.00 13.08 ? 58  GLN A O   1 
ATOM   449  C  CB  . GLN A 1 58  ? 12.928  1.686   -3.160  1.00 17.77 ? 58  GLN A CB  1 
ATOM   450  C  CG  . GLN A 1 58  ? 13.699  2.516   -4.185  1.00 22.90 ? 58  GLN A CG  1 
ATOM   451  C  CD  . GLN A 1 58  ? 14.768  3.396   -3.569  1.00 25.33 ? 58  GLN A CD  1 
ATOM   452  O  OE1 . GLN A 1 58  ? 15.018  3.348   -2.359  1.00 25.62 ? 58  GLN A OE1 1 
ATOM   453  N  NE2 . GLN A 1 58  ? 15.409  4.211   -4.402  1.00 25.39 ? 58  GLN A NE2 1 
ATOM   454  N  N   . THR A 1 59  ? 10.168  0.205   -2.186  1.00 15.17 ? 59  THR A N   1 
ATOM   455  C  CA  . THR A 1 59  ? 9.451   -0.628  -1.225  1.00 15.56 ? 59  THR A CA  1 
ATOM   456  C  C   . THR A 1 59  ? 8.838   -1.791  -1.999  1.00 15.92 ? 59  THR A C   1 
ATOM   457  O  O   . THR A 1 59  ? 8.828   -2.922  -1.526  1.00 17.72 ? 59  THR A O   1 
ATOM   458  C  CB  . THR A 1 59  ? 8.335   0.172   -0.540  1.00 15.69 ? 59  THR A CB  1 
ATOM   459  O  OG1 . THR A 1 59  ? 8.920   1.222   0.239   1.00 16.43 ? 59  THR A OG1 1 
ATOM   460  C  CG2 . THR A 1 59  ? 7.484   -0.723  0.356   1.00 15.48 ? 59  THR A CG2 1 
ATOM   461  N  N   . LEU A 1 60  ? 8.353   -1.500  -3.206  1.00 17.81 ? 60  LEU A N   1 
ATOM   462  C  CA  . LEU A 1 60  ? 7.759   -2.506  -4.083  1.00 18.86 ? 60  LEU A CA  1 
ATOM   463  C  C   . LEU A 1 60  ? 8.863   -3.501  -4.464  1.00 19.55 ? 60  LEU A C   1 
ATOM   464  O  O   . LEU A 1 60  ? 8.649   -4.711  -4.509  1.00 16.53 ? 60  LEU A O   1 
ATOM   465  C  CB  . LEU A 1 60  ? 7.224   -1.836  -5.352  1.00 19.68 ? 60  LEU A CB  1 
ATOM   466  C  CG  . LEU A 1 60  ? 6.108   -2.461  -6.199  1.00 22.28 ? 60  LEU A CG  1 
ATOM   467  C  CD1 . LEU A 1 60  ? 6.256   -1.945  -7.623  1.00 21.21 ? 60  LEU A CD1 1 
ATOM   468  C  CD2 . LEU A 1 60  ? 6.153   -3.974  -6.192  1.00 23.11 ? 60  LEU A CD2 1 
ATOM   469  N  N   . GLU A 1 61  ? 10.047  -2.967  -4.735  1.00 20.23 ? 61  GLU A N   1 
ATOM   470  C  CA  . GLU A 1 61  ? 11.204  -3.767  -5.105  1.00 23.30 ? 61  GLU A CA  1 
ATOM   471  C  C   . GLU A 1 61  ? 11.561  -4.755  -3.986  1.00 21.10 ? 61  GLU A C   1 
ATOM   472  O  O   . GLU A 1 61  ? 11.731  -5.948  -4.235  1.00 20.79 ? 61  GLU A O   1 
ATOM   473  C  CB  . GLU A 1 61  ? 12.379  -2.830  -5.390  1.00 27.51 ? 61  GLU A CB  1 
ATOM   474  C  CG  . GLU A 1 61  ? 13.643  -3.484  -5.903  1.00 39.55 ? 61  GLU A CG  1 
ATOM   475  C  CD  . GLU A 1 61  ? 14.801  -2.492  -5.985  1.00 46.43 ? 61  GLU A CD  1 
ATOM   476  O  OE1 . GLU A 1 61  ? 14.626  -1.411  -6.598  1.00 49.27 ? 61  GLU A OE1 1 
ATOM   477  O  OE2 . GLU A 1 61  ? 15.880  -2.783  -5.418  1.00 48.98 ? 61  GLU A OE2 1 
ATOM   478  N  N   . GLU A 1 62  ? 11.648  -4.254  -2.756  1.00 20.22 ? 62  GLU A N   1 
ATOM   479  C  CA  . GLU A 1 62  ? 11.984  -5.083  -1.601  1.00 19.57 ? 62  GLU A CA  1 
ATOM   480  C  C   . GLU A 1 62  ? 10.904  -6.121  -1.292  1.00 20.41 ? 62  GLU A C   1 
ATOM   481  O  O   . GLU A 1 62  ? 11.212  -7.240  -0.871  1.00 18.81 ? 62  GLU A O   1 
ATOM   482  C  CB  . GLU A 1 62  ? 12.238  -4.210  -0.373  1.00 18.62 ? 62  GLU A CB  1 
ATOM   483  C  CG  . GLU A 1 62  ? 13.351  -3.180  -0.551  1.00 19.64 ? 62  GLU A CG  1 
ATOM   484  C  CD  . GLU A 1 62  ? 14.705  -3.802  -0.836  1.00 21.86 ? 62  GLU A CD  1 
ATOM   485  O  OE1 . GLU A 1 62  ? 15.098  -4.741  -0.115  1.00 19.33 ? 62  GLU A OE1 1 
ATOM   486  O  OE2 . GLU A 1 62  ? 15.388  -3.348  -1.777  1.00 24.20 ? 62  GLU A OE2 1 
ATOM   487  N  N   . VAL A 1 63  ? 9.641   -5.736  -1.471  1.00 20.24 ? 63  VAL A N   1 
ATOM   488  C  CA  . VAL A 1 63  ? 8.517   -6.639  -1.234  1.00 18.33 ? 63  VAL A CA  1 
ATOM   489  C  C   . VAL A 1 63  ? 8.506   -7.760  -2.282  1.00 19.36 ? 63  VAL A C   1 
ATOM   490  O  O   . VAL A 1 63  ? 8.309   -8.930  -1.949  1.00 19.42 ? 63  VAL A O   1 
ATOM   491  C  CB  . VAL A 1 63  ? 7.159   -5.876  -1.259  1.00 18.34 ? 63  VAL A CB  1 
ATOM   492  C  CG1 . VAL A 1 63  ? 5.996   -6.859  -1.279  1.00 18.09 ? 63  VAL A CG1 1 
ATOM   493  C  CG2 . VAL A 1 63  ? 7.041   -4.962  -0.049  1.00 13.76 ? 63  VAL A CG2 1 
ATOM   494  N  N   . GLY A 1 64  ? 8.759   -7.388  -3.539  1.00 19.61 ? 64  GLY A N   1 
ATOM   495  C  CA  . GLY A 1 64  ? 8.773   -8.337  -4.643  1.00 19.43 ? 64  GLY A CA  1 
ATOM   496  C  C   . GLY A 1 64  ? 9.865   -9.382  -4.549  1.00 21.42 ? 64  GLY A C   1 
ATOM   497  O  O   . GLY A 1 64  ? 9.826   -10.387 -5.254  1.00 20.20 ? 64  GLY A O   1 
ATOM   498  N  N   . ASP A 1 65  ? 10.860  -9.121  -3.703  1.00 23.23 ? 65  ASP A N   1 
ATOM   499  C  CA  . ASP A 1 65  ? 11.964  -10.046 -3.487  1.00 25.77 ? 65  ASP A CA  1 
ATOM   500  C  C   . ASP A 1 65  ? 11.586  -11.172 -2.535  1.00 25.87 ? 65  ASP A C   1 
ATOM   501  O  O   . ASP A 1 65  ? 12.223  -12.213 -2.530  1.00 25.28 ? 65  ASP A O   1 
ATOM   502  C  CB  . ASP A 1 65  ? 13.179  -9.311  -2.918  1.00 29.42 ? 65  ASP A CB  1 
ATOM   503  C  CG  . ASP A 1 65  ? 14.041  -8.664  -3.991  1.00 33.84 ? 65  ASP A CG  1 
ATOM   504  O  OD1 . ASP A 1 65  ? 13.924  -9.042  -5.178  1.00 36.36 ? 65  ASP A OD1 1 
ATOM   505  O  OD2 . ASP A 1 65  ? 14.854  -7.785  -3.635  1.00 35.18 ? 65  ASP A OD2 1 
ATOM   506  N  N   . CYS A 1 66  ? 10.551  -10.962 -1.728  1.00 27.54 ? 66  CYS A N   1 
ATOM   507  C  CA  . CYS A 1 66  ? 10.123  -11.968 -0.758  1.00 30.03 ? 66  CYS A CA  1 
ATOM   508  C  C   . CYS A 1 66  ? 8.727   -12.501 -1.051  1.00 30.57 ? 66  CYS A C   1 
ATOM   509  O  O   . CYS A 1 66  ? 8.357   -13.577 -0.582  1.00 32.76 ? 66  CYS A O   1 
ATOM   510  C  CB  . CYS A 1 66  ? 10.132  -11.373 0.654   1.00 29.51 ? 66  CYS A CB  1 
ATOM   511  S  SG  . CYS A 1 66  ? 11.626  -10.464 1.100   1.00 32.22 ? 66  CYS A SG  1 
ATOM   512  N  N   . LEU A 1 67  ? 7.961   -11.741 -1.826  1.00 31.15 ? 67  LEU A N   1 
ATOM   513  C  CA  . LEU A 1 67  ? 6.593   -12.107 -2.162  1.00 31.31 ? 67  LEU A CA  1 
ATOM   514  C  C   . LEU A 1 67  ? 6.418   -12.152 -3.675  1.00 33.24 ? 67  LEU A C   1 
ATOM   515  O  O   . LEU A 1 67  ? 7.031   -11.368 -4.397  1.00 35.90 ? 67  LEU A O   1 
ATOM   516  C  CB  . LEU A 1 67  ? 5.640   -11.074 -1.559  1.00 28.79 ? 67  LEU A CB  1 
ATOM   517  C  CG  . LEU A 1 67  ? 4.161   -11.423 -1.425  1.00 29.26 ? 67  LEU A CG  1 
ATOM   518  C  CD1 . LEU A 1 67  ? 4.003   -12.613 -0.505  1.00 28.52 ? 67  LEU A CD1 1 
ATOM   519  C  CD2 . LEU A 1 67  ? 3.396   -10.228 -0.886  1.00 28.44 ? 67  LEU A CD2 1 
ATOM   520  N  N   . ASN A 1 68  ? 5.614   -13.095 -4.155  1.00 34.82 ? 68  ASN A N   1 
ATOM   521  C  CA  . ASN A 1 68  ? 5.355   -13.220 -5.586  1.00 36.98 ? 68  ASN A CA  1 
ATOM   522  C  C   . ASN A 1 68  ? 4.385   -12.132 -6.041  1.00 36.74 ? 68  ASN A C   1 
ATOM   523  O  O   . ASN A 1 68  ? 3.248   -12.073 -5.584  1.00 37.37 ? 68  ASN A O   1 
ATOM   524  C  CB  . ASN A 1 68  ? 4.790   -14.600 -5.916  1.00 40.59 ? 68  ASN A CB  1 
ATOM   525  C  CG  . ASN A 1 68  ? 5.847   -15.680 -5.891  1.00 46.25 ? 68  ASN A CG  1 
ATOM   526  O  OD1 . ASN A 1 68  ? 5.999   -16.404 -4.902  1.00 48.66 ? 68  ASN A OD1 1 
ATOM   527  N  ND2 . ASN A 1 68  ? 6.593   -15.793 -6.985  1.00 49.10 ? 68  ASN A ND2 1 
ATOM   528  N  N   . LEU A 1 69  ? 4.857   -11.256 -6.922  1.00 34.62 ? 69  LEU A N   1 
ATOM   529  C  CA  . LEU A 1 69  ? 4.042   -10.167 -7.438  1.00 32.41 ? 69  LEU A CA  1 
ATOM   530  C  C   . LEU A 1 69  ? 4.025   -10.246 -8.958  1.00 32.16 ? 69  LEU A C   1 
ATOM   531  O  O   . LEU A 1 69  ? 4.952   -10.778 -9.558  1.00 31.34 ? 69  LEU A O   1 
ATOM   532  C  CB  . LEU A 1 69  ? 4.621   -8.826  -6.982  1.00 31.03 ? 69  LEU A CB  1 
ATOM   533  C  CG  . LEU A 1 69  ? 4.720   -8.598  -5.469  1.00 28.36 ? 69  LEU A CG  1 
ATOM   534  C  CD1 . LEU A 1 69  ? 5.382   -7.265  -5.206  1.00 29.85 ? 69  LEU A CD1 1 
ATOM   535  C  CD2 . LEU A 1 69  ? 3.348   -8.640  -4.826  1.00 26.18 ? 69  LEU A CD2 1 
ATOM   536  N  N   . PRO A 1 70  ? 2.958   -9.736  -9.602  1.00 33.23 ? 70  PRO A N   1 
ATOM   537  C  CA  . PRO A 1 70  ? 2.878   -9.778  -11.066 1.00 34.74 ? 70  PRO A CA  1 
ATOM   538  C  C   . PRO A 1 70  ? 4.051   -9.076  -11.754 1.00 36.81 ? 70  PRO A C   1 
ATOM   539  O  O   . PRO A 1 70  ? 4.758   -8.282  -11.139 1.00 37.66 ? 70  PRO A O   1 
ATOM   540  C  CB  . PRO A 1 70  ? 1.532   -9.102  -11.359 1.00 34.56 ? 70  PRO A CB  1 
ATOM   541  C  CG  . PRO A 1 70  ? 1.306   -8.217  -10.164 1.00 32.28 ? 70  PRO A CG  1 
ATOM   542  C  CD  . PRO A 1 70  ? 1.760   -9.096  -9.031  1.00 33.18 ? 70  PRO A CD  1 
ATOM   543  N  N   . SER A 1 71  ? 4.245   -9.382  -13.034 1.00 39.33 ? 71  SER A N   1 
ATOM   544  C  CA  . SER A 1 71  ? 5.331   -8.822  -13.834 1.00 41.37 ? 71  SER A CA  1 
ATOM   545  C  C   . SER A 1 71  ? 5.440   -7.305  -13.768 1.00 41.11 ? 71  SER A C   1 
ATOM   546  O  O   . SER A 1 71  ? 6.512   -6.772  -13.486 1.00 42.83 ? 71  SER A O   1 
ATOM   547  C  CB  . SER A 1 71  ? 5.183   -9.252  -15.296 1.00 43.55 ? 71  SER A CB  1 
ATOM   548  O  OG  . SER A 1 71  ? 5.250   -10.662 -15.423 1.00 48.41 ? 71  SER A OG  1 
ATOM   549  N  N   . SER A 1 72  ? 4.329   -6.613  -14.010 1.00 39.40 ? 72  SER A N   1 
ATOM   550  C  CA  . SER A 1 72  ? 4.334   -5.155  -13.994 1.00 38.07 ? 72  SER A CA  1 
ATOM   551  C  C   . SER A 1 72  ? 3.407   -4.508  -12.969 1.00 35.55 ? 72  SER A C   1 
ATOM   552  O  O   . SER A 1 72  ? 2.359   -5.055  -12.611 1.00 34.89 ? 72  SER A O   1 
ATOM   553  C  CB  . SER A 1 72  ? 3.990   -4.619  -15.382 1.00 40.12 ? 72  SER A CB  1 
ATOM   554  O  OG  . SER A 1 72  ? 2.705   -5.064  -15.781 1.00 42.25 ? 72  SER A OG  1 
ATOM   555  N  N   . ALA A 1 73  ? 3.803   -3.319  -12.522 1.00 31.40 ? 73  ALA A N   1 
ATOM   556  C  CA  . ALA A 1 73  ? 3.027   -2.548  -11.557 1.00 28.16 ? 73  ALA A CA  1 
ATOM   557  C  C   . ALA A 1 73  ? 2.441   -1.321  -12.242 1.00 23.44 ? 73  ALA A C   1 
ATOM   558  O  O   . ALA A 1 73  ? 2.941   -0.871  -13.270 1.00 22.53 ? 73  ALA A O   1 
ATOM   559  C  CB  . ALA A 1 73  ? 3.907   -2.120  -10.387 1.00 27.98 ? 73  ALA A CB  1 
ATOM   560  N  N   . GLU A 1 74  ? 1.365   -0.800  -11.675 1.00 19.94 ? 74  GLU A N   1 
ATOM   561  C  CA  . GLU A 1 74  ? 0.714   0.380   -12.218 1.00 18.36 ? 74  GLU A CA  1 
ATOM   562  C  C   . GLU A 1 74  ? 1.162   1.584   -11.406 1.00 17.16 ? 74  GLU A C   1 
ATOM   563  O  O   . GLU A 1 74  ? 0.944   1.641   -10.193 1.00 12.63 ? 74  GLU A O   1 
ATOM   564  C  CB  . GLU A 1 74  ? -0.815  0.217   -12.167 1.00 19.57 ? 74  GLU A CB  1 
ATOM   565  C  CG  . GLU A 1 74  ? -1.380  -0.693  -13.272 1.00 20.39 ? 74  GLU A CG  1 
ATOM   566  C  CD  . GLU A 1 74  ? -2.452  -1.665  -12.787 1.00 20.52 ? 74  GLU A CD  1 
ATOM   567  O  OE1 . GLU A 1 74  ? -3.636  -1.277  -12.686 1.00 18.78 ? 74  GLU A OE1 1 
ATOM   568  O  OE2 . GLU A 1 74  ? -2.114  -2.840  -12.535 1.00 22.36 ? 74  GLU A OE2 1 
ATOM   569  N  N   . VAL A 1 75  ? 1.868   2.505   -12.058 1.00 15.05 ? 75  VAL A N   1 
ATOM   570  C  CA  . VAL A 1 75  ? 2.339   3.713   -11.390 1.00 15.86 ? 75  VAL A CA  1 
ATOM   571  C  C   . VAL A 1 75  ? 1.267   4.790   -11.540 1.00 16.63 ? 75  VAL A C   1 
ATOM   572  O  O   . VAL A 1 75  ? 1.023   5.301   -12.640 1.00 19.08 ? 75  VAL A O   1 
ATOM   573  C  CB  . VAL A 1 75  ? 3.688   4.195   -11.959 1.00 15.56 ? 75  VAL A CB  1 
ATOM   574  C  CG1 . VAL A 1 75  ? 4.166   5.416   -11.205 1.00 13.60 ? 75  VAL A CG1 1 
ATOM   575  C  CG2 . VAL A 1 75  ? 4.723   3.084   -11.856 1.00 15.20 ? 75  VAL A CG2 1 
ATOM   576  N  N   . LEU A 1 76  ? 0.614   5.105   -10.426 1.00 15.34 ? 76  LEU A N   1 
ATOM   577  C  CA  . LEU A 1 76  ? -0.461  6.081   -10.395 1.00 16.19 ? 76  LEU A CA  1 
ATOM   578  C  C   . LEU A 1 76  ? -0.050  7.429   -9.830  1.00 16.85 ? 76  LEU A C   1 
ATOM   579  O  O   . LEU A 1 76  ? 0.405   7.521   -8.691  1.00 14.96 ? 76  LEU A O   1 
ATOM   580  C  CB  . LEU A 1 76  ? -1.633  5.541   -9.557  1.00 17.95 ? 76  LEU A CB  1 
ATOM   581  C  CG  . LEU A 1 76  ? -2.748  4.707   -10.198 1.00 20.02 ? 76  LEU A CG  1 
ATOM   582  C  CD1 . LEU A 1 76  ? -2.183  3.600   -11.045 1.00 21.49 ? 76  LEU A CD1 1 
ATOM   583  C  CD2 . LEU A 1 76  ? -3.646  4.141   -9.113  1.00 19.45 ? 76  LEU A CD2 1 
ATOM   584  N  N   . PRO A 1 77  ? -0.195  8.498   -10.631 1.00 15.86 ? 77  PRO A N   1 
ATOM   585  C  CA  . PRO A 1 77  ? 0.158   9.848   -10.183 1.00 15.55 ? 77  PRO A CA  1 
ATOM   586  C  C   . PRO A 1 77  ? -0.716  10.267  -8.994  1.00 16.83 ? 77  PRO A C   1 
ATOM   587  O  O   . PRO A 1 77  ? -0.328  11.141  -8.218  1.00 17.02 ? 77  PRO A O   1 
ATOM   588  C  CB  . PRO A 1 77  ? -0.155  10.701  -11.409 1.00 13.42 ? 77  PRO A CB  1 
ATOM   589  C  CG  . PRO A 1 77  ? 0.131   9.783   -12.533 1.00 13.61 ? 77  PRO A CG  1 
ATOM   590  C  CD  . PRO A 1 77  ? -0.503  8.494   -12.071 1.00 15.20 ? 77  PRO A CD  1 
ATOM   591  N  N   . GLU A 1 78  ? -1.888  9.635   -8.856  1.00 16.34 ? 78  GLU A N   1 
ATOM   592  C  CA  . GLU A 1 78  ? -2.823  9.948   -7.774  1.00 16.61 ? 78  GLU A CA  1 
ATOM   593  C  C   . GLU A 1 78  ? -2.447  9.304   -6.434  1.00 15.36 ? 78  GLU A C   1 
ATOM   594  O  O   . GLU A 1 78  ? -3.169  9.458   -5.444  1.00 13.00 ? 78  GLU A O   1 
ATOM   595  C  CB  . GLU A 1 78  ? -4.259  9.548   -8.144  1.00 21.78 ? 78  GLU A CB  1 
ATOM   596  C  CG  . GLU A 1 78  ? -4.729  9.982   -9.526  1.00 31.23 ? 78  GLU A CG  1 
ATOM   597  C  CD  . GLU A 1 78  ? -4.286  9.021   -10.630 1.00 36.03 ? 78  GLU A CD  1 
ATOM   598  O  OE1 . GLU A 1 78  ? -3.829  9.488   -11.693 1.00 42.00 ? 78  GLU A OE1 1 
ATOM   599  O  OE2 . GLU A 1 78  ? -4.404  7.793   -10.446 1.00 39.62 ? 78  GLU A OE2 1 
ATOM   600  N  N   . LEU A 1 79  ? -1.342  8.560   -6.411  1.00 14.59 ? 79  LEU A N   1 
ATOM   601  C  CA  . LEU A 1 79  ? -0.885  7.913   -5.183  1.00 14.37 ? 79  LEU A CA  1 
ATOM   602  C  C   . LEU A 1 79  ? 0.223   8.688   -4.474  1.00 14.80 ? 79  LEU A C   1 
ATOM   603  O  O   . LEU A 1 79  ? 0.777   8.223   -3.480  1.00 15.88 ? 79  LEU A O   1 
ATOM   604  C  CB  . LEU A 1 79  ? -0.469  6.459   -5.437  1.00 13.39 ? 79  LEU A CB  1 
ATOM   605  C  CG  . LEU A 1 79  ? -1.618  5.457   -5.608  1.00 14.26 ? 79  LEU A CG  1 
ATOM   606  C  CD1 . LEU A 1 79  ? -1.075  4.094   -5.952  1.00 14.68 ? 79  LEU A CD1 1 
ATOM   607  C  CD2 . LEU A 1 79  ? -2.453  5.390   -4.339  1.00 10.85 ? 79  LEU A CD2 1 
ATOM   608  N  N   . THR A 1 80  ? 0.550   9.870   -4.988  1.00 15.76 ? 80  THR A N   1 
ATOM   609  C  CA  . THR A 1 80  ? 1.556   10.709  -4.345  1.00 15.73 ? 80  THR A CA  1 
ATOM   610  C  C   . THR A 1 80  ? 0.917   11.183  -3.034  1.00 15.66 ? 80  THR A C   1 
ATOM   611  O  O   . THR A 1 80  ? -0.287  11.033  -2.850  1.00 13.51 ? 80  THR A O   1 
ATOM   612  C  CB  . THR A 1 80  ? 1.931   11.939  -5.224  1.00 15.66 ? 80  THR A CB  1 
ATOM   613  O  OG1 . THR A 1 80  ? 0.764   12.730  -5.496  1.00 16.94 ? 80  THR A OG1 1 
ATOM   614  C  CG2 . THR A 1 80  ? 2.570   11.495  -6.525  1.00 13.14 ? 80  THR A CG2 1 
ATOM   615  N  N   . PRO A 1 81  ? 1.709   11.761  -2.114  1.00 16.75 ? 81  PRO A N   1 
ATOM   616  C  CA  . PRO A 1 81  ? 1.199   12.243  -0.827  1.00 19.29 ? 81  PRO A CA  1 
ATOM   617  C  C   . PRO A 1 81  ? -0.089  13.073  -0.919  1.00 23.75 ? 81  PRO A C   1 
ATOM   618  O  O   . PRO A 1 81  ? -1.002  12.920  -0.104  1.00 23.66 ? 81  PRO A O   1 
ATOM   619  C  CB  . PRO A 1 81  ? 2.358   13.091  -0.310  1.00 20.64 ? 81  PRO A CB  1 
ATOM   620  C  CG  . PRO A 1 81  ? 3.548   12.352  -0.811  1.00 15.02 ? 81  PRO A CG  1 
ATOM   621  C  CD  . PRO A 1 81  ? 3.159   12.018  -2.227  1.00 16.08 ? 81  PRO A CD  1 
ATOM   622  N  N   . CYS A 1 82  ? -0.159  13.931  -1.938  1.00 26.84 ? 82  CYS A N   1 
ATOM   623  C  CA  . CYS A 1 82  ? -1.308  14.810  -2.146  1.00 29.70 ? 82  CYS A CA  1 
ATOM   624  C  C   . CYS A 1 82  ? -2.262  14.364  -3.258  1.00 28.22 ? 82  CYS A C   1 
ATOM   625  O  O   . CYS A 1 82  ? -2.964  15.184  -3.852  1.00 28.77 ? 82  CYS A O   1 
ATOM   626  C  CB  . CYS A 1 82  ? -0.820  16.243  -2.405  1.00 33.57 ? 82  CYS A CB  1 
ATOM   627  S  SG  . CYS A 1 82  ? -0.001  17.018  -0.969  1.00 44.41 ? 82  CYS A SG  1 
ATOM   628  N  N   . GLY A 1 83  ? -2.304  13.062  -3.513  1.00 26.05 ? 83  GLY A N   1 
ATOM   629  C  CA  . GLY A 1 83  ? -3.182  12.535  -4.544  1.00 23.85 ? 83  GLY A CA  1 
ATOM   630  C  C   . GLY A 1 83  ? -4.651  12.585  -4.168  1.00 23.40 ? 83  GLY A C   1 
ATOM   631  O  O   . GLY A 1 83  ? -5.002  12.709  -2.985  1.00 21.67 ? 83  GLY A O   1 
ATOM   632  N  N   . ASP A 1 84  ? -5.511  12.476  -5.179  1.00 23.94 ? 84  ASP A N   1 
ATOM   633  C  CA  . ASP A 1 84  ? -6.961  12.511  -4.987  1.00 23.27 ? 84  ASP A CA  1 
ATOM   634  C  C   . ASP A 1 84  ? -7.460  11.136  -4.544  1.00 21.29 ? 84  ASP A C   1 
ATOM   635  O  O   . ASP A 1 84  ? -7.411  10.174  -5.307  1.00 19.25 ? 84  ASP A O   1 
ATOM   636  C  CB  . ASP A 1 84  ? -7.651  12.937  -6.293  1.00 28.21 ? 84  ASP A CB  1 
ATOM   637  C  CG  . ASP A 1 84  ? -9.142  13.235  -6.116  1.00 31.40 ? 84  ASP A CG  1 
ATOM   638  O  OD1 . ASP A 1 84  ? -9.655  13.209  -4.978  1.00 36.49 ? 84  ASP A OD1 1 
ATOM   639  O  OD2 . ASP A 1 84  ? -9.808  13.508  -7.134  1.00 35.47 ? 84  ASP A OD2 1 
ATOM   640  N  N   . VAL A 1 85  ? -7.938  11.060  -3.305  1.00 20.57 ? 85  VAL A N   1 
ATOM   641  C  CA  . VAL A 1 85  ? -8.443  9.816   -2.736  1.00 20.28 ? 85  VAL A CA  1 
ATOM   642  C  C   . VAL A 1 85  ? -9.689  9.334   -3.487  1.00 20.78 ? 85  VAL A C   1 
ATOM   643  O  O   . VAL A 1 85  ? -9.979  8.134   -3.530  1.00 20.18 ? 85  VAL A O   1 
ATOM   644  C  CB  . VAL A 1 85  ? -8.746  9.987   -1.220  1.00 21.35 ? 85  VAL A CB  1 
ATOM   645  C  CG1 . VAL A 1 85  ? -9.927  10.909  -1.003  1.00 21.74 ? 85  VAL A CG1 1 
ATOM   646  C  CG2 . VAL A 1 85  ? -8.991  8.653   -0.572  1.00 23.18 ? 85  VAL A CG2 1 
ATOM   647  N  N   . GLY A 1 86  ? -10.395 10.275  -4.106  1.00 18.15 ? 86  GLY A N   1 
ATOM   648  C  CA  . GLY A 1 86  ? -11.591 9.948   -4.855  1.00 15.86 ? 86  GLY A CA  1 
ATOM   649  C  C   . GLY A 1 86  ? -11.279 9.187   -6.134  1.00 16.65 ? 86  GLY A C   1 
ATOM   650  O  O   . GLY A 1 86  ? -12.018 8.278   -6.515  1.00 14.84 ? 86  GLY A O   1 
ATOM   651  N  N   . LEU A 1 87  ? -10.187 9.562   -6.797  1.00 15.54 ? 87  LEU A N   1 
ATOM   652  C  CA  . LEU A 1 87  ? -9.781  8.909   -8.032  1.00 16.73 ? 87  LEU A CA  1 
ATOM   653  C  C   . LEU A 1 87  ? -9.180  7.527   -7.779  1.00 15.84 ? 87  LEU A C   1 
ATOM   654  O  O   . LEU A 1 87  ? -9.351  6.614   -8.583  1.00 15.98 ? 87  LEU A O   1 
ATOM   655  C  CB  . LEU A 1 87  ? -8.811  9.796   -8.815  1.00 18.05 ? 87  LEU A CB  1 
ATOM   656  C  CG  . LEU A 1 87  ? -9.436  10.985  -9.552  1.00 19.69 ? 87  LEU A CG  1 
ATOM   657  C  CD1 . LEU A 1 87  ? -8.343  11.907  -10.072 1.00 22.37 ? 87  LEU A CD1 1 
ATOM   658  C  CD2 . LEU A 1 87  ? -10.299 10.491  -10.702 1.00 18.67 ? 87  LEU A CD2 1 
ATOM   659  N  N   . VAL A 1 88  ? -8.488  7.373   -6.652  1.00 15.16 ? 88  VAL A N   1 
ATOM   660  C  CA  . VAL A 1 88  ? -7.887  6.090   -6.293  1.00 15.32 ? 88  VAL A CA  1 
ATOM   661  C  C   . VAL A 1 88  ? -9.019  5.115   -5.969  1.00 15.31 ? 88  VAL A C   1 
ATOM   662  O  O   . VAL A 1 88  ? -9.002  3.956   -6.392  1.00 15.61 ? 88  VAL A O   1 
ATOM   663  C  CB  . VAL A 1 88  ? -6.939  6.228   -5.069  1.00 17.52 ? 88  VAL A CB  1 
ATOM   664  C  CG1 . VAL A 1 88  ? -6.359  4.854   -4.680  1.00 14.44 ? 88  VAL A CG1 1 
ATOM   665  C  CG2 . VAL A 1 88  ? -5.809  7.219   -5.391  1.00 13.01 ? 88  VAL A CG2 1 
ATOM   666  N  N   . SER A 1 89  ? -10.018 5.615   -5.242  1.00 14.93 ? 89  SER A N   1 
ATOM   667  C  CA  . SER A 1 89  ? -11.194 4.841   -4.856  1.00 16.66 ? 89  SER A CA  1 
ATOM   668  C  C   . SER A 1 89  ? -11.957 4.363   -6.105  1.00 15.22 ? 89  SER A C   1 
ATOM   669  O  O   . SER A 1 89  ? -12.359 3.201   -6.186  1.00 15.85 ? 89  SER A O   1 
ATOM   670  C  CB  . SER A 1 89  ? -12.103 5.699   -3.974  1.00 18.03 ? 89  SER A CB  1 
ATOM   671  O  OG  . SER A 1 89  ? -13.125 4.920   -3.391  1.00 28.76 ? 89  SER A OG  1 
ATOM   672  N  N   . ALA A 1 90  ? -12.134 5.260   -7.076  1.00 11.76 ? 90  ALA A N   1 
ATOM   673  C  CA  . ALA A 1 90  ? -12.816 4.938   -8.326  1.00 12.41 ? 90  ALA A CA  1 
ATOM   674  C  C   . ALA A 1 90  ? -12.027 3.883   -9.088  1.00 10.85 ? 90  ALA A C   1 
ATOM   675  O  O   . ALA A 1 90  ? -12.599 2.999   -9.712  1.00 12.46 ? 90  ALA A O   1 
ATOM   676  C  CB  . ALA A 1 90  ? -12.964 6.193   -9.187  1.00 10.93 ? 90  ALA A CB  1 
ATOM   677  N  N   . TYR A 1 91  ? -10.706 3.995   -9.046  1.00 11.60 ? 91  TYR A N   1 
ATOM   678  C  CA  . TYR A 1 91  ? -9.825  3.049   -9.720  1.00 12.15 ? 91  TYR A CA  1 
ATOM   679  C  C   . TYR A 1 91  ? -10.005 1.644   -9.118  1.00 10.97 ? 91  TYR A C   1 
ATOM   680  O  O   . TYR A 1 91  ? -10.140 0.659   -9.840  1.00 9.70  ? 91  TYR A O   1 
ATOM   681  C  CB  . TYR A 1 91  ? -8.378  3.525   -9.575  1.00 12.03 ? 91  TYR A CB  1 
ATOM   682  C  CG  . TYR A 1 91  ? -7.413  2.913   -10.555 1.00 13.11 ? 91  TYR A CG  1 
ATOM   683  C  CD1 . TYR A 1 91  ? -6.936  3.649   -11.634 1.00 13.06 ? 91  TYR A CD1 1 
ATOM   684  C  CD2 . TYR A 1 91  ? -6.946  1.614   -10.381 1.00 13.90 ? 91  TYR A CD2 1 
ATOM   685  C  CE1 . TYR A 1 91  ? -6.010  3.110   -12.517 1.00 12.75 ? 91  TYR A CE1 1 
ATOM   686  C  CE2 . TYR A 1 91  ? -6.023  1.063   -11.260 1.00 14.24 ? 91  TYR A CE2 1 
ATOM   687  C  CZ  . TYR A 1 91  ? -5.557  1.819   -12.322 1.00 16.22 ? 91  TYR A CZ  1 
ATOM   688  O  OH  . TYR A 1 91  ? -4.626  1.281   -13.183 1.00 19.25 ? 91  TYR A OH  1 
ATOM   689  N  N   . LEU A 1 92  ? -10.043 1.576   -7.794  1.00 11.80 ? 92  LEU A N   1 
ATOM   690  C  CA  . LEU A 1 92  ? -10.223 0.310   -7.090  1.00 12.83 ? 92  LEU A CA  1 
ATOM   691  C  C   . LEU A 1 92  ? -11.614 -0.295  -7.327  1.00 13.42 ? 92  LEU A C   1 
ATOM   692  O  O   . LEU A 1 92  ? -11.766 -1.516  -7.394  1.00 10.91 ? 92  LEU A O   1 
ATOM   693  C  CB  . LEU A 1 92  ? -10.004 0.514   -5.593  1.00 11.57 ? 92  LEU A CB  1 
ATOM   694  C  CG  . LEU A 1 92  ? -8.580  0.835   -5.142  1.00 13.11 ? 92  LEU A CG  1 
ATOM   695  C  CD1 . LEU A 1 92  ? -8.584  1.247   -3.679  1.00 9.69  ? 92  LEU A CD1 1 
ATOM   696  C  CD2 . LEU A 1 92  ? -7.669  -0.375  -5.371  1.00 10.95 ? 92  LEU A CD2 1 
ATOM   697  N  N   . GLN A 1 93  ? -12.627 0.561   -7.441  1.00 14.92 ? 93  GLN A N   1 
ATOM   698  C  CA  . GLN A 1 93  ? -13.990 0.098   -7.673  1.00 16.45 ? 93  GLN A CA  1 
ATOM   699  C  C   . GLN A 1 93  ? -14.093 -0.476  -9.079  1.00 15.38 ? 93  GLN A C   1 
ATOM   700  O  O   . GLN A 1 93  ? -14.839 -1.424  -9.321  1.00 16.19 ? 93  GLN A O   1 
ATOM   701  C  CB  . GLN A 1 93  ? -15.002 1.232   -7.485  1.00 16.28 ? 93  GLN A CB  1 
ATOM   702  C  CG  . GLN A 1 93  ? -16.430 0.804   -7.763  1.00 17.88 ? 93  GLN A CG  1 
ATOM   703  C  CD  . GLN A 1 93  ? -17.453 1.860   -7.404  1.00 20.23 ? 93  GLN A CD  1 
ATOM   704  O  OE1 . GLN A 1 93  ? -17.112 2.995   -7.092  1.00 21.49 ? 93  GLN A OE1 1 
ATOM   705  N  NE2 . GLN A 1 93  ? -18.719 1.476   -7.424  1.00 22.47 ? 93  GLN A NE2 1 
ATOM   706  N  N   . ALA A 1 94  ? -13.314 0.091   -9.994  1.00 14.92 ? 94  ALA A N   1 
ATOM   707  C  CA  . ALA A 1 94  ? -13.299 -0.374  -11.374 1.00 11.61 ? 94  ALA A CA  1 
ATOM   708  C  C   . ALA A 1 94  ? -12.731 -1.788  -11.429 1.00 13.78 ? 94  ALA A C   1 
ATOM   709  O  O   . ALA A 1 94  ? -13.318 -2.662  -12.055 1.00 14.37 ? 94  ALA A O   1 
ATOM   710  C  CB  . ALA A 1 94  ? -12.481 0.563   -12.233 1.00 11.88 ? 94  ALA A CB  1 
ATOM   711  N  N   . LEU A 1 95  ? -11.608 -2.011  -10.745 1.00 14.26 ? 95  LEU A N   1 
ATOM   712  C  CA  . LEU A 1 95  ? -10.970 -3.330  -10.708 1.00 14.39 ? 95  LEU A CA  1 
ATOM   713  C  C   . LEU A 1 95  ? -11.856 -4.376  -10.025 1.00 13.43 ? 95  LEU A C   1 
ATOM   714  O  O   . LEU A 1 95  ? -11.871 -5.541  -10.424 1.00 11.72 ? 95  LEU A O   1 
ATOM   715  C  CB  . LEU A 1 95  ? -9.610  -3.263  -10.000 1.00 12.55 ? 95  LEU A CB  1 
ATOM   716  C  CG  . LEU A 1 95  ? -8.535  -2.380  -10.630 1.00 14.13 ? 95  LEU A CG  1 
ATOM   717  C  CD1 . LEU A 1 95  ? -7.273  -2.413  -9.773  1.00 16.27 ? 95  LEU A CD1 1 
ATOM   718  C  CD2 . LEU A 1 95  ? -8.245  -2.841  -12.037 1.00 11.97 ? 95  LEU A CD2 1 
ATOM   719  N  N   . THR A 1 96  ? -12.582 -3.960  -8.990  1.00 13.43 ? 96  THR A N   1 
ATOM   720  C  CA  . THR A 1 96  ? -13.478 -4.868  -8.274  1.00 13.03 ? 96  THR A CA  1 
ATOM   721  C  C   . THR A 1 96  ? -14.525 -5.412  -9.246  1.00 11.93 ? 96  THR A C   1 
ATOM   722  O  O   . THR A 1 96  ? -14.771 -6.613  -9.291  1.00 13.68 ? 96  THR A O   1 
ATOM   723  C  CB  . THR A 1 96  ? -14.195 -4.168  -7.086  1.00 13.50 ? 96  THR A CB  1 
ATOM   724  O  OG1 . THR A 1 96  ? -13.225 -3.586  -6.209  1.00 11.62 ? 96  THR A OG1 1 
ATOM   725  C  CG2 . THR A 1 96  ? -15.029 -5.169  -6.301  1.00 14.86 ? 96  THR A CG2 1 
ATOM   726  N  N   . ASN A 1 97  ? -15.112 -4.527  -10.044 1.00 11.50 ? 97  ASN A N   1 
ATOM   727  C  CA  . ASN A 1 97  ? -16.121 -4.933  -11.020 1.00 13.45 ? 97  ASN A CA  1 
ATOM   728  C  C   . ASN A 1 97  ? -15.521 -5.707  -12.185 1.00 14.83 ? 97  ASN A C   1 
ATOM   729  O  O   . ASN A 1 97  ? -16.228 -6.414  -12.896 1.00 14.85 ? 97  ASN A O   1 
ATOM   730  C  CB  . ASN A 1 97  ? -16.896 -3.718  -11.528 1.00 14.09 ? 97  ASN A CB  1 
ATOM   731  C  CG  . ASN A 1 97  ? -17.917 -3.227  -10.525 1.00 16.13 ? 97  ASN A CG  1 
ATOM   732  O  OD1 . ASN A 1 97  ? -19.062 -3.684  -10.517 1.00 16.54 ? 97  ASN A OD1 1 
ATOM   733  N  ND2 . ASN A 1 97  ? -17.505 -2.304  -9.661  1.00 12.89 ? 97  ASN A ND2 1 
ATOM   734  N  N   . GLU A 1 98  ? -14.216 -5.559  -12.381 1.00 16.23 ? 98  GLU A N   1 
ATOM   735  C  CA  . GLU A 1 98  ? -13.511 -6.259  -13.442 1.00 18.45 ? 98  GLU A CA  1 
ATOM   736  C  C   . GLU A 1 98  ? -13.315 -7.717  -13.029 1.00 18.80 ? 98  GLU A C   1 
ATOM   737  O  O   . GLU A 1 98  ? -13.158 -8.600  -13.874 1.00 18.62 ? 98  GLU A O   1 
ATOM   738  C  CB  . GLU A 1 98  ? -12.155 -5.593  -13.694 1.00 19.18 ? 98  GLU A CB  1 
ATOM   739  C  CG  . GLU A 1 98  ? -11.367 -6.171  -14.850 1.00 21.23 ? 98  GLU A CG  1 
ATOM   740  C  CD  . GLU A 1 98  ? -10.027 -5.498  -15.027 1.00 24.92 ? 98  GLU A CD  1 
ATOM   741  O  OE1 . GLU A 1 98  ? -9.983  -4.390  -15.592 1.00 24.85 ? 98  GLU A OE1 1 
ATOM   742  O  OE2 . GLU A 1 98  ? -9.004  -6.075  -14.604 1.00 27.31 ? 98  GLU A OE2 1 
ATOM   743  N  N   . GLY A 1 99  ? -13.323 -7.959  -11.719 1.00 18.28 ? 99  GLY A N   1 
ATOM   744  C  CA  . GLY A 1 99  ? -13.146 -9.309  -11.212 1.00 17.07 ? 99  GLY A CA  1 
ATOM   745  C  C   . GLY A 1 99  ? -11.831 -9.573  -10.503 1.00 14.38 ? 99  GLY A C   1 
ATOM   746  O  O   . GLY A 1 99  ? -11.561 -10.705 -10.108 1.00 15.74 ? 99  GLY A O   1 
ATOM   747  N  N   . VAL A 1 100 ? -11.014 -8.540  -10.328 1.00 13.16 ? 100 VAL A N   1 
ATOM   748  C  CA  . VAL A 1 100 ? -9.728  -8.687  -9.648  1.00 10.78 ? 100 VAL A CA  1 
ATOM   749  C  C   . VAL A 1 100 ? -9.947  -9.167  -8.213  1.00 12.72 ? 100 VAL A C   1 
ATOM   750  O  O   . VAL A 1 100 ? -10.827 -8.674  -7.498  1.00 11.55 ? 100 VAL A O   1 
ATOM   751  C  CB  . VAL A 1 100 ? -8.923  -7.368  -9.682  1.00 8.98  ? 100 VAL A CB  1 
ATOM   752  C  CG1 . VAL A 1 100 ? -7.670  -7.484  -8.847  1.00 8.23  ? 100 VAL A CG1 1 
ATOM   753  C  CG2 . VAL A 1 100 ? -8.553  -7.033  -11.115 1.00 9.20  ? 100 VAL A CG2 1 
ATOM   754  N  N   . ALA A 1 101 ? -9.174  -10.174 -7.820  1.00 13.03 ? 101 ALA A N   1 
ATOM   755  C  CA  . ALA A 1 101 ? -9.285  -10.762 -6.494  1.00 13.20 ? 101 ALA A CA  1 
ATOM   756  C  C   . ALA A 1 101 ? -8.612  -9.970  -5.370  1.00 13.14 ? 101 ALA A C   1 
ATOM   757  O  O   . ALA A 1 101 ? -9.185  -9.806  -4.294  1.00 11.06 ? 101 ALA A O   1 
ATOM   758  C  CB  . ALA A 1 101 ? -8.759  -12.187 -6.523  1.00 18.01 ? 101 ALA A CB  1 
ATOM   759  N  N   . SER A 1 102 ? -7.404  -9.473  -5.631  1.00 13.13 ? 102 SER A N   1 
ATOM   760  C  CA  . SER A 1 102 ? -6.643  -8.723  -4.639  1.00 13.20 ? 102 SER A CA  1 
ATOM   761  C  C   . SER A 1 102 ? -5.731  -7.693  -5.272  1.00 13.04 ? 102 SER A C   1 
ATOM   762  O  O   . SER A 1 102 ? -5.264  -7.864  -6.392  1.00 13.47 ? 102 SER A O   1 
ATOM   763  C  CB  . SER A 1 102 ? -5.799  -9.675  -3.794  1.00 14.77 ? 102 SER A CB  1 
ATOM   764  O  OG  . SER A 1 102 ? -4.963  -10.448 -4.628  1.00 15.74 ? 102 SER A OG  1 
ATOM   765  N  N   . VAL A 1 103 ? -5.428  -6.655  -4.506  1.00 14.38 ? 103 VAL A N   1 
ATOM   766  C  CA  . VAL A 1 103 ? -4.585  -5.560  -4.951  1.00 12.66 ? 103 VAL A CA  1 
ATOM   767  C  C   . VAL A 1 103 ? -3.701  -5.128  -3.791  1.00 13.82 ? 103 VAL A C   1 
ATOM   768  O  O   . VAL A 1 103 ? -4.109  -5.213  -2.635  1.00 12.95 ? 103 VAL A O   1 
ATOM   769  C  CB  . VAL A 1 103 ? -5.453  -4.345  -5.360  1.00 15.15 ? 103 VAL A CB  1 
ATOM   770  C  CG1 . VAL A 1 103 ? -4.580  -3.149  -5.736  1.00 14.30 ? 103 VAL A CG1 1 
ATOM   771  C  CG2 . VAL A 1 103 ? -6.384  -4.716  -6.502  1.00 14.40 ? 103 VAL A CG2 1 
ATOM   772  N  N   . LEU A 1 104 ? -2.487  -4.685  -4.113  1.00 14.01 ? 104 LEU A N   1 
ATOM   773  C  CA  . LEU A 1 104 ? -1.536  -4.182  -3.122  1.00 14.41 ? 104 LEU A CA  1 
ATOM   774  C  C   . LEU A 1 104 ? -1.289  -2.738  -3.525  1.00 14.96 ? 104 LEU A C   1 
ATOM   775  O  O   . LEU A 1 104 ? -0.919  -2.475  -4.671  1.00 15.47 ? 104 LEU A O   1 
ATOM   776  C  CB  . LEU A 1 104 ? -0.216  -4.949  -3.185  1.00 13.57 ? 104 LEU A CB  1 
ATOM   777  C  CG  . LEU A 1 104 ? 0.902   -4.456  -2.260  1.00 15.77 ? 104 LEU A CG  1 
ATOM   778  C  CD1 . LEU A 1 104 ? 0.453   -4.488  -0.804  1.00 14.65 ? 104 LEU A CD1 1 
ATOM   779  C  CD2 . LEU A 1 104 ? 2.127   -5.318  -2.453  1.00 14.92 ? 104 LEU A CD2 1 
ATOM   780  N  N   . VAL A 1 105 ? -1.521  -1.811  -2.601  1.00 12.50 ? 105 VAL A N   1 
ATOM   781  C  CA  . VAL A 1 105 ? -1.340  -0.383  -2.852  1.00 13.14 ? 105 VAL A CA  1 
ATOM   782  C  C   . VAL A 1 105 ? -0.214  0.135   -1.969  1.00 14.27 ? 105 VAL A C   1 
ATOM   783  O  O   . VAL A 1 105 ? -0.282  0.015   -0.760  1.00 16.28 ? 105 VAL A O   1 
ATOM   784  C  CB  . VAL A 1 105 ? -2.624  0.411   -2.505  1.00 12.22 ? 105 VAL A CB  1 
ATOM   785  C  CG1 . VAL A 1 105 ? -2.434  1.880   -2.811  1.00 9.88  ? 105 VAL A CG1 1 
ATOM   786  C  CG2 . VAL A 1 105 ? -3.825  -0.140  -3.272  1.00 11.99 ? 105 VAL A CG2 1 
ATOM   787  N  N   . ILE A 1 106 ? 0.836   0.679   -2.576  1.00 15.04 ? 106 ILE A N   1 
ATOM   788  C  CA  . ILE A 1 106 ? 1.953   1.225   -1.811  1.00 12.91 ? 106 ILE A CA  1 
ATOM   789  C  C   . ILE A 1 106 ? 1.927   2.736   -2.022  1.00 12.03 ? 106 ILE A C   1 
ATOM   790  O  O   . ILE A 1 106 ? 2.145   3.224   -3.129  1.00 13.00 ? 106 ILE A O   1 
ATOM   791  C  CB  . ILE A 1 106 ? 3.303   0.630   -2.274  1.00 12.97 ? 106 ILE A CB  1 
ATOM   792  C  CG1 . ILE A 1 106 ? 3.289   -0.893  -2.117  1.00 13.99 ? 106 ILE A CG1 1 
ATOM   793  C  CG2 . ILE A 1 106 ? 4.448   1.205   -1.450  1.00 14.41 ? 106 ILE A CG2 1 
ATOM   794  C  CD1 . ILE A 1 106 ? 4.553   -1.563  -2.601  1.00 16.38 ? 106 ILE A CD1 1 
ATOM   795  N  N   . SER A 1 107 ? 1.651   3.471   -0.952  1.00 13.37 ? 107 SER A N   1 
ATOM   796  C  CA  . SER A 1 107 ? 1.552   4.921   -1.023  1.00 13.52 ? 107 SER A CA  1 
ATOM   797  C  C   . SER A 1 107 ? 2.165   5.642   0.182   1.00 13.43 ? 107 SER A C   1 
ATOM   798  O  O   . SER A 1 107 ? 2.998   5.085   0.895   1.00 12.26 ? 107 SER A O   1 
ATOM   799  C  CB  . SER A 1 107 ? 0.080   5.313   -1.189  1.00 15.44 ? 107 SER A CB  1 
ATOM   800  O  OG  . SER A 1 107 ? -0.057  6.656   -1.599  1.00 14.04 ? 107 SER A OG  1 
ATOM   801  N  N   . HIS A 1 108 ? 1.708   6.870   0.426   1.00 13.48 ? 108 HIS A N   1 
ATOM   802  C  CA  . HIS A 1 108 ? 2.226   7.702   1.504   1.00 14.71 ? 108 HIS A CA  1 
ATOM   803  C  C   . HIS A 1 108 ? 1.140   8.225   2.427   1.00 17.18 ? 108 HIS A C   1 
ATOM   804  O  O   . HIS A 1 108 ? -0.051  8.078   2.166   1.00 15.86 ? 108 HIS A O   1 
ATOM   805  C  CB  . HIS A 1 108 ? 2.877   8.966   0.916   1.00 14.60 ? 108 HIS A CB  1 
ATOM   806  C  CG  . HIS A 1 108 ? 3.789   8.723   -0.244  1.00 13.25 ? 108 HIS A CG  1 
ATOM   807  N  ND1 . HIS A 1 108 ? 5.154   8.882   -0.157  1.00 12.98 ? 108 HIS A ND1 1 
ATOM   808  C  CD2 . HIS A 1 108 ? 3.530   8.380   -1.529  1.00 13.02 ? 108 HIS A CD2 1 
ATOM   809  C  CE1 . HIS A 1 108 ? 5.699   8.646   -1.338  1.00 14.15 ? 108 HIS A CE1 1 
ATOM   810  N  NE2 . HIS A 1 108 ? 4.735   8.341   -2.188  1.00 12.58 ? 108 HIS A NE2 1 
ATOM   811  N  N   . LEU A 1 109 ? 1.578   8.871   3.505   1.00 18.40 ? 109 LEU A N   1 
ATOM   812  C  CA  . LEU A 1 109 ? 0.658   9.536   4.408   1.00 20.45 ? 109 LEU A CA  1 
ATOM   813  C  C   . LEU A 1 109 ? 0.588   10.937  3.790   1.00 22.43 ? 109 LEU A C   1 
ATOM   814  O  O   . LEU A 1 109 ? 1.542   11.381  3.138   1.00 21.22 ? 109 LEU A O   1 
ATOM   815  C  CB  . LEU A 1 109 ? 1.240   9.649   5.811   1.00 23.26 ? 109 LEU A CB  1 
ATOM   816  C  CG  . LEU A 1 109 ? 1.065   8.491   6.787   1.00 25.59 ? 109 LEU A CG  1 
ATOM   817  C  CD1 . LEU A 1 109 ? 1.857   8.815   8.038   1.00 25.94 ? 109 LEU A CD1 1 
ATOM   818  C  CD2 . LEU A 1 109 ? -0.410  8.279   7.122   1.00 24.84 ? 109 LEU A CD2 1 
ATOM   819  N  N   . PRO A 1 110 ? -0.540  11.646  3.960   1.00 21.98 ? 110 PRO A N   1 
ATOM   820  C  CA  . PRO A 1 110 ? -1.728  11.204  4.695   1.00 21.58 ? 110 PRO A CA  1 
ATOM   821  C  C   . PRO A 1 110 ? -2.720  10.381  3.861   1.00 19.46 ? 110 PRO A C   1 
ATOM   822  O  O   . PRO A 1 110 ? -3.639  9.776   4.409   1.00 19.42 ? 110 PRO A O   1 
ATOM   823  C  CB  . PRO A 1 110 ? -2.341  12.529  5.145   1.00 21.78 ? 110 PRO A CB  1 
ATOM   824  C  CG  . PRO A 1 110 ? -2.066  13.419  3.977   1.00 23.41 ? 110 PRO A CG  1 
ATOM   825  C  CD  . PRO A 1 110 ? -0.633  13.078  3.615   1.00 21.32 ? 110 PRO A CD  1 
ATOM   826  N  N   . LEU A 1 111 ? -2.507  10.335  2.548   1.00 17.26 ? 111 LEU A N   1 
ATOM   827  C  CA  . LEU A 1 111 ? -3.385  9.616   1.620   1.00 17.28 ? 111 LEU A CA  1 
ATOM   828  C  C   . LEU A 1 111 ? -3.761  8.192   2.046   1.00 16.95 ? 111 LEU A C   1 
ATOM   829  O  O   . LEU A 1 111 ? -4.912  7.783   1.933   1.00 16.10 ? 111 LEU A O   1 
ATOM   830  C  CB  . LEU A 1 111 ? -2.735  9.568   0.233   1.00 19.63 ? 111 LEU A CB  1 
ATOM   831  C  CG  . LEU A 1 111 ? -3.531  8.910   -0.900  1.00 21.79 ? 111 LEU A CG  1 
ATOM   832  C  CD1 . LEU A 1 111 ? -4.808  9.682   -1.123  1.00 25.75 ? 111 LEU A CD1 1 
ATOM   833  C  CD2 . LEU A 1 111 ? -2.718  8.886   -2.174  1.00 21.71 ? 111 LEU A CD2 1 
ATOM   834  N  N   . VAL A 1 112 ? -2.781  7.461   2.560   1.00 16.26 ? 112 VAL A N   1 
ATOM   835  C  CA  . VAL A 1 112 ? -2.969  6.084   2.982   1.00 17.09 ? 112 VAL A CA  1 
ATOM   836  C  C   . VAL A 1 112 ? -4.042  5.989   4.066   1.00 17.96 ? 112 VAL A C   1 
ATOM   837  O  O   . VAL A 1 112 ? -4.839  5.045   4.085   1.00 15.90 ? 112 VAL A O   1 
ATOM   838  C  CB  . VAL A 1 112 ? -1.614  5.482   3.435   1.00 18.05 ? 112 VAL A CB  1 
ATOM   839  C  CG1 . VAL A 1 112 ? -1.293  5.851   4.854   1.00 16.42 ? 112 VAL A CG1 1 
ATOM   840  C  CG2 . VAL A 1 112 ? -1.589  4.015   3.227   1.00 23.31 ? 112 VAL A CG2 1 
ATOM   841  N  N   . GLY A 1 113 ? -4.098  7.015   4.916   1.00 17.16 ? 113 GLY A N   1 
ATOM   842  C  CA  . GLY A 1 113 ? -5.087  7.058   5.980   1.00 16.22 ? 113 GLY A CA  1 
ATOM   843  C  C   . GLY A 1 113 ? -6.460  7.439   5.454   1.00 15.60 ? 113 GLY A C   1 
ATOM   844  O  O   . GLY A 1 113 ? -7.458  6.810   5.809   1.00 12.69 ? 113 GLY A O   1 
ATOM   845  N  N   . TYR A 1 114 ? -6.504  8.464   4.604   1.00 14.34 ? 114 TYR A N   1 
ATOM   846  C  CA  . TYR A 1 114 ? -7.751  8.942   4.003   1.00 17.09 ? 114 TYR A CA  1 
ATOM   847  C  C   . TYR A 1 114 ? -8.412  7.860   3.167   1.00 15.33 ? 114 TYR A C   1 
ATOM   848  O  O   . TYR A 1 114 ? -9.636  7.784   3.109   1.00 15.73 ? 114 TYR A O   1 
ATOM   849  C  CB  . TYR A 1 114 ? -7.505  10.155  3.093   1.00 17.82 ? 114 TYR A CB  1 
ATOM   850  C  CG  . TYR A 1 114 ? -7.046  11.410  3.797   1.00 21.59 ? 114 TYR A CG  1 
ATOM   851  C  CD1 . TYR A 1 114 ? -7.388  11.660  5.124   1.00 21.65 ? 114 TYR A CD1 1 
ATOM   852  C  CD2 . TYR A 1 114 ? -6.242  12.340  3.135   1.00 23.96 ? 114 TYR A CD2 1 
ATOM   853  C  CE1 . TYR A 1 114 ? -6.937  12.801  5.777   1.00 27.88 ? 114 TYR A CE1 1 
ATOM   854  C  CE2 . TYR A 1 114 ? -5.790  13.485  3.778   1.00 27.77 ? 114 TYR A CE2 1 
ATOM   855  C  CZ  . TYR A 1 114 ? -6.140  13.710  5.098   1.00 28.99 ? 114 TYR A CZ  1 
ATOM   856  O  OH  . TYR A 1 114 ? -5.692  14.845  5.734   1.00 33.06 ? 114 TYR A OH  1 
ATOM   857  N  N   . LEU A 1 115 ? -7.597  7.039   2.513   1.00 15.83 ? 115 LEU A N   1 
ATOM   858  C  CA  . LEU A 1 115 ? -8.098  5.970   1.656   1.00 15.60 ? 115 LEU A CA  1 
ATOM   859  C  C   . LEU A 1 115 ? -8.923  4.950   2.436   1.00 17.28 ? 115 LEU A C   1 
ATOM   860  O  O   . LEU A 1 115 ? -9.925  4.453   1.930   1.00 20.92 ? 115 LEU A O   1 
ATOM   861  C  CB  . LEU A 1 115 ? -6.943  5.280   0.923   1.00 15.40 ? 115 LEU A CB  1 
ATOM   862  C  CG  . LEU A 1 115 ? -7.330  4.272   -0.164  1.00 18.25 ? 115 LEU A CG  1 
ATOM   863  C  CD1 . LEU A 1 115 ? -8.235  4.934   -1.194  1.00 14.49 ? 115 LEU A CD1 1 
ATOM   864  C  CD2 . LEU A 1 115 ? -6.075  3.698   -0.826  1.00 15.15 ? 115 LEU A CD2 1 
ATOM   865  N  N   . VAL A 1 116 ? -8.507  4.644   3.662   1.00 14.61 ? 116 VAL A N   1 
ATOM   866  C  CA  . VAL A 1 116 ? -9.242  3.699   4.488   1.00 14.60 ? 116 VAL A CA  1 
ATOM   867  C  C   . VAL A 1 116 ? -10.593 4.296   4.883   1.00 15.32 ? 116 VAL A C   1 
ATOM   868  O  O   . VAL A 1 116 ? -11.607 3.607   4.838   1.00 14.60 ? 116 VAL A O   1 
ATOM   869  C  CB  . VAL A 1 116 ? -8.449  3.298   5.754   1.00 16.62 ? 116 VAL A CB  1 
ATOM   870  C  CG1 . VAL A 1 116 ? -9.325  2.448   6.695   1.00 15.45 ? 116 VAL A CG1 1 
ATOM   871  C  CG2 . VAL A 1 116 ? -7.189  2.529   5.358   1.00 13.58 ? 116 VAL A CG2 1 
ATOM   872  N  N   . ALA A 1 117 ? -10.600 5.576   5.256   1.00 14.90 ? 117 ALA A N   1 
ATOM   873  C  CA  . ALA A 1 117 ? -11.830 6.262   5.651   1.00 14.85 ? 117 ALA A CA  1 
ATOM   874  C  C   . ALA A 1 117 ? -12.786 6.381   4.469   1.00 14.97 ? 117 ALA A C   1 
ATOM   875  O  O   . ALA A 1 117 ? -13.995 6.216   4.613   1.00 18.22 ? 117 ALA A O   1 
ATOM   876  C  CB  . ALA A 1 117 ? -11.508 7.646   6.221   1.00 10.92 ? 117 ALA A CB  1 
ATOM   877  N  N   . GLU A 1 118 ? -12.224 6.642   3.296   1.00 15.90 ? 118 GLU A N   1 
ATOM   878  C  CA  . GLU A 1 118 ? -12.987 6.782   2.061   1.00 19.28 ? 118 GLU A CA  1 
ATOM   879  C  C   . GLU A 1 118 ? -13.651 5.472   1.627   1.00 19.10 ? 118 GLU A C   1 
ATOM   880  O  O   . GLU A 1 118 ? -14.793 5.465   1.175   1.00 21.18 ? 118 GLU A O   1 
ATOM   881  C  CB  . GLU A 1 118 ? -12.057 7.286   0.951   1.00 22.17 ? 118 GLU A CB  1 
ATOM   882  C  CG  . GLU A 1 118 ? -12.725 7.518   -0.392  1.00 29.64 ? 118 GLU A CG  1 
ATOM   883  C  CD  . GLU A 1 118 ? -13.836 8.555   -0.340  1.00 32.99 ? 118 GLU A CD  1 
ATOM   884  O  OE1 . GLU A 1 118 ? -13.756 9.490   0.489   1.00 33.97 ? 118 GLU A OE1 1 
ATOM   885  O  OE2 . GLU A 1 118 ? -14.793 8.429   -1.137  1.00 36.63 ? 118 GLU A OE2 1 
ATOM   886  N  N   . LEU A 1 119 ? -12.931 4.365   1.771   1.00 18.86 ? 119 LEU A N   1 
ATOM   887  C  CA  . LEU A 1 119 ? -13.436 3.054   1.380   1.00 17.80 ? 119 LEU A CA  1 
ATOM   888  C  C   . LEU A 1 119 ? -14.332 2.388   2.422   1.00 18.93 ? 119 LEU A C   1 
ATOM   889  O  O   . LEU A 1 119 ? -15.254 1.646   2.066   1.00 17.24 ? 119 LEU A O   1 
ATOM   890  C  CB  . LEU A 1 119 ? -12.269 2.109   1.077   1.00 16.59 ? 119 LEU A CB  1 
ATOM   891  C  CG  . LEU A 1 119 ? -11.288 2.460   -0.046  1.00 17.55 ? 119 LEU A CG  1 
ATOM   892  C  CD1 . LEU A 1 119 ? -10.122 1.489   -0.007  1.00 13.94 ? 119 LEU A CD1 1 
ATOM   893  C  CD2 . LEU A 1 119 ? -11.983 2.412   -1.404  1.00 17.12 ? 119 LEU A CD2 1 
ATOM   894  N  N   . CYS A 1 120 ? -14.077 2.674   3.696   1.00 18.26 ? 120 CYS A N   1 
ATOM   895  C  CA  . CYS A 1 120 ? -14.823 2.061   4.787   1.00 18.32 ? 120 CYS A CA  1 
ATOM   896  C  C   . CYS A 1 120 ? -15.625 3.047   5.616   1.00 19.12 ? 120 CYS A C   1 
ATOM   897  O  O   . CYS A 1 120 ? -15.089 3.704   6.511   1.00 17.82 ? 120 CYS A O   1 
ATOM   898  C  CB  . CYS A 1 120 ? -13.860 1.306   5.699   1.00 18.34 ? 120 CYS A CB  1 
ATOM   899  S  SG  . CYS A 1 120 ? -12.650 0.297   4.815   1.00 17.29 ? 120 CYS A SG  1 
ATOM   900  N  N   . PRO A 1 121 ? -16.940 3.122   5.363   1.00 20.67 ? 121 PRO A N   1 
ATOM   901  C  CA  . PRO A 1 121 ? -17.844 4.026   6.080   1.00 18.93 ? 121 PRO A CA  1 
ATOM   902  C  C   . PRO A 1 121 ? -17.771 3.799   7.585   1.00 20.59 ? 121 PRO A C   1 
ATOM   903  O  O   . PRO A 1 121 ? -17.749 2.652   8.049   1.00 20.55 ? 121 PRO A O   1 
ATOM   904  C  CB  . PRO A 1 121 ? -19.212 3.625   5.544   1.00 20.71 ? 121 PRO A CB  1 
ATOM   905  C  CG  . PRO A 1 121 ? -18.910 3.181   4.149   1.00 21.91 ? 121 PRO A CG  1 
ATOM   906  C  CD  . PRO A 1 121 ? -17.672 2.352   4.340   1.00 20.43 ? 121 PRO A CD  1 
ATOM   907  N  N   . GLY A 1 122 ? -17.699 4.891   8.340   1.00 20.18 ? 122 GLY A N   1 
ATOM   908  C  CA  . GLY A 1 122 ? -17.646 4.789   9.788   1.00 20.22 ? 122 GLY A CA  1 
ATOM   909  C  C   . GLY A 1 122 ? -16.252 4.719   10.370  1.00 19.54 ? 122 GLY A C   1 
ATOM   910  O  O   . GLY A 1 122 ? -16.077 4.713   11.590  1.00 19.79 ? 122 GLY A O   1 
ATOM   911  N  N   . GLU A 1 123 ? -15.254 4.660   9.499   1.00 18.90 ? 123 GLU A N   1 
ATOM   912  C  CA  . GLU A 1 123 ? -13.874 4.584   9.945   1.00 18.96 ? 123 GLU A CA  1 
ATOM   913  C  C   . GLU A 1 123 ? -13.159 5.912   9.814   1.00 19.04 ? 123 GLU A C   1 
ATOM   914  O  O   . GLU A 1 123 ? -13.259 6.585   8.790   1.00 21.39 ? 123 GLU A O   1 
ATOM   915  C  CB  . GLU A 1 123 ? -13.111 3.529   9.146   1.00 19.35 ? 123 GLU A CB  1 
ATOM   916  C  CG  . GLU A 1 123 ? -13.606 2.102   9.345   1.00 22.50 ? 123 GLU A CG  1 
ATOM   917  C  CD  . GLU A 1 123 ? -13.308 1.545   10.730  1.00 25.89 ? 123 GLU A CD  1 
ATOM   918  O  OE1 . GLU A 1 123 ? -12.438 2.103   11.437  1.00 24.81 ? 123 GLU A OE1 1 
ATOM   919  O  OE2 . GLU A 1 123 ? -13.940 0.532   11.104  1.00 25.53 ? 123 GLU A OE2 1 
ATOM   920  N  N   . THR A 1 124 ? -12.482 6.318   10.879  1.00 18.52 ? 124 THR A N   1 
ATOM   921  C  CA  . THR A 1 124 ? -11.710 7.549   10.844  1.00 18.72 ? 124 THR A CA  1 
ATOM   922  C  C   . THR A 1 124 ? -10.338 7.118   10.314  1.00 18.74 ? 124 THR A C   1 
ATOM   923  O  O   . THR A 1 124 ? -9.958  5.945   10.437  1.00 17.39 ? 124 THR A O   1 
ATOM   924  C  CB  . THR A 1 124 ? -11.564 8.187   12.244  1.00 19.23 ? 124 THR A CB  1 
ATOM   925  O  OG1 . THR A 1 124 ? -10.891 7.279   13.124  1.00 24.48 ? 124 THR A OG1 1 
ATOM   926  C  CG2 . THR A 1 124 ? -12.925 8.521   12.822  1.00 16.48 ? 124 THR A CG2 1 
ATOM   927  N  N   . PRO A 1 125 ? -9.598  8.040   9.676   1.00 19.81 ? 125 PRO A N   1 
ATOM   928  C  CA  . PRO A 1 125 ? -8.272  7.713   9.135   1.00 18.91 ? 125 PRO A CA  1 
ATOM   929  C  C   . PRO A 1 125 ? -7.287  7.168   10.173  1.00 17.79 ? 125 PRO A C   1 
ATOM   930  O  O   . PRO A 1 125 ? -6.969  7.838   11.160  1.00 17.88 ? 125 PRO A O   1 
ATOM   931  C  CB  . PRO A 1 125 ? -7.803  9.046   8.540   1.00 19.62 ? 125 PRO A CB  1 
ATOM   932  C  CG  . PRO A 1 125 ? -8.604  10.082  9.303   1.00 22.18 ? 125 PRO A CG  1 
ATOM   933  C  CD  . PRO A 1 125 ? -9.950  9.444   9.395   1.00 18.46 ? 125 PRO A CD  1 
ATOM   934  N  N   . PRO A 1 126 ? -6.846  5.911   9.997   1.00 17.68 ? 126 PRO A N   1 
ATOM   935  C  CA  . PRO A 1 126 ? -5.901  5.326   10.948  1.00 16.81 ? 126 PRO A CA  1 
ATOM   936  C  C   . PRO A 1 126 ? -4.482  5.813   10.683  1.00 16.79 ? 126 PRO A C   1 
ATOM   937  O  O   . PRO A 1 126 ? -4.169  6.301   9.595   1.00 16.66 ? 126 PRO A O   1 
ATOM   938  C  CB  . PRO A 1 126 ? -6.040  3.831   10.679  1.00 15.38 ? 126 PRO A CB  1 
ATOM   939  C  CG  . PRO A 1 126 ? -6.291  3.786   9.221   1.00 15.08 ? 126 PRO A CG  1 
ATOM   940  C  CD  . PRO A 1 126 ? -7.288  4.902   9.017   1.00 16.26 ? 126 PRO A CD  1 
ATOM   941  N  N   . MET A 1 127 ? -3.645  5.734   11.706  1.00 18.46 ? 127 MET A N   1 
ATOM   942  C  CA  . MET A 1 127 ? -2.251  6.137   11.595  1.00 21.36 ? 127 MET A CA  1 
ATOM   943  C  C   . MET A 1 127 ? -1.478  4.965   10.987  1.00 20.52 ? 127 MET A C   1 
ATOM   944  O  O   . MET A 1 127 ? -1.816  3.802   11.218  1.00 20.85 ? 127 MET A O   1 
ATOM   945  C  CB  . MET A 1 127 ? -1.697  6.509   12.979  1.00 26.07 ? 127 MET A CB  1 
ATOM   946  C  CG  . MET A 1 127 ? -0.201  6.800   13.024  1.00 34.14 ? 127 MET A CG  1 
ATOM   947  S  SD  . MET A 1 127 ? 0.339   8.025   11.810  1.00 42.11 ? 127 MET A SD  1 
ATOM   948  C  CE  . MET A 1 127 ? 0.237   9.535   12.784  1.00 43.82 ? 127 MET A CE  1 
ATOM   949  N  N   . PHE A 1 128 ? -0.478  5.280   10.171  1.00 18.18 ? 128 PHE A N   1 
ATOM   950  C  CA  . PHE A 1 128 ? 0.342   4.261   9.525   1.00 17.60 ? 128 PHE A CA  1 
ATOM   951  C  C   . PHE A 1 128 ? 1.824   4.464   9.823   1.00 16.73 ? 128 PHE A C   1 
ATOM   952  O  O   . PHE A 1 128 ? 2.362   5.528   9.535   1.00 16.78 ? 128 PHE A O   1 
ATOM   953  C  CB  . PHE A 1 128 ? 0.196   4.333   7.996   1.00 14.45 ? 128 PHE A CB  1 
ATOM   954  C  CG  . PHE A 1 128 ? -0.978  3.573   7.432   1.00 14.51 ? 128 PHE A CG  1 
ATOM   955  C  CD1 . PHE A 1 128 ? -0.771  2.421   6.679   1.00 13.38 ? 128 PHE A CD1 1 
ATOM   956  C  CD2 . PHE A 1 128 ? -2.275  4.057   7.560   1.00 13.63 ? 128 PHE A CD2 1 
ATOM   957  C  CE1 . PHE A 1 128 ? -1.839  1.774   6.053   1.00 15.36 ? 128 PHE A CE1 1 
ATOM   958  C  CE2 . PHE A 1 128 ? -3.349  3.411   6.934   1.00 15.77 ? 128 PHE A CE2 1 
ATOM   959  C  CZ  . PHE A 1 128 ? -3.130  2.271   6.182   1.00 13.62 ? 128 PHE A CZ  1 
ATOM   960  N  N   . THR A 1 129 ? 2.477   3.472   10.425  1.00 16.31 ? 129 THR A N   1 
ATOM   961  C  CA  . THR A 1 129 ? 3.925   3.576   10.633  1.00 17.92 ? 129 THR A CA  1 
ATOM   962  C  C   . THR A 1 129 ? 4.497   3.138   9.269   1.00 17.79 ? 129 THR A C   1 
ATOM   963  O  O   . THR A 1 129 ? 3.771   2.557   8.452   1.00 19.17 ? 129 THR A O   1 
ATOM   964  C  CB  . THR A 1 129 ? 4.450   2.631   11.753  1.00 18.30 ? 129 THR A CB  1 
ATOM   965  O  OG1 . THR A 1 129 ? 4.051   1.281   11.486  1.00 19.15 ? 129 THR A OG1 1 
ATOM   966  C  CG2 . THR A 1 129 ? 3.915   3.056   13.117  1.00 18.84 ? 129 THR A CG2 1 
ATOM   967  N  N   . THR A 1 130 ? 5.764   3.427   8.993   1.00 14.04 ? 130 THR A N   1 
ATOM   968  C  CA  . THR A 1 130 ? 6.329   3.021   7.715   1.00 14.02 ? 130 THR A CA  1 
ATOM   969  C  C   . THR A 1 130 ? 6.271   1.501   7.558   1.00 11.08 ? 130 THR A C   1 
ATOM   970  O  O   . THR A 1 130 ? 6.486   0.762   8.518   1.00 11.94 ? 130 THR A O   1 
ATOM   971  C  CB  . THR A 1 130 ? 7.772   3.535   7.530   1.00 13.55 ? 130 THR A CB  1 
ATOM   972  O  OG1 . THR A 1 130 ? 8.572   3.152   8.652   1.00 15.51 ? 130 THR A OG1 1 
ATOM   973  C  CG2 . THR A 1 130 ? 7.787   5.049   7.391   1.00 14.96 ? 130 THR A CG2 1 
ATOM   974  N  N   . SER A 1 131 ? 5.922   1.058   6.352   1.00 11.03 ? 131 SER A N   1 
ATOM   975  C  CA  . SER A 1 131 ? 5.799   -0.359  6.014   1.00 12.01 ? 131 SER A CA  1 
ATOM   976  C  C   . SER A 1 131 ? 4.581   -1.055  6.619   1.00 12.38 ? 131 SER A C   1 
ATOM   977  O  O   . SER A 1 131 ? 4.412   -2.259  6.439   1.00 13.55 ? 131 SER A O   1 
ATOM   978  C  CB  . SER A 1 131 ? 7.071   -1.133  6.365   1.00 12.35 ? 131 SER A CB  1 
ATOM   979  O  OG  . SER A 1 131 ? 8.179   -0.653  5.637   1.00 15.01 ? 131 SER A OG  1 
ATOM   980  N  N   . ALA A 1 132 ? 3.735   -0.313  7.329   1.00 10.83 ? 132 ALA A N   1 
ATOM   981  C  CA  . ALA A 1 132 ? 2.529   -0.893  7.929   1.00 13.08 ? 132 ALA A CA  1 
ATOM   982  C  C   . ALA A 1 132 ? 1.522   -1.207  6.823   1.00 13.22 ? 132 ALA A C   1 
ATOM   983  O  O   . ALA A 1 132 ? 1.491   -0.516  5.809   1.00 13.71 ? 132 ALA A O   1 
ATOM   984  C  CB  . ALA A 1 132 ? 1.918   0.079   8.937   1.00 11.66 ? 132 ALA A CB  1 
ATOM   985  N  N   . ILE A 1 133 ? 0.721   -2.256  7.008   1.00 15.51 ? 133 ILE A N   1 
ATOM   986  C  CA  . ILE A 1 133 ? -0.283  -2.647  6.016   1.00 15.55 ? 133 ILE A CA  1 
ATOM   987  C  C   . ILE A 1 133 ? -1.671  -2.809  6.639   1.00 16.08 ? 133 ILE A C   1 
ATOM   988  O  O   . ILE A 1 133 ? -1.816  -3.369  7.717   1.00 15.58 ? 133 ILE A O   1 
ATOM   989  C  CB  . ILE A 1 133 ? 0.091   -3.970  5.313   1.00 16.41 ? 133 ILE A CB  1 
ATOM   990  C  CG1 . ILE A 1 133 ? 1.458   -3.839  4.637   1.00 19.17 ? 133 ILE A CG1 1 
ATOM   991  C  CG2 . ILE A 1 133 ? -0.966  -4.342  4.282   1.00 14.73 ? 133 ILE A CG2 1 
ATOM   992  C  CD1 . ILE A 1 133 ? 2.001   -5.138  4.091   1.00 20.40 ? 133 ILE A CD1 1 
ATOM   993  N  N   . ALA A 1 134 ? -2.685  -2.289  5.958   1.00 15.00 ? 134 ALA A N   1 
ATOM   994  C  CA  . ALA A 1 134 ? -4.065  -2.393  6.421   1.00 13.23 ? 134 ALA A CA  1 
ATOM   995  C  C   . ALA A 1 134 ? -4.832  -3.210  5.396   1.00 12.78 ? 134 ALA A C   1 
ATOM   996  O  O   . ALA A 1 134 ? -4.633  -3.049  4.199   1.00 13.51 ? 134 ALA A O   1 
ATOM   997  C  CB  . ALA A 1 134 ? -4.677  -1.012  6.557   1.00 11.30 ? 134 ALA A CB  1 
ATOM   998  N  N   . SER A 1 135 ? -5.665  -4.130  5.865   1.00 13.62 ? 135 SER A N   1 
ATOM   999  C  CA  . SER A 1 135 ? -6.458  -4.960  4.964   1.00 13.39 ? 135 SER A CA  1 
ATOM   1000 C  C   . SER A 1 135 ? -7.894  -4.484  4.942   1.00 12.36 ? 135 SER A C   1 
ATOM   1001 O  O   . SER A 1 135 ? -8.506  -4.289  5.987   1.00 12.24 ? 135 SER A O   1 
ATOM   1002 C  CB  . SER A 1 135 ? -6.414  -6.423  5.390   1.00 15.00 ? 135 SER A CB  1 
ATOM   1003 O  OG  . SER A 1 135 ? -7.386  -7.168  4.686   1.00 16.90 ? 135 SER A OG  1 
ATOM   1004 N  N   . VAL A 1 136 ? -8.425  -4.328  3.736   1.00 12.24 ? 136 VAL A N   1 
ATOM   1005 C  CA  . VAL A 1 136 ? -9.790  -3.864  3.518   1.00 13.87 ? 136 VAL A CA  1 
ATOM   1006 C  C   . VAL A 1 136 ? -10.471 -4.786  2.521   1.00 14.92 ? 136 VAL A C   1 
ATOM   1007 O  O   . VAL A 1 136 ? -9.840  -5.239  1.573   1.00 13.84 ? 136 VAL A O   1 
ATOM   1008 C  CB  . VAL A 1 136 ? -9.804  -2.405  2.935   1.00 13.62 ? 136 VAL A CB  1 
ATOM   1009 C  CG1 . VAL A 1 136 ? -11.193 -2.037  2.410   1.00 14.32 ? 136 VAL A CG1 1 
ATOM   1010 C  CG2 . VAL A 1 136 ? -9.378  -1.400  3.995   1.00 11.75 ? 136 VAL A CG2 1 
ATOM   1011 N  N   . THR A 1 137 ? -11.736 -5.117  2.775   1.00 16.03 ? 137 THR A N   1 
ATOM   1012 C  CA  . THR A 1 137 ? -12.507 -5.956  1.858   1.00 17.19 ? 137 THR A CA  1 
ATOM   1013 C  C   . THR A 1 137 ? -13.499 -5.014  1.174   1.00 16.10 ? 137 THR A C   1 
ATOM   1014 O  O   . THR A 1 137 ? -14.285 -4.344  1.839   1.00 16.17 ? 137 THR A O   1 
ATOM   1015 C  CB  . THR A 1 137 ? -13.259 -7.093  2.594   1.00 18.26 ? 137 THR A CB  1 
ATOM   1016 O  OG1 . THR A 1 137 ? -12.312 -7.889  3.317   1.00 18.32 ? 137 THR A OG1 1 
ATOM   1017 C  CG2 . THR A 1 137 ? -13.991 -7.982  1.599   1.00 16.37 ? 137 THR A CG2 1 
ATOM   1018 N  N   . LEU A 1 138 ? -13.437 -4.961  -0.153  1.00 14.99 ? 138 LEU A N   1 
ATOM   1019 C  CA  . LEU A 1 138 ? -14.283 -4.076  -0.942  1.00 15.75 ? 138 LEU A CA  1 
ATOM   1020 C  C   . LEU A 1 138 ? -15.228 -4.837  -1.886  1.00 18.39 ? 138 LEU A C   1 
ATOM   1021 O  O   . LEU A 1 138 ? -14.844 -5.856  -2.466  1.00 19.07 ? 138 LEU A O   1 
ATOM   1022 C  CB  . LEU A 1 138 ? -13.367 -3.162  -1.752  1.00 15.44 ? 138 LEU A CB  1 
ATOM   1023 C  CG  . LEU A 1 138 ? -13.919 -1.931  -2.456  1.00 18.64 ? 138 LEU A CG  1 
ATOM   1024 C  CD1 . LEU A 1 138 ? -14.262 -0.859  -1.435  1.00 19.65 ? 138 LEU A CD1 1 
ATOM   1025 C  CD2 . LEU A 1 138 ? -12.862 -1.419  -3.409  1.00 16.09 ? 138 LEU A CD2 1 
ATOM   1026 N  N   . ASP A 1 139 ? -16.468 -4.365  -2.008  1.00 19.66 ? 139 ASP A N   1 
ATOM   1027 C  CA  . ASP A 1 139 ? -17.440 -4.997  -2.907  1.00 20.76 ? 139 ASP A CA  1 
ATOM   1028 C  C   . ASP A 1 139 ? -17.669 -4.134  -4.146  1.00 21.69 ? 139 ASP A C   1 
ATOM   1029 O  O   . ASP A 1 139 ? -17.150 -3.019  -4.225  1.00 20.29 ? 139 ASP A O   1 
ATOM   1030 C  CB  . ASP A 1 139 ? -18.774 -5.303  -2.195  1.00 22.58 ? 139 ASP A CB  1 
ATOM   1031 C  CG  . ASP A 1 139 ? -19.494 -4.055  -1.682  1.00 21.67 ? 139 ASP A CG  1 
ATOM   1032 O  OD1 . ASP A 1 139 ? -20.323 -4.206  -0.766  1.00 24.42 ? 139 ASP A OD1 1 
ATOM   1033 O  OD2 . ASP A 1 139 ? -19.267 -2.939  -2.178  1.00 22.54 ? 139 ASP A OD2 1 
ATOM   1034 N  N   . GLU A 1 140 ? -18.484 -4.627  -5.077  1.00 21.89 ? 140 GLU A N   1 
ATOM   1035 C  CA  . GLU A 1 140 ? -18.771 -3.917  -6.328  1.00 25.01 ? 140 GLU A CA  1 
ATOM   1036 C  C   . GLU A 1 140 ? -19.332 -2.508  -6.164  1.00 25.12 ? 140 GLU A C   1 
ATOM   1037 O  O   . GLU A 1 140 ? -19.173 -1.674  -7.051  1.00 24.84 ? 140 GLU A O   1 
ATOM   1038 C  CB  . GLU A 1 140 ? -19.725 -4.727  -7.215  1.00 27.96 ? 140 GLU A CB  1 
ATOM   1039 C  CG  . GLU A 1 140 ? -19.147 -6.003  -7.829  1.00 34.90 ? 140 GLU A CG  1 
ATOM   1040 C  CD  . GLU A 1 140 ? -19.064 -7.176  -6.854  1.00 41.29 ? 140 GLU A CD  1 
ATOM   1041 O  OE1 . GLU A 1 140 ? -18.336 -8.145  -7.171  1.00 44.89 ? 140 GLU A OE1 1 
ATOM   1042 O  OE2 . GLU A 1 140 ? -19.726 -7.151  -5.786  1.00 41.51 ? 140 GLU A OE2 1 
ATOM   1043 N  N   . SER A 1 141 ? -19.989 -2.247  -5.038  1.00 26.00 ? 141 SER A N   1 
ATOM   1044 C  CA  . SER A 1 141 ? -20.582 -0.938  -4.782  1.00 27.61 ? 141 SER A CA  1 
ATOM   1045 C  C   . SER A 1 141 ? -19.616 0.116   -4.250  1.00 28.50 ? 141 SER A C   1 
ATOM   1046 O  O   . SER A 1 141 ? -19.984 1.282   -4.129  1.00 30.74 ? 141 SER A O   1 
ATOM   1047 C  CB  . SER A 1 141 ? -21.762 -1.078  -3.821  1.00 29.30 ? 141 SER A CB  1 
ATOM   1048 O  OG  . SER A 1 141 ? -22.759 -1.925  -4.370  1.00 36.44 ? 141 SER A OG  1 
ATOM   1049 N  N   . GLY A 1 142 ? -18.386 -0.283  -3.937  1.00 29.39 ? 142 GLY A N   1 
ATOM   1050 C  CA  . GLY A 1 142 ? -17.411 0.661   -3.411  1.00 30.68 ? 142 GLY A CA  1 
ATOM   1051 C  C   . GLY A 1 142 ? -17.390 0.748   -1.888  1.00 30.91 ? 142 GLY A C   1 
ATOM   1052 O  O   . GLY A 1 142 ? -16.650 1.563   -1.328  1.00 32.96 ? 142 GLY A O   1 
ATOM   1053 N  N   . ASN A 1 143 ? -18.210 -0.067  -1.220  1.00 30.57 ? 143 ASN A N   1 
ATOM   1054 C  CA  . ASN A 1 143 ? -18.269 -0.099  0.248   1.00 30.21 ? 143 ASN A CA  1 
ATOM   1055 C  C   . ASN A 1 143 ? -17.235 -1.083  0.772   1.00 26.95 ? 143 ASN A C   1 
ATOM   1056 O  O   . ASN A 1 143 ? -17.171 -2.224  0.316   1.00 26.88 ? 143 ASN A O   1 
ATOM   1057 C  CB  . ASN A 1 143 ? -19.648 -0.555  0.742   1.00 35.43 ? 143 ASN A CB  1 
ATOM   1058 C  CG  . ASN A 1 143 ? -20.741 0.469   0.491   1.00 41.70 ? 143 ASN A CG  1 
ATOM   1059 O  OD1 . ASN A 1 143 ? -21.902 0.104   0.288   1.00 41.62 ? 143 ASN A OD1 1 
ATOM   1060 N  ND2 . ASN A 1 143 ? -20.387 1.756   0.528   1.00 41.09 ? 143 ASN A ND2 1 
ATOM   1061 N  N   . GLY A 1 144 ? -16.465 -0.664  1.764   1.00 23.86 ? 144 GLY A N   1 
ATOM   1062 C  CA  . GLY A 1 144 ? -15.445 -1.540  2.308   1.00 20.35 ? 144 GLY A CA  1 
ATOM   1063 C  C   . GLY A 1 144 ? -15.522 -1.800  3.797   1.00 18.12 ? 144 GLY A C   1 
ATOM   1064 O  O   . GLY A 1 144 ? -16.167 -1.078  4.551   1.00 18.23 ? 144 GLY A O   1 
ATOM   1065 N  N   . THR A 1 145 ? -14.830 -2.847  4.209   1.00 18.62 ? 145 THR A N   1 
ATOM   1066 C  CA  . THR A 1 145 ? -14.752 -3.262  5.597   1.00 17.86 ? 145 THR A CA  1 
ATOM   1067 C  C   . THR A 1 145 ? -13.279 -3.256  5.992   1.00 17.39 ? 145 THR A C   1 
ATOM   1068 O  O   . THR A 1 145 ? -12.447 -3.845  5.302   1.00 16.11 ? 145 THR A O   1 
ATOM   1069 C  CB  . THR A 1 145 ? -15.299 -4.689  5.759   1.00 19.46 ? 145 THR A CB  1 
ATOM   1070 O  OG1 . THR A 1 145 ? -16.716 -4.680  5.552   1.00 21.26 ? 145 THR A OG1 1 
ATOM   1071 C  CG2 . THR A 1 145 ? -14.997 -5.229  7.136   1.00 23.34 ? 145 THR A CG2 1 
ATOM   1072 N  N   . PHE A 1 146 ? -12.956 -2.539  7.061   1.00 17.79 ? 146 PHE A N   1 
ATOM   1073 C  CA  . PHE A 1 146 ? -11.588 -2.465  7.568   1.00 18.34 ? 146 PHE A CA  1 
ATOM   1074 C  C   . PHE A 1 146 ? -11.352 -3.712  8.441   1.00 18.88 ? 146 PHE A C   1 
ATOM   1075 O  O   . PHE A 1 146 ? -11.889 -3.821  9.553   1.00 18.67 ? 146 PHE A O   1 
ATOM   1076 C  CB  . PHE A 1 146 ? -11.423 -1.179  8.382   1.00 19.91 ? 146 PHE A CB  1 
ATOM   1077 C  CG  . PHE A 1 146 ? -10.027 -0.934  8.887   1.00 24.11 ? 146 PHE A CG  1 
ATOM   1078 C  CD1 . PHE A 1 146 ? -8.928  -1.521  8.278   1.00 23.63 ? 146 PHE A CD1 1 
ATOM   1079 C  CD2 . PHE A 1 146 ? -9.819  -0.103  9.987   1.00 29.16 ? 146 PHE A CD2 1 
ATOM   1080 C  CE1 . PHE A 1 146 ? -7.639  -1.287  8.752   1.00 26.44 ? 146 PHE A CE1 1 
ATOM   1081 C  CE2 . PHE A 1 146 ? -8.532  0.139   10.470  1.00 30.60 ? 146 PHE A CE2 1 
ATOM   1082 C  CZ  . PHE A 1 146 ? -7.438  -0.461  9.846   1.00 27.67 ? 146 PHE A CZ  1 
ATOM   1083 N  N   . ASN A 1 147 ? -10.565 -4.651  7.918   1.00 17.84 ? 147 ASN A N   1 
ATOM   1084 C  CA  . ASN A 1 147 ? -10.278 -5.909  8.602   1.00 15.49 ? 147 ASN A CA  1 
ATOM   1085 C  C   . ASN A 1 147 ? -9.277  -5.818  9.739   1.00 16.20 ? 147 ASN A C   1 
ATOM   1086 O  O   . ASN A 1 147 ? -9.581  -6.208  10.869  1.00 15.09 ? 147 ASN A O   1 
ATOM   1087 C  CB  . ASN A 1 147 ? -9.822  -6.966  7.592   1.00 13.61 ? 147 ASN A CB  1 
ATOM   1088 C  CG  . ASN A 1 147 ? -10.858 -7.223  6.509   1.00 17.13 ? 147 ASN A CG  1 
ATOM   1089 O  OD1 . ASN A 1 147 ? -10.521 -7.357  5.334   1.00 16.92 ? 147 ASN A OD1 1 
ATOM   1090 N  ND2 . ASN A 1 147 ? -12.131 -7.284  6.902   1.00 15.80 ? 147 ASN A ND2 1 
ATOM   1091 N  N   . TRP A 1 148 ? -8.085  -5.316  9.440   1.00 15.24 ? 148 TRP A N   1 
ATOM   1092 C  CA  . TRP A 1 148 ? -7.028  -5.187  10.438  1.00 15.77 ? 148 TRP A CA  1 
ATOM   1093 C  C   . TRP A 1 148 ? -5.853  -4.387  9.896   1.00 16.30 ? 148 TRP A C   1 
ATOM   1094 O  O   . TRP A 1 148 ? -5.840  -4.006  8.727   1.00 17.99 ? 148 TRP A O   1 
ATOM   1095 C  CB  . TRP A 1 148 ? -6.527  -6.571  10.876  1.00 15.41 ? 148 TRP A CB  1 
ATOM   1096 C  CG  . TRP A 1 148 ? -6.296  -7.543  9.739   1.00 16.56 ? 148 TRP A CG  1 
ATOM   1097 C  CD1 . TRP A 1 148 ? -7.101  -8.593  9.384   1.00 17.41 ? 148 TRP A CD1 1 
ATOM   1098 C  CD2 . TRP A 1 148 ? -5.193  -7.554  8.810   1.00 17.24 ? 148 TRP A CD2 1 
ATOM   1099 N  NE1 . TRP A 1 148 ? -6.569  -9.251  8.294   1.00 16.80 ? 148 TRP A NE1 1 
ATOM   1100 C  CE2 . TRP A 1 148 ? -5.401  -8.638  7.925   1.00 17.76 ? 148 TRP A CE2 1 
ATOM   1101 C  CE3 . TRP A 1 148 ? -4.050  -6.758  8.642   1.00 14.74 ? 148 TRP A CE3 1 
ATOM   1102 C  CZ2 . TRP A 1 148 ? -4.508  -8.942  6.887   1.00 17.09 ? 148 TRP A CZ2 1 
ATOM   1103 C  CZ3 . TRP A 1 148 ? -3.164  -7.063  7.610   1.00 16.21 ? 148 TRP A CZ3 1 
ATOM   1104 C  CH2 . TRP A 1 148 ? -3.399  -8.145  6.751   1.00 15.79 ? 148 TRP A CH2 1 
ATOM   1105 N  N   . GLN A 1 149 ? -4.863  -4.161  10.753  1.00 15.89 ? 149 GLN A N   1 
ATOM   1106 C  CA  . GLN A 1 149 ? -3.655  -3.434  10.387  1.00 17.13 ? 149 GLN A CA  1 
ATOM   1107 C  C   . GLN A 1 149 ? -2.482  -4.076  11.126  1.00 17.88 ? 149 GLN A C   1 
ATOM   1108 O  O   . GLN A 1 149 ? -2.579  -4.395  12.311  1.00 18.74 ? 149 GLN A O   1 
ATOM   1109 C  CB  . GLN A 1 149 ? -3.768  -1.943  10.744  1.00 19.23 ? 149 GLN A CB  1 
ATOM   1110 C  CG  . GLN A 1 149 ? -2.565  -1.118  10.279  1.00 25.77 ? 149 GLN A CG  1 
ATOM   1111 C  CD  . GLN A 1 149 ? -2.677  0.366   10.588  1.00 30.37 ? 149 GLN A CD  1 
ATOM   1112 O  OE1 . GLN A 1 149 ? -2.190  1.200   9.826   1.00 31.77 ? 149 GLN A OE1 1 
ATOM   1113 N  NE2 . GLN A 1 149 ? -3.303  0.705   11.712  1.00 34.20 ? 149 GLN A NE2 1 
ATOM   1114 N  N   . MET A 1 150 ? -1.393  -4.306  10.404  1.00 17.08 ? 150 MET A N   1 
ATOM   1115 C  CA  . MET A 1 150 ? -0.200  -4.912  10.975  1.00 16.51 ? 150 MET A CA  1 
ATOM   1116 C  C   . MET A 1 150 ? 0.976   -3.981  10.714  1.00 17.52 ? 150 MET A C   1 
ATOM   1117 O  O   . MET A 1 150 ? 1.046   -3.343  9.667   1.00 18.37 ? 150 MET A O   1 
ATOM   1118 C  CB  . MET A 1 150 ? 0.045   -6.271  10.317  1.00 16.12 ? 150 MET A CB  1 
ATOM   1119 C  CG  . MET A 1 150 ? 1.129   -7.117  10.958  1.00 19.91 ? 150 MET A CG  1 
ATOM   1120 S  SD  . MET A 1 150 ? 0.825   -7.454  12.693  1.00 21.86 ? 150 MET A SD  1 
ATOM   1121 C  CE  . MET A 1 150 ? -0.698  -8.419  12.580  1.00 19.96 ? 150 MET A CE  1 
ATOM   1122 N  N   . SER A 1 151 ? 1.898   -3.900  11.666  1.00 18.39 ? 151 SER A N   1 
ATOM   1123 C  CA  . SER A 1 151 ? 3.069   -3.035  11.523  1.00 19.40 ? 151 SER A CA  1 
ATOM   1124 C  C   . SER A 1 151 ? 4.362   -3.740  11.935  1.00 18.48 ? 151 SER A C   1 
ATOM   1125 O  O   . SER A 1 151 ? 4.332   -4.760  12.625  1.00 15.59 ? 151 SER A O   1 
ATOM   1126 C  CB  . SER A 1 151 ? 2.885   -1.756  12.346  1.00 21.74 ? 151 SER A CB  1 
ATOM   1127 O  OG  . SER A 1 151 ? 2.755   -2.058  13.719  1.00 27.31 ? 151 SER A OG  1 
ATOM   1128 N  N   . PRO A 1 152 ? 5.515   -3.213  11.491  1.00 18.48 ? 152 PRO A N   1 
ATOM   1129 C  CA  . PRO A 1 152 ? 6.821   -3.786  11.812  1.00 21.04 ? 152 PRO A CA  1 
ATOM   1130 C  C   . PRO A 1 152 ? 7.063   -3.934  13.314  1.00 21.48 ? 152 PRO A C   1 
ATOM   1131 O  O   . PRO A 1 152 ? 7.556   -4.970  13.762  1.00 20.46 ? 152 PRO A O   1 
ATOM   1132 C  CB  . PRO A 1 152 ? 7.788   -2.786  11.180  1.00 18.20 ? 152 PRO A CB  1 
ATOM   1133 C  CG  . PRO A 1 152 ? 7.051   -2.356  9.971   1.00 20.19 ? 152 PRO A CG  1 
ATOM   1134 C  CD  . PRO A 1 152 ? 5.662   -2.116  10.517  1.00 19.33 ? 152 PRO A CD  1 
ATOM   1135 N  N   . CYS A 1 153 ? 6.678   -2.919  14.086  1.00 23.00 ? 153 CYS A N   1 
ATOM   1136 C  CA  . CYS A 1 153 ? 6.872   -2.940  15.535  1.00 28.30 ? 153 CYS A CA  1 
ATOM   1137 C  C   . CYS A 1 153 ? 6.077   -4.049  16.203  1.00 29.37 ? 153 CYS A C   1 
ATOM   1138 O  O   . CYS A 1 153 ? 6.383   -4.453  17.326  1.00 32.45 ? 153 CYS A O   1 
ATOM   1139 C  CB  . CYS A 1 153 ? 6.528   -1.585  16.163  1.00 30.56 ? 153 CYS A CB  1 
ATOM   1140 S  SG  . CYS A 1 153 ? 4.786   -1.175  16.205  1.00 38.16 ? 153 CYS A SG  1 
ATOM   1141 N  N   . ASN A 1 154 ? 5.062   -4.544  15.504  1.00 30.44 ? 154 ASN A N   1 
ATOM   1142 C  CA  . ASN A 1 154 ? 4.239   -5.623  16.022  1.00 31.05 ? 154 ASN A CA  1 
ATOM   1143 C  C   . ASN A 1 154 ? 4.899   -6.972  15.733  1.00 31.39 ? 154 ASN A C   1 
ATOM   1144 O  O   . ASN A 1 154 ? 5.003   -7.821  16.615  1.00 33.03 ? 154 ASN A O   1 
ATOM   1145 C  CB  . ASN A 1 154 ? 2.841   -5.568  15.414  1.00 32.88 ? 154 ASN A CB  1 
ATOM   1146 C  CG  . ASN A 1 154 ? 1.813   -6.212  16.298  1.00 35.59 ? 154 ASN A CG  1 
ATOM   1147 O  OD1 . ASN A 1 154 ? 1.502   -7.393  16.153  1.00 37.43 ? 154 ASN A OD1 1 
ATOM   1148 N  ND2 . ASN A 1 154 ? 1.300   -5.448  17.250  1.00 38.62 ? 154 ASN A ND2 1 
ATOM   1149 N  N   . LEU A 1 155 ? 5.372   -7.152  14.504  1.00 32.33 ? 155 LEU A N   1 
ATOM   1150 C  CA  . LEU A 1 155 ? 6.036   -8.392  14.111  1.00 34.04 ? 155 LEU A CA  1 
ATOM   1151 C  C   . LEU A 1 155 ? 7.271   -8.668  14.954  1.00 36.83 ? 155 LEU A C   1 
ATOM   1152 O  O   . LEU A 1 155 ? 7.618   -9.824  15.195  1.00 38.93 ? 155 LEU A O   1 
ATOM   1153 C  CB  . LEU A 1 155 ? 6.445   -8.338  12.644  1.00 33.19 ? 155 LEU A CB  1 
ATOM   1154 C  CG  . LEU A 1 155 ? 5.313   -8.324  11.628  1.00 33.10 ? 155 LEU A CG  1 
ATOM   1155 C  CD1 . LEU A 1 155 ? 5.897   -8.392  10.231  1.00 33.34 ? 155 LEU A CD1 1 
ATOM   1156 C  CD2 . LEU A 1 155 ? 4.399   -9.508  11.890  1.00 32.90 ? 155 LEU A CD2 1 
ATOM   1157 N  N   . LYS A 1 156 ? 7.932   -7.600  15.393  1.00 38.57 ? 156 LYS A N   1 
ATOM   1158 C  CA  . LYS A 1 156 ? 9.138   -7.705  16.212  1.00 40.20 ? 156 LYS A CA  1 
ATOM   1159 C  C   . LYS A 1 156 ? 8.870   -8.130  17.664  1.00 42.41 ? 156 LYS A C   1 
ATOM   1160 O  O   . LYS A 1 156 ? 9.793   -8.731  18.256  1.00 43.54 ? 156 LYS A O   1 
ATOM   1161 C  CB  . LYS A 1 156 ? 9.909   -6.382  16.172  1.00 38.38 ? 156 LYS A CB  1 
ATOM   1162 C  CG  . LYS A 1 156 ? 10.463  -6.042  14.796  1.00 37.31 ? 156 LYS A CG  1 
ATOM   1163 C  CD  . LYS A 1 156 ? 11.082  -4.654  14.753  1.00 35.83 ? 156 LYS A CD  1 
ATOM   1164 C  CE  . LYS A 1 156 ? 11.565  -4.332  13.348  1.00 35.38 ? 156 LYS A CE  1 
ATOM   1165 N  NZ  . LYS A 1 156 ? 12.152  -2.971  13.238  1.00 33.94 ? 156 LYS A NZ  1 
HETATM 1166 CA CA  . CA  B 2 .   ? 13.575  -14.222 -2.345  1.00 37.34 ? 162 CA  A CA  1 
HETATM 1167 O  O   . HOH C 3 .   ? 11.146  9.174   -2.578  1.00 14.77 ? 163 HOH A O   1 
HETATM 1168 O  O   . HOH C 3 .   ? 8.693   7.102   -10.892 1.00 13.59 ? 164 HOH A O   1 
HETATM 1169 O  O   . HOH C 3 .   ? -14.754 -8.746  -5.291  1.00 21.14 ? 165 HOH A O   1 
HETATM 1170 O  O   . HOH C 3 .   ? -13.489 -8.583  -7.782  1.00 19.08 ? 166 HOH A O   1 
HETATM 1171 O  O   . HOH C 3 .   ? 3.827   14.724  17.059  1.00 53.46 ? 167 HOH A O   1 
HETATM 1172 O  O   . HOH C 3 .   ? 14.487  -7.627  10.860  1.00 39.02 ? 168 HOH A O   1 
HETATM 1173 O  O   . HOH C 3 .   ? 9.846   1.027   7.308   1.00 20.15 ? 169 HOH A O   1 
HETATM 1174 O  O   . HOH C 3 .   ? -15.708 -10.916 -0.928  1.00 37.96 ? 170 HOH A O   1 
HETATM 1175 O  O   . HOH C 3 .   ? -0.280  -5.042  -11.323 1.00 13.18 ? 171 HOH A O   1 
HETATM 1176 O  O   . HOH C 3 .   ? -13.340 -8.001  9.294   1.00 23.30 ? 172 HOH A O   1 
HETATM 1177 O  O   . HOH C 3 .   ? 0.741   1.402   11.846  1.00 26.87 ? 173 HOH A O   1 
HETATM 1178 O  O   . HOH C 3 .   ? 7.859   1.026   10.981  1.00 21.99 ? 174 HOH A O   1 
HETATM 1179 O  O   . HOH C 3 .   ? -5.744  -4.909  13.645  1.00 33.47 ? 175 HOH A O   1 
HETATM 1180 O  O   . HOH C 3 .   ? -7.769  13.367  -1.596  1.00 24.97 ? 176 HOH A O   1 
HETATM 1181 O  O   . HOH C 3 .   ? 7.691   -10.941 -7.247  1.00 25.68 ? 177 HOH A O   1 
HETATM 1182 O  O   . HOH C 3 .   ? 18.066  5.207   -5.167  1.00 39.01 ? 178 HOH A O   1 
HETATM 1183 O  O   . HOH C 3 .   ? -7.980  -8.420  -15.090 1.00 32.52 ? 179 HOH A O   1 
HETATM 1184 O  O   . HOH C 3 .   ? -2.829  2.608   -14.777 1.00 22.54 ? 180 HOH A O   1 
HETATM 1185 O  O   . HOH C 3 .   ? 6.208   -0.217  13.223  1.00 26.17 ? 181 HOH A O   1 
HETATM 1186 O  O   . HOH C 3 .   ? -7.686  -9.941  4.794   1.00 24.99 ? 182 HOH A O   1 
HETATM 1187 O  O   . HOH C 3 .   ? -6.054  -8.588  -13.067 1.00 26.09 ? 183 HOH A O   1 
HETATM 1188 O  O   . HOH C 3 .   ? 26.904  27.414  -4.379  1.00 41.63 ? 184 HOH A O   1 
HETATM 1189 O  O   . HOH C 3 .   ? 9.623   -1.220  14.409  1.00 34.24 ? 185 HOH A O   1 
HETATM 1190 O  O   . HOH C 3 .   ? 16.617  -10.653 -2.143  1.00 33.83 ? 186 HOH A O   1 
HETATM 1191 O  O   . HOH C 3 .   ? -9.341  -11.385 -12.313 1.00 27.35 ? 187 HOH A O   1 
HETATM 1192 O  O   . HOH C 3 .   ? 11.602  18.496  -2.383  1.00 32.18 ? 188 HOH A O   1 
HETATM 1193 O  O   . HOH C 3 .   ? 10.990  -12.420 8.132   1.00 33.97 ? 189 HOH A O   1 
HETATM 1194 O  O   . HOH C 3 .   ? -20.098 -5.648  -12.096 1.00 29.39 ? 190 HOH A O   1 
HETATM 1195 O  O   . HOH C 3 .   ? -14.845 8.146   -6.014  1.00 25.49 ? 191 HOH A O   1 
HETATM 1196 O  O   . HOH C 3 .   ? 10.205  7.811   6.236   1.00 27.62 ? 192 HOH A O   1 
HETATM 1197 O  O   . HOH C 3 .   ? 4.586   8.725   4.084   1.00 14.59 ? 193 HOH A O   1 
HETATM 1198 O  O   . HOH C 3 .   ? 11.833  -7.138  -6.640  1.00 27.74 ? 194 HOH A O   1 
HETATM 1199 O  O   . HOH C 3 .   ? 2.413   -16.344 11.775  1.00 49.73 ? 195 HOH A O   1 
HETATM 1200 O  O   . HOH C 3 .   ? -9.796  6.875   -11.240 1.00 29.67 ? 196 HOH A O   1 
HETATM 1201 O  O   . HOH C 3 .   ? 1.796   14.942  -3.732  1.00 44.67 ? 197 HOH A O   1 
HETATM 1202 O  O   . HOH C 3 .   ? -2.345  -9.331  -12.856 1.00 42.60 ? 198 HOH A O   1 
HETATM 1203 O  O   . HOH C 3 .   ? -12.520 4.571   13.302  1.00 36.69 ? 199 HOH A O   1 
HETATM 1204 O  O   . HOH C 3 .   ? -0.030  -10.520 -13.885 1.00 50.23 ? 200 HOH A O   1 
HETATM 1205 O  O   . HOH C 3 .   ? -21.225 -7.684  -10.657 1.00 44.97 ? 201 HOH A O   1 
HETATM 1206 O  O   . HOH C 3 .   ? -12.903 14.288  -10.845 1.00 44.68 ? 202 HOH A O   1 
HETATM 1207 O  O   . HOH C 3 .   ? -17.246 0.263   7.033   1.00 28.98 ? 203 HOH A O   1 
HETATM 1208 O  O   . HOH C 3 .   ? 19.633  10.665  -0.474  1.00 39.59 ? 204 HOH A O   1 
HETATM 1209 O  O   . HOH C 3 .   ? -3.969  13.065  -0.387  1.00 26.52 ? 205 HOH A O   1 
HETATM 1210 O  O   . HOH C 3 .   ? -17.268 6.569   1.697   1.00 37.26 ? 206 HOH A O   1 
HETATM 1211 O  O   . HOH C 3 .   ? 9.715   -0.716  -8.265  1.00 29.89 ? 207 HOH A O   1 
HETATM 1212 O  O   . HOH C 3 .   ? -14.993 -1.040  8.809   1.00 16.44 ? 208 HOH A O   1 
HETATM 1213 O  O   . HOH C 3 .   ? -15.467 6.915   7.304   1.00 26.10 ? 209 HOH A O   1 
HETATM 1214 O  O   . HOH C 3 .   ? 5.660   10.597  2.416   1.00 26.63 ? 210 HOH A O   1 
HETATM 1215 O  O   . HOH C 3 .   ? -8.356  8.734   13.353  1.00 25.10 ? 211 HOH A O   1 
HETATM 1216 O  O   . HOH C 3 .   ? 16.971  -5.102  -7.813  1.00 48.52 ? 212 HOH A O   1 
HETATM 1217 O  O   . HOH C 3 .   ? 23.489  8.987   -2.065  1.00 47.65 ? 213 HOH A O   1 
HETATM 1218 O  O   . HOH C 3 .   ? -3.408  6.890   -13.391 1.00 25.75 ? 214 HOH A O   1 
HETATM 1219 O  O   . HOH C 3 .   ? -3.207  9.062   9.529   1.00 30.87 ? 215 HOH A O   1 
HETATM 1220 O  O   . HOH C 3 .   ? -4.497  10.435  7.209   1.00 29.42 ? 216 HOH A O   1 
HETATM 1221 O  O   . HOH C 3 .   ? 16.685  7.641   9.171   1.00 46.79 ? 217 HOH A O   1 
HETATM 1222 O  O   . HOH C 3 .   ? 15.109  -13.064 -3.942  1.00 27.96 ? 218 HOH A O   1 
HETATM 1223 O  O   . HOH C 3 .   ? 11.788  -15.320 -0.856  1.00 33.19 ? 219 HOH A O   1 
HETATM 1224 O  O   . HOH C 3 .   ? -10.898 -11.780 -3.247  1.00 33.65 ? 220 HOH A O   1 
HETATM 1225 O  O   . HOH C 3 .   ? -11.177 10.524  3.089   1.00 35.63 ? 221 HOH A O   1 
HETATM 1226 O  O   . HOH C 3 .   ? 6.825   5.819   11.252  1.00 31.33 ? 222 HOH A O   1 
HETATM 1227 O  O   . HOH C 3 .   ? -20.184 3.113   -2.246  1.00 52.17 ? 223 HOH A O   1 
HETATM 1228 O  O   . HOH C 3 .   ? 19.002  9.088   5.728   1.00 36.78 ? 224 HOH A O   1 
HETATM 1229 O  O   . HOH C 3 .   ? -4.935  -13.390 -1.256  1.00 35.36 ? 225 HOH A O   1 
HETATM 1230 O  O   . HOH C 3 .   ? 18.870  2.569   8.549   1.00 28.79 ? 226 HOH A O   1 
HETATM 1231 O  O   . HOH C 3 .   ? 18.332  7.313   -7.030  1.00 29.26 ? 227 HOH A O   1 
HETATM 1232 O  O   . HOH C 3 .   ? -12.919 7.908   -12.101 1.00 35.08 ? 228 HOH A O   1 
HETATM 1233 O  O   . HOH C 3 .   ? 19.608  5.334   1.780   1.00 39.71 ? 229 HOH A O   1 
HETATM 1234 O  O   . HOH C 3 .   ? 12.082  -12.237 -7.198  1.00 43.81 ? 230 HOH A O   1 
HETATM 1235 O  O   . HOH C 3 .   ? -5.226  -13.646 7.375   1.00 41.41 ? 231 HOH A O   1 
HETATM 1236 O  O   . HOH C 3 .   ? 14.515  -11.491 3.653   1.00 35.62 ? 232 HOH A O   1 
HETATM 1237 O  O   . HOH C 3 .   ? 16.628  -3.972  -17.636 1.00 45.54 ? 233 HOH A O   1 
HETATM 1238 O  O   . HOH C 3 .   ? -21.572 2.133   -6.356  1.00 26.16 ? 234 HOH A O   1 
HETATM 1239 O  O   . HOH C 3 .   ? 18.136  9.184   -4.656  1.00 30.16 ? 235 HOH A O   1 
HETATM 1240 O  O   . HOH C 3 .   ? 5.023   10.911  5.738   1.00 35.77 ? 236 HOH A O   1 
HETATM 1241 O  O   . HOH C 3 .   ? 2.463   -14.946 8.445   1.00 28.29 ? 237 HOH A O   1 
HETATM 1242 O  O   . HOH C 3 .   ? 17.948  4.374   -8.150  1.00 33.64 ? 238 HOH A O   1 
HETATM 1243 O  O   . HOH C 3 .   ? -19.124 9.141   -9.470  1.00 44.95 ? 239 HOH A O   1 
HETATM 1244 O  O   . HOH C 3 .   ? -22.449 -6.575  -7.679  1.00 33.64 ? 240 HOH A O   1 
HETATM 1245 O  O   . HOH C 3 .   ? -14.008 -11.647 -8.176  1.00 35.82 ? 241 HOH A O   1 
HETATM 1246 O  O   . HOH C 3 .   ? 1.435   -12.625 -7.808  1.00 32.17 ? 242 HOH A O   1 
HETATM 1247 O  O   . HOH C 3 .   ? 20.478  3.671   5.679   1.00 34.25 ? 243 HOH A O   1 
HETATM 1248 O  O   . HOH C 3 .   ? -11.970 -0.117  13.112  1.00 40.68 ? 244 HOH A O   1 
HETATM 1249 O  O   . HOH C 3 .   ? 9.002   -17.047 7.667   1.00 48.60 ? 245 HOH A O   1 
HETATM 1250 O  O   . HOH C 3 .   ? 20.018  7.323   -3.871  1.00 42.61 ? 246 HOH A O   1 
HETATM 1251 O  O   . HOH C 3 .   ? 1.237   -13.199 -4.360  1.00 31.75 ? 247 HOH A O   1 
HETATM 1252 O  O   . HOH C 3 .   ? 16.657  -5.350  -3.548  1.00 38.75 ? 248 HOH A O   1 
HETATM 1253 O  O   . HOH C 3 .   ? 7.921   10.248  4.578   1.00 21.36 ? 249 HOH A O   1 
HETATM 1254 O  O   . HOH C 3 .   ? -12.938 -10.222 -1.384  1.00 17.35 ? 250 HOH A O   1 
HETATM 1255 O  O   . HOH C 3 .   ? -11.117 -8.774  11.009  1.00 30.81 ? 251 HOH A O   1 
HETATM 1256 O  O   . HOH C 3 .   ? 8.281   4.832   -12.728 1.00 30.70 ? 252 HOH A O   1 
HETATM 1257 O  O   . HOH C 3 .   ? -4.391  12.914  -7.972  1.00 33.52 ? 253 HOH A O   1 
HETATM 1258 O  O   . HOH C 3 .   ? -4.555  12.200  -12.264 1.00 35.78 ? 254 HOH A O   1 
HETATM 1259 O  O   . HOH C 3 .   ? -1.115  5.065   -14.721 1.00 43.10 ? 255 HOH A O   1 
HETATM 1260 O  O   . HOH C 3 .   ? -4.830  4.594   14.075  1.00 36.92 ? 256 HOH A O   1 
HETATM 1261 O  O   . HOH C 3 .   ? 13.973  -8.197  7.369   1.00 24.54 ? 257 HOH A O   1 
HETATM 1262 O  O   . HOH C 3 .   ? 18.062  1.667   -7.185  1.00 40.62 ? 258 HOH A O   1 
HETATM 1263 O  O   . HOH C 3 .   ? -17.553 3.683   0.289   1.00 35.90 ? 259 HOH A O   1 
HETATM 1264 O  O   . HOH C 3 .   ? -12.596 12.974  -6.371  1.00 39.54 ? 260 HOH A O   1 
HETATM 1265 O  O   . HOH C 3 .   ? -19.486 4.467   -5.979  1.00 40.55 ? 261 HOH A O   1 
HETATM 1266 O  O   . HOH C 3 .   ? -8.977  -4.903  13.472  1.00 33.30 ? 262 HOH A O   1 
HETATM 1267 O  O   . HOH C 3 .   ? 7.054   16.021  -1.993  1.00 39.39 ? 263 HOH A O   1 
HETATM 1268 O  O   . HOH C 3 .   ? 4.771   -15.285 -2.330  1.00 37.15 ? 264 HOH A O   1 
HETATM 1269 O  O   . HOH C 3 .   ? 13.725  8.379   8.295   1.00 39.14 ? 265 HOH A O   1 
HETATM 1270 O  O   . HOH C 3 .   ? 7.976   -11.834 8.856   1.00 34.73 ? 266 HOH A O   1 
HETATM 1271 O  O   . HOH C 3 .   ? -20.395 -16.407 -2.714  1.00 48.31 ? 267 HOH A O   1 
HETATM 1272 O  O   . HOH C 3 .   ? 22.817  12.200  -3.726  1.00 44.43 ? 268 HOH A O   1 
HETATM 1273 O  O   . HOH C 3 .   ? 15.960  1.109   -1.797  1.00 37.63 ? 269 HOH A O   1 
HETATM 1274 O  O   . HOH C 3 .   ? -17.593 -9.090  -11.768 1.00 44.10 ? 270 HOH A O   1 
HETATM 1275 O  O   . HOH C 3 .   ? 16.298  -6.956  -5.727  1.00 38.08 ? 271 HOH A O   1 
HETATM 1276 O  O   . HOH C 3 .   ? 17.656  -11.370 -5.119  1.00 32.39 ? 272 HOH A O   1 
HETATM 1277 O  O   . HOH C 3 .   ? 2.768   -11.540 -13.642 1.00 39.72 ? 273 HOH A O   1 
HETATM 1278 O  O   . HOH C 3 .   ? 2.462   2.278   -15.004 1.00 32.72 ? 274 HOH A O   1 
HETATM 1279 O  O   . HOH C 3 .   ? -15.539 4.424   -5.366  1.00 42.48 ? 275 HOH A O   1 
# 
